data_2KO7
#
_entry.id   2KO7
#
loop_
_entity.id
_entity.type
_entity.pdbx_description
1 polymer 'Peptidyl-prolyl cis-trans isomerase'
2 non-polymer 'ethyl (4-{(2R)-2-[(1S,3S,5S)-3,5-dimethyl-2-oxocyclohexyl]-2-hydroxyethyl}-2,6-dioxopiperidin-1-yl)acetate'
#
_entity_poly.entity_id   1
_entity_poly.type   'polypeptide(L)'
_entity_poly.pdbx_seq_one_letter_code
;GPGSMTVVTTESGLKYEDLTEGSGAEARAGQTVSVHYTGWLTDGQKFDSSKDRNDPFAFVLGGGMVIKGWDEGVQGMKVG
GVRRLTIPPQLGYGARGAGGVIPPNATLVFEVELLDV
;
_entity_poly.pdbx_strand_id   A
#
# COMPACT_ATOMS: atom_id res chain seq x y z
N GLY A 1 -11.40 14.38 -0.30
CA GLY A 1 -12.55 14.89 0.42
C GLY A 1 -13.54 13.80 0.78
N PRO A 2 -14.55 14.15 1.60
CA PRO A 2 -15.58 13.21 2.04
C PRO A 2 -16.51 12.80 0.90
N GLY A 3 -16.83 11.51 0.85
CA GLY A 3 -17.72 11.02 -0.19
C GLY A 3 -17.30 9.66 -0.71
N SER A 4 -17.27 9.51 -2.03
CA SER A 4 -16.89 8.24 -2.65
C SER A 4 -15.55 8.38 -3.38
N MET A 5 -15.16 7.32 -4.08
CA MET A 5 -13.91 7.32 -4.84
C MET A 5 -13.92 6.24 -5.91
N THR A 6 -13.25 6.50 -7.02
CA THR A 6 -13.17 5.54 -8.12
C THR A 6 -12.03 4.55 -7.90
N VAL A 7 -12.25 3.61 -6.98
CA VAL A 7 -11.25 2.60 -6.67
C VAL A 7 -11.86 1.21 -6.68
N VAL A 8 -11.18 0.26 -7.33
CA VAL A 8 -11.65 -1.12 -7.41
C VAL A 8 -11.33 -1.88 -6.13
N THR A 9 -12.32 -2.58 -5.59
CA THR A 9 -12.15 -3.35 -4.37
C THR A 9 -12.13 -4.85 -4.67
N THR A 10 -11.47 -5.61 -3.79
CA THR A 10 -11.38 -7.06 -3.96
C THR A 10 -12.29 -7.78 -2.98
N GLU A 11 -12.31 -9.11 -3.08
CA GLU A 11 -13.15 -9.92 -2.20
C GLU A 11 -12.63 -9.88 -0.77
N SER A 12 -11.33 -9.63 -0.63
CA SER A 12 -10.70 -9.57 0.69
C SER A 12 -11.07 -8.27 1.41
N GLY A 13 -11.15 -7.18 0.65
CA GLY A 13 -11.49 -5.90 1.24
C GLY A 13 -10.60 -4.79 0.74
N LEU A 14 -9.33 -5.10 0.53
CA LEU A 14 -8.37 -4.11 0.05
C LEU A 14 -8.70 -3.66 -1.37
N LYS A 15 -8.38 -2.41 -1.67
CA LYS A 15 -8.65 -1.86 -3.00
C LYS A 15 -7.34 -1.51 -3.72
N TYR A 16 -7.45 -1.17 -5.00
CA TYR A 16 -6.28 -0.83 -5.79
C TYR A 16 -6.64 0.19 -6.87
N GLU A 17 -5.67 1.01 -7.25
CA GLU A 17 -5.87 2.03 -8.27
C GLU A 17 -4.57 2.38 -8.96
N ASP A 18 -4.52 2.14 -10.27
CA ASP A 18 -3.32 2.44 -11.06
C ASP A 18 -2.95 3.91 -10.96
N LEU A 19 -1.68 4.18 -10.73
CA LEU A 19 -1.20 5.56 -10.61
C LEU A 19 -0.11 5.85 -11.65
N THR A 20 0.69 4.84 -11.96
CA THR A 20 1.76 4.98 -12.93
C THR A 20 2.20 3.62 -13.48
N GLU A 21 2.30 3.52 -14.80
CA GLU A 21 2.71 2.27 -15.43
C GLU A 21 4.11 1.87 -14.97
N GLY A 22 4.46 0.61 -15.23
CA GLY A 22 5.77 0.12 -14.84
C GLY A 22 6.35 -0.85 -15.85
N SER A 23 5.67 -1.97 -16.05
CA SER A 23 6.13 -3.00 -16.99
C SER A 23 7.47 -3.56 -16.56
N GLY A 24 7.56 -4.00 -15.30
CA GLY A 24 8.80 -4.55 -14.79
C GLY A 24 8.66 -6.01 -14.40
N ALA A 25 8.51 -6.28 -13.12
CA ALA A 25 8.36 -7.64 -12.62
C ALA A 25 7.62 -7.66 -11.28
N GLU A 26 6.56 -8.44 -11.22
CA GLU A 26 5.76 -8.54 -10.01
C GLU A 26 6.55 -9.23 -8.89
N ALA A 27 6.56 -8.62 -7.72
CA ALA A 27 7.28 -9.18 -6.58
C ALA A 27 6.76 -10.56 -6.22
N ARG A 28 7.59 -11.34 -5.54
CA ARG A 28 7.21 -12.70 -5.13
C ARG A 28 7.56 -12.94 -3.66
N ALA A 29 6.66 -13.62 -2.96
CA ALA A 29 6.87 -13.92 -1.55
C ALA A 29 8.15 -14.73 -1.34
N GLY A 30 9.08 -14.18 -0.57
CA GLY A 30 10.33 -14.87 -0.31
C GLY A 30 11.53 -14.11 -0.86
N GLN A 31 11.28 -13.23 -1.83
CA GLN A 31 12.35 -12.44 -2.43
C GLN A 31 12.38 -11.03 -1.85
N THR A 32 13.58 -10.47 -1.75
CA THR A 32 13.75 -9.13 -1.21
C THR A 32 13.68 -8.08 -2.33
N VAL A 33 12.97 -7.00 -2.06
CA VAL A 33 12.82 -5.92 -3.04
C VAL A 33 12.65 -4.57 -2.35
N SER A 34 12.83 -3.50 -3.12
CA SER A 34 12.70 -2.14 -2.58
C SER A 34 11.45 -1.46 -3.13
N VAL A 35 10.62 -0.96 -2.23
CA VAL A 35 9.39 -0.27 -2.63
C VAL A 35 9.14 0.96 -1.77
N HIS A 36 8.30 1.86 -2.25
CA HIS A 36 7.98 3.08 -1.52
C HIS A 36 6.52 3.08 -1.07
N TYR A 37 6.30 3.40 0.21
CA TYR A 37 4.96 3.43 0.77
C TYR A 37 4.57 4.85 1.19
N THR A 38 3.41 5.28 0.76
CA THR A 38 2.92 6.62 1.10
C THR A 38 1.63 6.55 1.91
N GLY A 39 1.74 6.83 3.20
CA GLY A 39 0.59 6.78 4.07
C GLY A 39 -0.48 7.79 3.67
N TRP A 40 -1.58 7.30 3.12
CA TRP A 40 -2.67 8.16 2.69
C TRP A 40 -3.95 7.86 3.46
N LEU A 41 -4.80 8.87 3.60
CA LEU A 41 -6.05 8.71 4.33
C LEU A 41 -7.23 8.61 3.37
N THR A 42 -8.40 8.28 3.91
CA THR A 42 -9.60 8.14 3.10
C THR A 42 -9.90 9.43 2.33
N ASP A 43 -9.62 10.57 2.97
CA ASP A 43 -9.86 11.87 2.36
C ASP A 43 -8.82 12.15 1.28
N GLY A 44 -7.69 11.45 1.35
CA GLY A 44 -6.63 11.65 0.38
C GLY A 44 -5.39 12.29 0.99
N GLN A 45 -5.55 12.88 2.17
CA GLN A 45 -4.45 13.53 2.86
C GLN A 45 -3.38 12.51 3.26
N LYS A 46 -2.13 12.91 3.15
CA LYS A 46 -1.01 12.04 3.50
C LYS A 46 -0.52 12.32 4.92
N PHE A 47 -0.29 11.26 5.69
CA PHE A 47 0.17 11.40 7.06
C PHE A 47 1.42 10.55 7.29
N ASP A 48 2.12 10.22 6.21
CA ASP A 48 3.33 9.42 6.30
C ASP A 48 4.00 9.30 4.94
N SER A 49 5.28 9.64 4.88
CA SER A 49 6.04 9.58 3.63
C SER A 49 7.45 9.08 3.88
N SER A 50 7.91 8.16 3.05
CA SER A 50 9.25 7.59 3.18
C SER A 50 10.31 8.66 2.93
N LYS A 51 9.89 9.78 2.35
CA LYS A 51 10.81 10.88 2.06
C LYS A 51 11.51 11.35 3.34
N ASP A 52 10.88 11.11 4.47
CA ASP A 52 11.44 11.51 5.76
C ASP A 52 12.88 11.00 5.90
N ARG A 53 13.13 9.82 5.36
CA ARG A 53 14.46 9.21 5.43
C ARG A 53 15.17 9.33 4.09
N ASN A 54 14.41 9.52 3.03
CA ASN A 54 14.97 9.64 1.68
C ASN A 54 15.66 8.34 1.27
N ASP A 55 14.86 7.29 1.11
CA ASP A 55 15.40 5.99 0.70
C ASP A 55 14.27 4.97 0.51
N PRO A 56 14.44 4.08 -0.46
CA PRO A 56 13.46 3.04 -0.78
C PRO A 56 13.37 1.98 0.31
N PHE A 57 12.14 1.55 0.61
CA PHE A 57 11.93 0.53 1.64
C PHE A 57 12.28 -0.85 1.11
N ALA A 58 13.46 -1.34 1.49
CA ALA A 58 13.92 -2.66 1.06
C ALA A 58 13.69 -3.71 2.16
N PHE A 59 13.00 -4.79 1.79
CA PHE A 59 12.72 -5.86 2.74
C PHE A 59 12.33 -7.14 2.00
N VAL A 60 12.14 -8.22 2.76
CA VAL A 60 11.77 -9.51 2.19
C VAL A 60 10.26 -9.66 2.14
N LEU A 61 9.74 -10.05 0.98
CA LEU A 61 8.31 -10.24 0.80
C LEU A 61 7.84 -11.55 1.45
N GLY A 62 6.59 -11.57 1.88
CA GLY A 62 6.05 -12.76 2.51
C GLY A 62 6.93 -13.28 3.63
N GLY A 63 7.35 -12.37 4.50
CA GLY A 63 8.19 -12.76 5.62
C GLY A 63 8.93 -11.58 6.22
N GLY A 64 8.20 -10.51 6.51
CA GLY A 64 8.81 -9.33 7.09
C GLY A 64 8.12 -8.89 8.37
N MET A 65 7.61 -7.67 8.38
CA MET A 65 6.92 -7.13 9.55
C MET A 65 5.92 -6.06 9.15
N VAL A 66 4.95 -6.44 8.33
CA VAL A 66 3.93 -5.50 7.88
C VAL A 66 2.53 -6.09 8.04
N ILE A 67 1.52 -5.31 7.66
CA ILE A 67 0.14 -5.76 7.77
C ILE A 67 -0.31 -6.49 6.50
N LYS A 68 -1.41 -7.22 6.60
CA LYS A 68 -1.94 -7.97 5.47
C LYS A 68 -1.98 -7.09 4.22
N GLY A 69 -2.58 -5.91 4.35
CA GLY A 69 -2.67 -5.00 3.22
C GLY A 69 -1.33 -4.75 2.57
N TRP A 70 -0.29 -4.63 3.38
CA TRP A 70 1.05 -4.38 2.87
C TRP A 70 1.56 -5.58 2.08
N ASP A 71 1.52 -6.76 2.69
CA ASP A 71 1.98 -7.98 2.03
C ASP A 71 1.22 -8.21 0.74
N GLU A 72 -0.09 -7.99 0.78
CA GLU A 72 -0.94 -8.18 -0.40
C GLU A 72 -0.53 -7.23 -1.52
N GLY A 73 -0.17 -6.00 -1.14
CA GLY A 73 0.22 -5.02 -2.13
C GLY A 73 1.63 -5.26 -2.65
N VAL A 74 2.55 -5.60 -1.76
CA VAL A 74 3.93 -5.87 -2.15
C VAL A 74 4.04 -7.15 -2.96
N GLN A 75 3.09 -8.06 -2.76
CA GLN A 75 3.08 -9.32 -3.48
C GLN A 75 2.24 -9.22 -4.75
N GLY A 76 2.11 -8.01 -5.27
CA GLY A 76 1.33 -7.80 -6.48
C GLY A 76 1.93 -6.75 -7.38
N MET A 77 2.46 -5.68 -6.79
CA MET A 77 3.07 -4.59 -7.55
C MET A 77 4.28 -5.10 -8.34
N LYS A 78 4.61 -4.39 -9.41
CA LYS A 78 5.73 -4.77 -10.26
C LYS A 78 6.79 -3.68 -10.26
N VAL A 79 8.05 -4.08 -10.48
CA VAL A 79 9.16 -3.14 -10.50
C VAL A 79 8.87 -1.97 -11.44
N GLY A 80 8.97 -0.75 -10.90
CA GLY A 80 8.72 0.43 -11.71
C GLY A 80 7.25 0.77 -11.78
N GLY A 81 6.41 -0.02 -11.11
CA GLY A 81 4.98 0.22 -11.12
C GLY A 81 4.51 0.95 -9.88
N VAL A 82 3.62 1.92 -10.07
CA VAL A 82 3.09 2.70 -8.97
C VAL A 82 1.56 2.67 -8.96
N ARG A 83 1.00 2.30 -7.82
CA ARG A 83 -0.44 2.22 -7.67
C ARG A 83 -0.86 2.33 -6.21
N ARG A 84 -2.01 2.95 -5.95
CA ARG A 84 -2.51 3.11 -4.60
C ARG A 84 -3.37 1.92 -4.18
N LEU A 85 -3.12 1.41 -2.98
CA LEU A 85 -3.86 0.27 -2.47
C LEU A 85 -4.55 0.61 -1.14
N THR A 86 -5.87 0.48 -1.11
CA THR A 86 -6.63 0.78 0.09
C THR A 86 -6.54 -0.35 1.10
N ILE A 87 -5.90 -0.08 2.24
CA ILE A 87 -5.75 -1.07 3.29
C ILE A 87 -6.75 -0.85 4.41
N PRO A 88 -7.82 -1.66 4.42
CA PRO A 88 -8.87 -1.59 5.43
C PRO A 88 -8.39 -2.04 6.80
N PRO A 89 -9.22 -1.83 7.83
CA PRO A 89 -8.91 -2.22 9.21
C PRO A 89 -8.91 -3.73 9.40
N GLN A 90 -9.81 -4.42 8.69
CA GLN A 90 -9.91 -5.86 8.79
C GLN A 90 -8.67 -6.54 8.22
N LEU A 91 -7.84 -5.76 7.53
CA LEU A 91 -6.60 -6.27 6.94
C LEU A 91 -5.41 -5.44 7.37
N GLY A 92 -5.61 -4.57 8.36
CA GLY A 92 -4.53 -3.73 8.84
C GLY A 92 -4.64 -3.46 10.32
N TYR A 93 -5.09 -2.26 10.67
CA TYR A 93 -5.23 -1.87 12.08
C TYR A 93 -6.24 -2.77 12.78
N GLY A 94 -7.50 -2.66 12.38
CA GLY A 94 -8.54 -3.47 12.99
C GLY A 94 -9.53 -2.62 13.80
N ALA A 95 -10.37 -3.29 14.58
CA ALA A 95 -11.36 -2.61 15.40
C ALA A 95 -10.76 -2.16 16.72
N ARG A 96 -9.46 -2.38 16.89
CA ARG A 96 -8.77 -2.00 18.10
C ARG A 96 -8.65 -0.49 18.23
N GLY A 97 -8.62 0.18 17.08
CA GLY A 97 -8.51 1.63 17.07
C GLY A 97 -7.10 2.11 17.35
N ALA A 98 -6.81 3.36 16.98
CA ALA A 98 -5.49 3.93 17.19
C ALA A 98 -5.58 5.44 17.39
N GLY A 99 -6.74 5.91 17.85
CA GLY A 99 -6.92 7.33 18.07
C GLY A 99 -8.39 7.71 18.13
N GLY A 100 -8.66 8.95 18.55
CA GLY A 100 -10.04 9.42 18.64
C GLY A 100 -10.70 9.51 17.28
N VAL A 101 -10.02 10.14 16.33
CA VAL A 101 -10.55 10.30 14.99
C VAL A 101 -10.39 9.02 14.17
N ILE A 102 -9.77 8.01 14.78
CA ILE A 102 -9.56 6.73 14.12
C ILE A 102 -10.46 5.65 14.70
N PRO A 103 -11.65 5.50 14.11
CA PRO A 103 -12.63 4.50 14.55
C PRO A 103 -12.19 3.08 14.24
N PRO A 104 -12.88 2.10 14.83
CA PRO A 104 -12.58 0.67 14.63
C PRO A 104 -12.91 0.20 13.21
N ASN A 105 -13.63 1.03 12.47
CA ASN A 105 -14.01 0.69 11.10
C ASN A 105 -13.34 1.63 10.11
N ALA A 106 -12.37 2.40 10.59
CA ALA A 106 -11.65 3.34 9.74
C ALA A 106 -10.73 2.60 8.78
N THR A 107 -10.55 3.16 7.59
CA THR A 107 -9.70 2.55 6.57
C THR A 107 -8.55 3.48 6.18
N LEU A 108 -7.40 2.89 5.89
CA LEU A 108 -6.22 3.67 5.50
C LEU A 108 -5.65 3.17 4.19
N VAL A 109 -5.35 4.09 3.28
CA VAL A 109 -4.79 3.75 1.98
C VAL A 109 -3.32 4.11 1.91
N PHE A 110 -2.53 3.25 1.25
CA PHE A 110 -1.10 3.48 1.10
C PHE A 110 -0.67 3.35 -0.34
N GLU A 111 0.14 4.29 -0.82
CA GLU A 111 0.62 4.27 -2.19
C GLU A 111 1.90 3.45 -2.31
N VAL A 112 1.83 2.38 -3.10
CA VAL A 112 2.98 1.50 -3.30
C VAL A 112 3.69 1.81 -4.61
N GLU A 113 5.01 2.01 -4.54
CA GLU A 113 5.79 2.32 -5.72
C GLU A 113 7.05 1.44 -5.79
N LEU A 114 7.00 0.41 -6.63
CA LEU A 114 8.13 -0.50 -6.79
C LEU A 114 9.31 0.20 -7.46
N LEU A 115 10.48 0.08 -6.86
CA LEU A 115 11.69 0.69 -7.40
C LEU A 115 12.57 -0.34 -8.09
N ASP A 116 12.76 -1.49 -7.44
CA ASP A 116 13.57 -2.55 -8.00
C ASP A 116 13.47 -3.81 -7.14
N VAL A 117 14.01 -4.91 -7.64
CA VAL A 117 13.99 -6.18 -6.92
C VAL A 117 15.38 -6.57 -6.47
N GLY A 1 -7.74 13.32 -25.18
CA GLY A 1 -7.06 12.51 -24.18
C GLY A 1 -7.78 12.53 -22.85
N PRO A 2 -8.93 11.84 -22.78
CA PRO A 2 -9.73 11.75 -21.55
C PRO A 2 -9.05 10.93 -20.47
N GLY A 3 -9.71 10.83 -19.31
CA GLY A 3 -9.16 10.06 -18.21
C GLY A 3 -10.22 9.65 -17.20
N SER A 4 -9.86 8.72 -16.33
CA SER A 4 -10.79 8.23 -15.31
C SER A 4 -10.04 7.78 -14.07
N MET A 5 -10.63 8.03 -12.90
CA MET A 5 -10.01 7.64 -11.64
C MET A 5 -11.00 6.89 -10.76
N THR A 6 -11.08 5.59 -10.94
CA THR A 6 -11.99 4.75 -10.16
C THR A 6 -11.23 3.77 -9.28
N VAL A 7 -11.68 3.63 -8.04
CA VAL A 7 -11.04 2.73 -7.09
C VAL A 7 -11.70 1.36 -7.11
N VAL A 8 -10.90 0.31 -7.31
CA VAL A 8 -11.41 -1.05 -7.35
C VAL A 8 -11.06 -1.80 -6.08
N THR A 9 -11.99 -2.65 -5.62
CA THR A 9 -11.78 -3.43 -4.41
C THR A 9 -11.60 -4.91 -4.73
N THR A 10 -10.87 -5.60 -3.86
CA THR A 10 -10.62 -7.03 -4.06
C THR A 10 -11.63 -7.88 -3.30
N GLU A 11 -11.43 -9.18 -3.32
CA GLU A 11 -12.35 -10.10 -2.63
C GLU A 11 -12.10 -10.07 -1.12
N SER A 12 -10.88 -9.72 -0.73
CA SER A 12 -10.53 -9.65 0.68
C SER A 12 -11.05 -8.37 1.31
N GLY A 13 -10.96 -7.26 0.57
CA GLY A 13 -11.43 -5.99 1.07
C GLY A 13 -10.55 -4.84 0.65
N LEU A 14 -9.24 -5.07 0.61
CA LEU A 14 -8.29 -4.05 0.22
C LEU A 14 -8.54 -3.59 -1.22
N LYS A 15 -8.33 -2.29 -1.47
CA LYS A 15 -8.53 -1.73 -2.80
C LYS A 15 -7.20 -1.36 -3.44
N TYR A 16 -7.23 -1.07 -4.73
CA TYR A 16 -6.03 -0.69 -5.46
C TYR A 16 -6.35 0.30 -6.58
N GLU A 17 -5.45 1.25 -6.81
CA GLU A 17 -5.64 2.25 -7.84
C GLU A 17 -4.31 2.60 -8.52
N ASP A 18 -4.24 2.35 -9.82
CA ASP A 18 -3.03 2.62 -10.58
C ASP A 18 -2.69 4.12 -10.54
N LEU A 19 -1.41 4.42 -10.32
CA LEU A 19 -0.96 5.80 -10.24
C LEU A 19 0.09 6.09 -11.32
N THR A 20 0.96 5.11 -11.55
CA THR A 20 2.02 5.26 -12.56
C THR A 20 2.57 3.89 -12.97
N GLU A 21 2.49 3.60 -14.26
CA GLU A 21 2.97 2.34 -14.79
C GLU A 21 4.47 2.17 -14.51
N GLY A 22 4.97 0.96 -14.75
CA GLY A 22 6.38 0.69 -14.51
C GLY A 22 6.97 -0.25 -15.54
N SER A 23 6.20 -1.26 -15.94
CA SER A 23 6.66 -2.22 -16.92
C SER A 23 7.89 -2.97 -16.42
N GLY A 24 7.73 -3.71 -15.33
CA GLY A 24 8.83 -4.47 -14.76
C GLY A 24 8.41 -5.85 -14.31
N ALA A 25 9.08 -6.35 -13.27
CA ALA A 25 8.77 -7.67 -12.74
C ALA A 25 7.96 -7.58 -11.46
N GLU A 26 7.00 -8.48 -11.29
CA GLU A 26 6.15 -8.49 -10.09
C GLU A 26 6.88 -9.15 -8.93
N ALA A 27 6.69 -8.60 -7.73
CA ALA A 27 7.31 -9.13 -6.53
C ALA A 27 6.89 -10.58 -6.28
N ARG A 28 7.78 -11.34 -5.66
CA ARG A 28 7.49 -12.74 -5.36
C ARG A 28 7.88 -13.09 -3.92
N ALA A 29 7.03 -13.87 -3.26
CA ALA A 29 7.28 -14.26 -1.88
C ALA A 29 8.59 -15.05 -1.77
N GLY A 30 9.52 -14.51 -0.99
CA GLY A 30 10.80 -15.17 -0.80
C GLY A 30 11.96 -14.34 -1.32
N GLN A 31 11.65 -13.38 -2.18
CA GLN A 31 12.68 -12.51 -2.76
C GLN A 31 12.66 -11.14 -2.11
N THR A 32 13.82 -10.50 -2.06
CA THR A 32 13.94 -9.17 -1.46
C THR A 32 13.81 -8.07 -2.52
N VAL A 33 13.14 -6.98 -2.16
CA VAL A 33 12.95 -5.86 -3.08
C VAL A 33 12.85 -4.54 -2.31
N SER A 34 13.04 -3.44 -3.04
CA SER A 34 12.97 -2.12 -2.44
C SER A 34 11.76 -1.34 -2.96
N VAL A 35 10.87 -0.98 -2.05
CA VAL A 35 9.67 -0.23 -2.41
C VAL A 35 9.43 0.93 -1.45
N HIS A 36 8.61 1.89 -1.88
CA HIS A 36 8.30 3.06 -1.07
C HIS A 36 6.84 3.06 -0.66
N TYR A 37 6.58 3.29 0.62
CA TYR A 37 5.22 3.33 1.13
C TYR A 37 4.83 4.73 1.59
N THR A 38 3.68 5.20 1.11
CA THR A 38 3.21 6.54 1.46
C THR A 38 1.87 6.45 2.19
N GLY A 39 1.89 6.75 3.49
CA GLY A 39 0.66 6.71 4.28
C GLY A 39 -0.34 7.76 3.84
N TRP A 40 -1.38 7.31 3.16
CA TRP A 40 -2.43 8.22 2.68
C TRP A 40 -3.76 7.91 3.36
N LEU A 41 -4.59 8.95 3.51
CA LEU A 41 -5.89 8.80 4.14
C LEU A 41 -6.98 8.56 3.09
N THR A 42 -8.08 7.95 3.52
CA THR A 42 -9.19 7.67 2.61
C THR A 42 -9.75 8.96 2.01
N ASP A 43 -9.45 10.08 2.66
CA ASP A 43 -9.92 11.37 2.19
C ASP A 43 -9.06 11.89 1.03
N GLY A 44 -7.85 11.35 0.92
CA GLY A 44 -6.96 11.76 -0.14
C GLY A 44 -5.80 12.60 0.36
N GLN A 45 -5.72 12.75 1.69
CA GLN A 45 -4.65 13.53 2.30
C GLN A 45 -3.55 12.63 2.84
N LYS A 46 -2.30 13.03 2.62
CA LYS A 46 -1.16 12.26 3.08
C LYS A 46 -0.78 12.64 4.51
N PHE A 47 -0.23 11.68 5.25
CA PHE A 47 0.17 11.92 6.63
C PHE A 47 1.49 11.22 6.94
N ASP A 48 2.16 10.75 5.90
CA ASP A 48 3.42 10.05 6.06
C ASP A 48 4.01 9.65 4.71
N SER A 49 5.26 10.06 4.46
CA SER A 49 5.92 9.75 3.20
C SER A 49 7.44 9.75 3.38
N SER A 50 8.02 8.56 3.38
CA SER A 50 9.46 8.42 3.55
C SER A 50 10.21 8.95 2.32
N LYS A 51 9.53 8.93 1.17
CA LYS A 51 10.12 9.42 -0.06
C LYS A 51 10.58 10.86 0.07
N ASP A 52 9.96 11.59 0.98
CA ASP A 52 10.31 12.99 1.22
C ASP A 52 11.77 13.11 1.64
N ARG A 53 12.34 12.02 2.14
CA ARG A 53 13.73 12.01 2.57
C ARG A 53 14.51 10.91 1.87
N ASN A 54 13.96 10.41 0.76
CA ASN A 54 14.61 9.35 0.00
C ASN A 54 14.93 8.15 0.89
N ASP A 55 13.94 7.73 1.67
CA ASP A 55 14.10 6.59 2.57
C ASP A 55 13.25 5.41 2.12
N PRO A 56 13.75 4.68 1.11
CA PRO A 56 13.05 3.51 0.56
C PRO A 56 13.04 2.34 1.53
N PHE A 57 11.91 1.62 1.56
CA PHE A 57 11.76 0.48 2.45
C PHE A 57 12.00 -0.83 1.69
N ALA A 58 13.07 -1.53 2.06
CA ALA A 58 13.41 -2.79 1.41
C ALA A 58 13.22 -3.96 2.37
N PHE A 59 12.76 -5.09 1.85
CA PHE A 59 12.54 -6.28 2.65
C PHE A 59 12.22 -7.48 1.77
N VAL A 60 11.94 -8.61 2.40
CA VAL A 60 11.62 -9.85 1.69
C VAL A 60 10.12 -10.10 1.69
N LEU A 61 9.56 -10.36 0.51
CA LEU A 61 8.13 -10.62 0.37
C LEU A 61 7.76 -11.96 1.01
N GLY A 62 6.57 -12.03 1.57
CA GLY A 62 6.11 -13.25 2.19
C GLY A 62 6.82 -13.52 3.51
N GLY A 63 7.29 -12.46 4.15
CA GLY A 63 7.99 -12.61 5.41
C GLY A 63 7.04 -12.87 6.58
N GLY A 64 6.31 -11.85 6.97
CA GLY A 64 5.38 -11.99 8.08
C GLY A 64 5.56 -10.92 9.14
N MET A 65 5.92 -9.71 8.70
CA MET A 65 6.13 -8.60 9.62
C MET A 65 5.12 -7.49 9.36
N VAL A 66 4.62 -7.42 8.14
CA VAL A 66 3.64 -6.40 7.76
C VAL A 66 2.21 -6.92 7.94
N ILE A 67 1.24 -6.06 7.62
CA ILE A 67 -0.16 -6.43 7.75
C ILE A 67 -0.66 -7.11 6.48
N LYS A 68 -1.79 -7.80 6.59
CA LYS A 68 -2.39 -8.48 5.46
C LYS A 68 -2.42 -7.59 4.22
N GLY A 69 -2.97 -6.39 4.39
CA GLY A 69 -3.05 -5.45 3.28
C GLY A 69 -1.70 -5.22 2.62
N TRP A 70 -0.65 -5.17 3.43
CA TRP A 70 0.69 -4.94 2.92
C TRP A 70 1.16 -6.12 2.07
N ASP A 71 1.12 -7.31 2.65
CA ASP A 71 1.53 -8.52 1.95
C ASP A 71 0.79 -8.65 0.61
N GLU A 72 -0.49 -8.34 0.63
CA GLU A 72 -1.31 -8.43 -0.57
C GLU A 72 -0.84 -7.43 -1.63
N GLY A 73 -0.51 -6.23 -1.18
CA GLY A 73 -0.04 -5.20 -2.10
C GLY A 73 1.38 -5.44 -2.56
N VAL A 74 2.20 -6.04 -1.70
CA VAL A 74 3.59 -6.32 -2.02
C VAL A 74 3.69 -7.52 -2.97
N GLN A 75 2.72 -8.43 -2.88
CA GLN A 75 2.71 -9.61 -3.72
C GLN A 75 2.06 -9.32 -5.07
N GLY A 76 1.81 -8.03 -5.33
CA GLY A 76 1.19 -7.64 -6.59
C GLY A 76 1.98 -6.58 -7.31
N MET A 77 2.48 -5.59 -6.57
CA MET A 77 3.26 -4.51 -7.15
C MET A 77 4.38 -5.06 -8.03
N LYS A 78 4.85 -4.23 -8.95
CA LYS A 78 5.92 -4.62 -9.85
C LYS A 78 7.03 -3.57 -9.90
N VAL A 79 8.19 -3.94 -10.43
CA VAL A 79 9.32 -3.03 -10.53
C VAL A 79 8.93 -1.77 -11.30
N GLY A 80 9.05 -0.61 -10.65
CA GLY A 80 8.70 0.64 -11.30
C GLY A 80 7.22 0.93 -11.24
N GLY A 81 6.46 0.02 -10.64
CA GLY A 81 5.02 0.21 -10.54
C GLY A 81 4.62 1.06 -9.34
N VAL A 82 3.69 1.97 -9.55
CA VAL A 82 3.22 2.84 -8.49
C VAL A 82 1.70 2.93 -8.47
N ARG A 83 1.10 2.50 -7.38
CA ARG A 83 -0.35 2.53 -7.24
C ARG A 83 -0.76 2.63 -5.77
N ARG A 84 -1.89 3.28 -5.52
CA ARG A 84 -2.39 3.46 -4.16
C ARG A 84 -3.32 2.31 -3.77
N LEU A 85 -2.96 1.61 -2.70
CA LEU A 85 -3.76 0.49 -2.23
C LEU A 85 -4.43 0.83 -0.89
N THR A 86 -5.75 0.65 -0.84
CA THR A 86 -6.50 0.93 0.39
C THR A 86 -6.48 -0.26 1.33
N ILE A 87 -5.82 -0.11 2.47
CA ILE A 87 -5.74 -1.17 3.45
C ILE A 87 -6.73 -0.94 4.59
N PRO A 88 -7.84 -1.68 4.58
CA PRO A 88 -8.89 -1.58 5.60
C PRO A 88 -8.43 -2.13 6.95
N PRO A 89 -9.23 -1.90 7.99
CA PRO A 89 -8.94 -2.38 9.35
C PRO A 89 -9.04 -3.89 9.47
N GLN A 90 -9.98 -4.47 8.75
CA GLN A 90 -10.19 -5.92 8.78
C GLN A 90 -8.99 -6.65 8.19
N LEU A 91 -8.10 -5.90 7.54
CA LEU A 91 -6.91 -6.48 6.93
C LEU A 91 -5.65 -5.77 7.42
N GLY A 92 -5.81 -4.90 8.40
CA GLY A 92 -4.69 -4.17 8.95
C GLY A 92 -4.85 -3.85 10.41
N TYR A 93 -5.13 -2.59 10.73
CA TYR A 93 -5.31 -2.16 12.10
C TYR A 93 -6.42 -2.96 12.78
N GLY A 94 -7.65 -2.75 12.34
CA GLY A 94 -8.78 -3.46 12.92
C GLY A 94 -9.67 -2.55 13.75
N ALA A 95 -10.52 -3.16 14.56
CA ALA A 95 -11.43 -2.40 15.43
C ALA A 95 -10.75 -2.00 16.72
N ARG A 96 -9.46 -2.31 16.83
CA ARG A 96 -8.69 -1.98 18.03
C ARG A 96 -8.48 -0.47 18.13
N GLY A 97 -8.52 0.21 17.00
CA GLY A 97 -8.33 1.65 16.99
C GLY A 97 -6.90 2.04 17.27
N ALA A 98 -6.54 3.27 16.89
CA ALA A 98 -5.18 3.77 17.11
C ALA A 98 -5.21 5.09 17.88
N GLY A 99 -6.21 5.93 17.59
CA GLY A 99 -6.32 7.21 18.26
C GLY A 99 -7.75 7.65 18.42
N GLY A 100 -7.97 8.97 18.41
CA GLY A 100 -9.30 9.50 18.56
C GLY A 100 -10.03 9.64 17.23
N VAL A 101 -9.35 10.22 16.25
CA VAL A 101 -9.93 10.41 14.92
C VAL A 101 -9.87 9.12 14.11
N ILE A 102 -9.29 8.08 14.70
CA ILE A 102 -9.16 6.79 14.03
C ILE A 102 -10.10 5.76 14.66
N PRO A 103 -11.33 5.69 14.13
CA PRO A 103 -12.35 4.74 14.62
C PRO A 103 -12.01 3.30 14.28
N PRO A 104 -12.73 2.35 14.90
CA PRO A 104 -12.52 0.92 14.68
C PRO A 104 -12.96 0.48 13.29
N ASN A 105 -13.63 1.38 12.58
CA ASN A 105 -14.11 1.07 11.23
C ASN A 105 -13.41 1.96 10.20
N ALA A 106 -12.35 2.63 10.62
CA ALA A 106 -11.59 3.50 9.74
C ALA A 106 -10.63 2.70 8.85
N THR A 107 -10.38 3.21 7.66
CA THR A 107 -9.48 2.54 6.72
C THR A 107 -8.22 3.36 6.48
N LEU A 108 -7.10 2.66 6.30
CA LEU A 108 -5.83 3.33 6.06
C LEU A 108 -5.31 3.04 4.66
N VAL A 109 -4.99 4.09 3.91
CA VAL A 109 -4.48 3.94 2.56
C VAL A 109 -2.96 4.09 2.51
N PHE A 110 -2.33 3.39 1.58
CA PHE A 110 -0.89 3.44 1.43
C PHE A 110 -0.48 3.30 -0.03
N GLU A 111 0.41 4.18 -0.48
CA GLU A 111 0.88 4.16 -1.86
C GLU A 111 2.14 3.29 -1.99
N VAL A 112 2.05 2.26 -2.82
CA VAL A 112 3.17 1.35 -3.04
C VAL A 112 3.90 1.68 -4.34
N GLU A 113 5.20 1.94 -4.23
CA GLU A 113 6.00 2.27 -5.39
C GLU A 113 7.33 1.50 -5.38
N LEU A 114 7.44 0.51 -6.27
CA LEU A 114 8.64 -0.30 -6.37
C LEU A 114 9.74 0.44 -7.12
N LEU A 115 10.89 0.60 -6.48
CA LEU A 115 12.02 1.28 -7.09
C LEU A 115 12.90 0.30 -7.85
N ASP A 116 13.22 -0.82 -7.21
CA ASP A 116 14.05 -1.84 -7.83
C ASP A 116 14.12 -3.10 -6.95
N VAL A 117 14.13 -4.26 -7.59
CA VAL A 117 14.19 -5.53 -6.88
C VAL A 117 15.61 -5.82 -6.40
N GLY A 1 -5.67 17.75 -15.06
CA GLY A 1 -5.76 16.65 -14.12
C GLY A 1 -5.58 17.10 -12.69
N PRO A 2 -6.55 17.88 -12.17
CA PRO A 2 -6.49 18.39 -10.80
C PRO A 2 -6.70 17.30 -9.77
N GLY A 3 -7.36 16.22 -10.18
CA GLY A 3 -7.61 15.11 -9.27
C GLY A 3 -8.86 14.34 -9.63
N SER A 4 -8.73 13.01 -9.70
CA SER A 4 -9.85 12.15 -10.05
C SER A 4 -10.07 11.08 -8.99
N MET A 5 -11.32 10.89 -8.60
CA MET A 5 -11.66 9.88 -7.58
C MET A 5 -12.09 8.58 -8.24
N THR A 6 -11.43 8.22 -9.34
CA THR A 6 -11.75 6.99 -10.05
C THR A 6 -10.97 5.82 -9.50
N VAL A 7 -11.37 5.34 -8.32
CA VAL A 7 -10.71 4.22 -7.67
C VAL A 7 -11.55 2.95 -7.79
N VAL A 8 -10.91 1.85 -8.17
CA VAL A 8 -11.58 0.58 -8.32
C VAL A 8 -11.59 -0.21 -7.01
N THR A 9 -12.70 -0.89 -6.73
CA THR A 9 -12.82 -1.68 -5.52
C THR A 9 -12.92 -3.17 -5.82
N THR A 10 -12.57 -4.00 -4.85
CA THR A 10 -12.60 -5.44 -5.02
C THR A 10 -13.65 -6.07 -4.10
N GLU A 11 -13.99 -7.33 -4.38
CA GLU A 11 -14.98 -8.05 -3.58
C GLU A 11 -14.55 -8.10 -2.11
N SER A 12 -13.24 -8.14 -1.89
CA SER A 12 -12.71 -8.20 -0.53
C SER A 12 -12.93 -6.89 0.21
N GLY A 13 -13.09 -5.81 -0.56
CA GLY A 13 -13.30 -4.51 0.04
C GLY A 13 -12.18 -3.53 -0.25
N LEU A 14 -10.97 -4.05 -0.38
CA LEU A 14 -9.80 -3.21 -0.66
C LEU A 14 -9.90 -2.61 -2.06
N LYS A 15 -9.36 -1.40 -2.21
CA LYS A 15 -9.38 -0.71 -3.49
C LYS A 15 -7.97 -0.48 -4.00
N TYR A 16 -7.85 -0.24 -5.31
CA TYR A 16 -6.55 -0.01 -5.94
C TYR A 16 -6.68 0.93 -7.12
N GLU A 17 -5.75 1.87 -7.22
CA GLU A 17 -5.75 2.84 -8.31
C GLU A 17 -4.35 3.02 -8.89
N ASP A 18 -4.19 2.69 -10.17
CA ASP A 18 -2.92 2.81 -10.84
C ASP A 18 -2.40 4.25 -10.79
N LEU A 19 -1.08 4.38 -10.68
CA LEU A 19 -0.46 5.70 -10.61
C LEU A 19 0.68 5.82 -11.63
N THR A 20 1.43 4.74 -11.78
CA THR A 20 2.56 4.73 -12.72
C THR A 20 2.80 3.32 -13.25
N GLU A 21 2.65 3.16 -14.56
CA GLU A 21 2.86 1.86 -15.20
C GLU A 21 4.21 1.27 -14.81
N GLY A 22 4.31 -0.05 -14.82
CA GLY A 22 5.56 -0.71 -14.47
C GLY A 22 5.70 -2.06 -15.13
N SER A 23 5.95 -2.05 -16.44
CA SER A 23 6.10 -3.28 -17.20
C SER A 23 7.44 -3.95 -16.88
N GLY A 24 7.49 -4.63 -15.74
CA GLY A 24 8.71 -5.30 -15.33
C GLY A 24 8.47 -6.73 -14.89
N ALA A 25 8.53 -6.96 -13.58
CA ALA A 25 8.31 -8.29 -13.03
C ALA A 25 7.63 -8.22 -11.67
N GLU A 26 6.64 -9.08 -11.46
CA GLU A 26 5.92 -9.11 -10.19
C GLU A 26 6.79 -9.65 -9.06
N ALA A 27 6.71 -9.01 -7.90
CA ALA A 27 7.49 -9.43 -6.75
C ALA A 27 7.17 -10.87 -6.35
N ARG A 28 8.11 -11.50 -5.66
CA ARG A 28 7.93 -12.89 -5.22
C ARG A 28 8.19 -13.03 -3.73
N ALA A 29 7.36 -13.82 -3.07
CA ALA A 29 7.49 -14.05 -1.63
C ALA A 29 8.83 -14.71 -1.30
N GLY A 30 9.68 -13.98 -0.57
CA GLY A 30 10.97 -14.51 -0.21
C GLY A 30 12.12 -13.74 -0.82
N GLN A 31 11.80 -12.91 -1.81
CA GLN A 31 12.82 -12.11 -2.49
C GLN A 31 12.85 -10.70 -1.93
N THR A 32 14.05 -10.14 -1.81
CA THR A 32 14.23 -8.79 -1.28
C THR A 32 14.06 -7.74 -2.39
N VAL A 33 13.30 -6.70 -2.09
CA VAL A 33 13.06 -5.63 -3.05
C VAL A 33 12.93 -4.29 -2.36
N SER A 34 13.17 -3.21 -3.11
CA SER A 34 13.07 -1.86 -2.56
C SER A 34 11.85 -1.13 -3.12
N VAL A 35 10.94 -0.76 -2.23
CA VAL A 35 9.72 -0.06 -2.63
C VAL A 35 9.44 1.12 -1.70
N HIS A 36 8.53 2.00 -2.13
CA HIS A 36 8.17 3.16 -1.32
C HIS A 36 6.73 3.05 -0.82
N TYR A 37 6.55 3.32 0.47
CA TYR A 37 5.23 3.24 1.09
C TYR A 37 4.77 4.61 1.58
N THR A 38 3.56 4.98 1.21
CA THR A 38 2.99 6.27 1.60
C THR A 38 1.62 6.10 2.24
N GLY A 39 1.56 6.29 3.55
CA GLY A 39 0.30 6.16 4.26
C GLY A 39 -0.63 7.34 4.04
N TRP A 40 -1.72 7.11 3.32
CA TRP A 40 -2.68 8.17 3.04
C TRP A 40 -4.05 7.83 3.61
N LEU A 41 -4.89 8.84 3.78
CA LEU A 41 -6.22 8.65 4.32
C LEU A 41 -7.26 8.60 3.20
N THR A 42 -8.48 8.21 3.56
CA THR A 42 -9.57 8.12 2.59
C THR A 42 -10.13 9.50 2.25
N ASP A 43 -9.61 10.52 2.92
CA ASP A 43 -10.05 11.89 2.70
C ASP A 43 -9.14 12.60 1.70
N GLY A 44 -7.93 12.08 1.54
CA GLY A 44 -6.98 12.68 0.63
C GLY A 44 -5.78 13.29 1.35
N GLN A 45 -5.73 13.10 2.65
CA GLN A 45 -4.64 13.64 3.46
C GLN A 45 -3.62 12.56 3.79
N LYS A 46 -2.35 12.93 3.82
CA LYS A 46 -1.28 11.99 4.13
C LYS A 46 -0.87 12.08 5.60
N PHE A 47 -0.47 10.96 6.17
CA PHE A 47 -0.06 10.92 7.57
C PHE A 47 1.21 10.08 7.73
N ASP A 48 1.86 9.78 6.62
CA ASP A 48 3.09 8.99 6.64
C ASP A 48 3.68 8.86 5.24
N SER A 49 4.96 9.21 5.10
CA SER A 49 5.65 9.14 3.82
C SER A 49 7.09 8.69 3.99
N SER A 50 7.56 7.86 3.07
CA SER A 50 8.92 7.35 3.12
C SER A 50 9.93 8.47 2.84
N LYS A 51 9.44 9.56 2.26
CA LYS A 51 10.30 10.70 1.95
C LYS A 51 10.98 11.24 3.20
N ASP A 52 10.39 10.94 4.36
CA ASP A 52 10.95 11.40 5.63
C ASP A 52 12.42 11.01 5.75
N ARG A 53 12.74 9.80 5.31
CA ARG A 53 14.12 9.31 5.36
C ARG A 53 14.86 9.61 4.06
N ASN A 54 14.11 10.05 3.06
CA ASN A 54 14.71 10.38 1.76
C ASN A 54 15.30 9.14 1.10
N ASP A 55 14.78 7.97 1.47
CA ASP A 55 15.27 6.72 0.92
C ASP A 55 14.13 5.69 0.83
N PRO A 56 14.27 4.73 -0.10
CA PRO A 56 13.27 3.67 -0.30
C PRO A 56 13.23 2.69 0.86
N PHE A 57 12.38 1.67 0.74
CA PHE A 57 12.25 0.65 1.78
C PHE A 57 12.60 -0.73 1.23
N ALA A 58 13.81 -1.18 1.53
CA ALA A 58 14.26 -2.50 1.08
C ALA A 58 14.01 -3.57 2.13
N PHE A 59 13.18 -4.55 1.77
CA PHE A 59 12.85 -5.64 2.69
C PHE A 59 12.47 -6.89 1.92
N VAL A 60 12.38 -8.01 2.64
CA VAL A 60 12.03 -9.29 2.03
C VAL A 60 10.51 -9.45 1.95
N LEU A 61 10.01 -9.68 0.74
CA LEU A 61 8.57 -9.86 0.53
C LEU A 61 8.08 -11.13 1.23
N GLY A 62 6.89 -11.03 1.81
CA GLY A 62 6.32 -12.17 2.52
C GLY A 62 7.28 -12.78 3.53
N GLY A 63 7.83 -11.93 4.38
CA GLY A 63 8.76 -12.40 5.39
C GLY A 63 9.28 -11.27 6.27
N GLY A 64 8.37 -10.51 6.86
CA GLY A 64 8.76 -9.41 7.72
C GLY A 64 7.72 -9.12 8.79
N MET A 65 7.16 -7.91 8.75
CA MET A 65 6.16 -7.51 9.72
C MET A 65 5.26 -6.41 9.15
N VAL A 66 4.56 -6.72 8.07
CA VAL A 66 3.67 -5.76 7.43
C VAL A 66 2.22 -6.25 7.46
N ILE A 67 1.29 -5.30 7.54
CA ILE A 67 -0.12 -5.63 7.58
C ILE A 67 -0.52 -6.50 6.38
N LYS A 68 -1.59 -7.27 6.54
CA LYS A 68 -2.08 -8.14 5.48
C LYS A 68 -2.16 -7.39 4.15
N GLY A 69 -2.78 -6.21 4.17
CA GLY A 69 -2.91 -5.41 2.97
C GLY A 69 -1.57 -5.14 2.31
N TRP A 70 -0.54 -4.91 3.13
CA TRP A 70 0.79 -4.63 2.62
C TRP A 70 1.36 -5.86 1.91
N ASP A 71 1.34 -7.00 2.59
CA ASP A 71 1.87 -8.24 2.03
C ASP A 71 1.20 -8.55 0.70
N GLU A 72 -0.13 -8.45 0.66
CA GLU A 72 -0.88 -8.72 -0.55
C GLU A 72 -0.47 -7.78 -1.68
N GLY A 73 -0.25 -6.51 -1.32
CA GLY A 73 0.15 -5.53 -2.31
C GLY A 73 1.56 -5.73 -2.80
N VAL A 74 2.52 -5.78 -1.88
CA VAL A 74 3.92 -5.98 -2.22
C VAL A 74 4.11 -7.24 -3.05
N GLN A 75 3.27 -8.25 -2.78
CA GLN A 75 3.34 -9.51 -3.50
C GLN A 75 2.47 -9.49 -4.75
N GLY A 76 2.14 -8.28 -5.22
CA GLY A 76 1.31 -8.14 -6.40
C GLY A 76 1.87 -7.15 -7.40
N MET A 77 2.50 -6.09 -6.88
CA MET A 77 3.08 -5.07 -7.75
C MET A 77 4.29 -5.61 -8.50
N LYS A 78 4.70 -4.90 -9.55
CA LYS A 78 5.84 -5.31 -10.35
C LYS A 78 6.92 -4.24 -10.35
N VAL A 79 8.08 -4.56 -10.92
CA VAL A 79 9.19 -3.63 -10.98
C VAL A 79 8.77 -2.33 -11.66
N GLY A 80 8.88 -1.23 -10.92
CA GLY A 80 8.51 0.07 -11.46
C GLY A 80 7.02 0.34 -11.35
N GLY A 81 6.29 -0.61 -10.77
CA GLY A 81 4.86 -0.44 -10.62
C GLY A 81 4.51 0.45 -9.45
N VAL A 82 3.67 1.46 -9.71
CA VAL A 82 3.25 2.39 -8.68
C VAL A 82 1.74 2.61 -8.70
N ARG A 83 1.09 2.40 -7.56
CA ARG A 83 -0.34 2.56 -7.45
C ARG A 83 -0.78 2.65 -5.98
N ARG A 84 -1.85 3.38 -5.74
CA ARG A 84 -2.37 3.54 -4.39
C ARG A 84 -3.55 2.60 -4.13
N LEU A 85 -3.46 1.84 -3.05
CA LEU A 85 -4.53 0.89 -2.71
C LEU A 85 -5.05 1.16 -1.30
N THR A 86 -6.37 1.11 -1.15
CA THR A 86 -7.00 1.36 0.14
C THR A 86 -7.29 0.05 0.87
N ILE A 87 -6.58 -0.18 1.97
CA ILE A 87 -6.75 -1.39 2.76
C ILE A 87 -7.61 -1.13 3.99
N PRO A 88 -8.59 -2.00 4.23
CA PRO A 88 -9.50 -1.89 5.37
C PRO A 88 -8.80 -2.17 6.70
N PRO A 89 -9.51 -1.90 7.81
CA PRO A 89 -8.97 -2.12 9.16
C PRO A 89 -8.81 -3.60 9.49
N GLN A 90 -9.72 -4.42 8.97
CA GLN A 90 -9.68 -5.86 9.21
C GLN A 90 -8.46 -6.48 8.57
N LEU A 91 -7.78 -5.72 7.71
CA LEU A 91 -6.58 -6.20 7.03
C LEU A 91 -5.41 -5.25 7.25
N GLY A 92 -5.61 -4.27 8.12
CA GLY A 92 -4.56 -3.32 8.41
C GLY A 92 -4.38 -3.07 9.90
N TYR A 93 -4.96 -1.98 10.40
CA TYR A 93 -4.87 -1.64 11.81
C TYR A 93 -5.73 -2.57 12.66
N GLY A 94 -7.04 -2.57 12.37
CA GLY A 94 -7.96 -3.41 13.11
C GLY A 94 -8.95 -2.61 13.93
N ALA A 95 -9.73 -3.31 14.75
CA ALA A 95 -10.73 -2.65 15.59
C ALA A 95 -10.11 -2.16 16.88
N ARG A 96 -8.79 -2.30 17.00
CA ARG A 96 -8.08 -1.86 18.19
C ARG A 96 -7.98 -0.34 18.24
N GLY A 97 -8.04 0.28 17.07
CA GLY A 97 -7.96 1.74 17.00
C GLY A 97 -6.53 2.24 17.17
N ALA A 98 -6.36 3.56 17.05
CA ALA A 98 -5.05 4.16 17.19
C ALA A 98 -5.15 5.59 17.73
N GLY A 99 -5.81 6.45 16.97
CA GLY A 99 -5.96 7.83 17.39
C GLY A 99 -7.41 8.17 17.73
N GLY A 100 -7.68 9.46 17.92
CA GLY A 100 -9.03 9.89 18.24
C GLY A 100 -9.95 9.87 17.05
N VAL A 101 -9.45 10.31 15.90
CA VAL A 101 -10.25 10.33 14.67
C VAL A 101 -10.01 9.07 13.85
N ILE A 102 -9.91 7.93 14.53
CA ILE A 102 -9.69 6.66 13.87
C ILE A 102 -10.47 5.54 14.54
N PRO A 103 -11.71 5.32 14.09
CA PRO A 103 -12.58 4.28 14.64
C PRO A 103 -12.09 2.87 14.31
N PRO A 104 -12.67 1.86 14.97
CA PRO A 104 -12.31 0.46 14.76
C PRO A 104 -12.77 -0.06 13.40
N ASN A 105 -13.56 0.75 12.70
CA ASN A 105 -14.07 0.38 11.40
C ASN A 105 -13.59 1.35 10.33
N ALA A 106 -12.59 2.15 10.67
CA ALA A 106 -12.03 3.13 9.75
C ALA A 106 -11.12 2.44 8.72
N THR A 107 -11.04 3.05 7.53
CA THR A 107 -10.20 2.49 6.47
C THR A 107 -8.90 3.26 6.34
N LEU A 108 -7.85 2.57 5.90
CA LEU A 108 -6.55 3.19 5.73
C LEU A 108 -6.02 2.97 4.32
N VAL A 109 -5.47 4.02 3.72
CA VAL A 109 -4.93 3.95 2.36
C VAL A 109 -3.41 4.00 2.38
N PHE A 110 -2.79 3.31 1.44
CA PHE A 110 -1.33 3.28 1.34
C PHE A 110 -0.88 3.18 -0.11
N GLU A 111 0.14 3.96 -0.47
CA GLU A 111 0.66 3.95 -1.84
C GLU A 111 1.92 3.09 -1.93
N VAL A 112 1.91 2.16 -2.87
CA VAL A 112 3.05 1.27 -3.08
C VAL A 112 3.78 1.59 -4.37
N GLU A 113 5.10 1.78 -4.26
CA GLU A 113 5.91 2.10 -5.43
C GLU A 113 7.18 1.25 -5.46
N LEU A 114 7.18 0.21 -6.28
CA LEU A 114 8.32 -0.68 -6.40
C LEU A 114 9.35 -0.12 -7.38
N LEU A 115 10.58 0.06 -6.90
CA LEU A 115 11.66 0.60 -7.73
C LEU A 115 12.39 -0.53 -8.44
N ASP A 116 12.88 -1.49 -7.66
CA ASP A 116 13.61 -2.62 -8.23
C ASP A 116 13.58 -3.81 -7.26
N VAL A 117 13.77 -5.01 -7.80
CA VAL A 117 13.77 -6.23 -7.00
C VAL A 117 15.17 -6.80 -6.86
N GLY A 1 1.86 8.24 -18.41
CA GLY A 1 0.93 9.34 -18.56
C GLY A 1 -0.34 9.16 -17.73
N PRO A 2 -1.17 10.20 -17.68
CA PRO A 2 -2.43 10.16 -16.93
C PRO A 2 -3.46 9.23 -17.55
N GLY A 3 -4.53 8.97 -16.82
CA GLY A 3 -5.58 8.09 -17.31
C GLY A 3 -6.85 8.19 -16.50
N SER A 4 -7.19 7.10 -15.81
CA SER A 4 -8.39 7.06 -14.99
C SER A 4 -8.05 7.07 -13.50
N MET A 5 -8.51 8.10 -12.80
CA MET A 5 -8.25 8.22 -11.37
C MET A 5 -9.47 7.81 -10.55
N THR A 6 -9.70 6.50 -10.47
CA THR A 6 -10.84 5.98 -9.72
C THR A 6 -10.41 4.84 -8.80
N VAL A 7 -11.02 4.79 -7.62
CA VAL A 7 -10.71 3.75 -6.65
C VAL A 7 -11.49 2.46 -6.92
N VAL A 8 -10.78 1.43 -7.35
CA VAL A 8 -11.42 0.15 -7.65
C VAL A 8 -11.32 -0.80 -6.47
N THR A 9 -12.34 -1.63 -6.31
CA THR A 9 -12.38 -2.60 -5.21
C THR A 9 -11.98 -4.00 -5.68
N THR A 10 -11.58 -4.84 -4.74
CA THR A 10 -11.18 -6.20 -5.07
C THR A 10 -12.12 -7.22 -4.44
N GLU A 11 -11.78 -8.50 -4.59
CA GLU A 11 -12.60 -9.58 -4.03
C GLU A 11 -12.37 -9.70 -2.52
N SER A 12 -11.21 -9.26 -2.07
CA SER A 12 -10.88 -9.34 -0.65
C SER A 12 -11.39 -8.11 0.10
N GLY A 13 -11.54 -6.99 -0.62
CA GLY A 13 -12.03 -5.78 -0.02
C GLY A 13 -11.11 -4.60 -0.27
N LEU A 14 -9.82 -4.80 -0.10
CA LEU A 14 -8.84 -3.75 -0.32
C LEU A 14 -9.01 -3.12 -1.70
N LYS A 15 -8.76 -1.81 -1.78
CA LYS A 15 -8.88 -1.09 -3.04
C LYS A 15 -7.52 -0.86 -3.69
N TYR A 16 -7.52 -0.60 -4.98
CA TYR A 16 -6.28 -0.37 -5.72
C TYR A 16 -6.50 0.61 -6.87
N GLU A 17 -5.55 1.52 -7.06
CA GLU A 17 -5.65 2.52 -8.12
C GLU A 17 -4.28 2.77 -8.76
N ASP A 18 -4.17 2.48 -10.05
CA ASP A 18 -2.92 2.67 -10.77
C ASP A 18 -2.60 4.17 -10.92
N LEU A 19 -1.36 4.52 -10.63
CA LEU A 19 -0.93 5.91 -10.73
C LEU A 19 0.11 6.09 -11.84
N THR A 20 0.99 5.10 -11.97
CA THR A 20 2.03 5.14 -13.00
C THR A 20 2.44 3.74 -13.41
N GLU A 21 2.26 3.43 -14.70
CA GLU A 21 2.62 2.11 -15.22
C GLU A 21 4.06 1.76 -14.88
N GLY A 22 4.44 0.53 -15.15
CA GLY A 22 5.80 0.08 -14.86
C GLY A 22 6.29 -0.96 -15.84
N SER A 23 5.51 -2.00 -16.04
CA SER A 23 5.87 -3.08 -16.96
C SER A 23 7.14 -3.79 -16.50
N GLY A 24 7.06 -4.42 -15.33
CA GLY A 24 8.21 -5.13 -14.79
C GLY A 24 7.84 -6.45 -14.17
N ALA A 25 8.72 -6.98 -13.33
CA ALA A 25 8.47 -8.25 -12.66
C ALA A 25 7.74 -8.05 -11.34
N GLU A 26 6.81 -8.95 -11.03
CA GLU A 26 6.04 -8.86 -9.79
C GLU A 26 6.81 -9.45 -8.63
N ALA A 27 6.75 -8.79 -7.48
CA ALA A 27 7.44 -9.25 -6.29
C ALA A 27 6.97 -10.64 -5.88
N ARG A 28 7.89 -11.43 -5.32
CA ARG A 28 7.56 -12.78 -4.88
C ARG A 28 8.02 -13.02 -3.44
N ALA A 29 7.19 -13.71 -2.67
CA ALA A 29 7.52 -14.01 -1.28
C ALA A 29 8.83 -14.77 -1.17
N GLY A 30 9.79 -14.19 -0.46
CA GLY A 30 11.08 -14.83 -0.29
C GLY A 30 12.21 -14.04 -0.93
N GLN A 31 11.85 -13.11 -1.82
CA GLN A 31 12.84 -12.30 -2.50
C GLN A 31 12.86 -10.88 -1.94
N THR A 32 14.03 -10.24 -1.99
CA THR A 32 14.18 -8.88 -1.48
C THR A 32 14.06 -7.86 -2.61
N VAL A 33 13.30 -6.80 -2.36
CA VAL A 33 13.10 -5.75 -3.35
C VAL A 33 13.02 -4.38 -2.69
N SER A 34 13.35 -3.34 -3.46
CA SER A 34 13.32 -1.97 -2.94
C SER A 34 12.10 -1.23 -3.47
N VAL A 35 11.23 -0.80 -2.56
CA VAL A 35 10.03 -0.07 -2.92
C VAL A 35 9.75 1.07 -1.93
N HIS A 36 8.90 2.00 -2.34
CA HIS A 36 8.55 3.13 -1.49
C HIS A 36 7.10 3.03 -1.03
N TYR A 37 6.89 3.23 0.27
CA TYR A 37 5.54 3.15 0.84
C TYR A 37 5.13 4.50 1.42
N THR A 38 3.92 4.94 1.08
CA THR A 38 3.40 6.20 1.56
C THR A 38 2.12 6.01 2.37
N GLY A 39 1.90 6.88 3.36
CA GLY A 39 0.71 6.78 4.19
C GLY A 39 -0.33 7.84 3.85
N TRP A 40 -1.38 7.43 3.18
CA TRP A 40 -2.45 8.34 2.79
C TRP A 40 -3.77 7.96 3.46
N LEU A 41 -4.74 8.87 3.42
CA LEU A 41 -6.04 8.63 4.02
C LEU A 41 -7.11 8.43 2.94
N THR A 42 -8.17 7.72 3.29
CA THR A 42 -9.26 7.46 2.35
C THR A 42 -9.87 8.75 1.84
N ASP A 43 -9.66 9.84 2.58
CA ASP A 43 -10.18 11.15 2.20
C ASP A 43 -9.34 11.76 1.09
N GLY A 44 -8.11 11.28 0.95
CA GLY A 44 -7.23 11.80 -0.09
C GLY A 44 -6.11 12.66 0.49
N GLN A 45 -6.03 12.71 1.81
CA GLN A 45 -5.00 13.51 2.47
C GLN A 45 -3.86 12.61 2.95
N LYS A 46 -2.63 13.07 2.73
CA LYS A 46 -1.45 12.32 3.13
C LYS A 46 -1.06 12.65 4.57
N PHE A 47 -0.81 11.61 5.36
CA PHE A 47 -0.43 11.78 6.76
C PHE A 47 0.86 11.03 7.07
N ASP A 48 1.62 10.72 6.02
CA ASP A 48 2.88 10.00 6.18
C ASP A 48 3.59 9.84 4.84
N SER A 49 4.85 10.24 4.78
CA SER A 49 5.64 10.15 3.57
C SER A 49 7.03 9.61 3.86
N SER A 50 7.50 8.72 2.98
CA SER A 50 8.83 8.12 3.14
C SER A 50 9.92 9.17 2.99
N LYS A 51 9.56 10.33 2.45
CA LYS A 51 10.50 11.41 2.24
C LYS A 51 11.18 11.80 3.55
N ASP A 52 10.52 11.51 4.66
CA ASP A 52 11.06 11.82 5.99
C ASP A 52 12.48 11.30 6.13
N ARG A 53 12.72 10.11 5.59
CA ARG A 53 14.05 9.50 5.67
C ARG A 53 14.80 9.70 4.36
N ASN A 54 14.07 9.91 3.28
CA ASN A 54 14.67 10.11 1.96
C ASN A 54 15.44 8.86 1.53
N ASP A 55 14.78 7.72 1.60
CA ASP A 55 15.40 6.45 1.20
C ASP A 55 14.34 5.40 0.90
N PRO A 56 14.62 4.53 -0.09
CA PRO A 56 13.70 3.47 -0.49
C PRO A 56 13.59 2.37 0.56
N PHE A 57 12.38 1.86 0.76
CA PHE A 57 12.14 0.81 1.73
C PHE A 57 12.37 -0.57 1.11
N ALA A 58 13.52 -1.16 1.40
CA ALA A 58 13.86 -2.48 0.88
C ALA A 58 13.59 -3.57 1.91
N PHE A 59 12.99 -4.67 1.46
CA PHE A 59 12.68 -5.79 2.35
C PHE A 59 12.27 -7.02 1.56
N VAL A 60 12.16 -8.15 2.24
CA VAL A 60 11.78 -9.41 1.59
C VAL A 60 10.27 -9.63 1.69
N LEU A 61 9.66 -9.97 0.56
CA LEU A 61 8.22 -10.22 0.52
C LEU A 61 7.86 -11.48 1.31
N GLY A 62 6.72 -11.44 1.99
CA GLY A 62 6.28 -12.57 2.77
C GLY A 62 7.13 -12.79 4.01
N GLY A 63 7.96 -11.80 4.34
CA GLY A 63 8.82 -11.91 5.50
C GLY A 63 8.04 -12.02 6.80
N GLY A 64 6.81 -11.50 6.78
CA GLY A 64 5.98 -11.55 7.98
C GLY A 64 6.25 -10.39 8.93
N MET A 65 6.25 -9.18 8.39
CA MET A 65 6.50 -7.99 9.19
C MET A 65 5.66 -6.81 8.71
N VAL A 66 4.58 -7.13 7.99
CA VAL A 66 3.69 -6.10 7.46
C VAL A 66 2.23 -6.54 7.53
N ILE A 67 1.33 -5.57 7.67
CA ILE A 67 -0.10 -5.86 7.76
C ILE A 67 -0.57 -6.65 6.54
N LYS A 68 -1.66 -7.39 6.71
CA LYS A 68 -2.21 -8.20 5.64
C LYS A 68 -2.29 -7.39 4.34
N GLY A 69 -2.91 -6.22 4.42
CA GLY A 69 -3.04 -5.37 3.25
C GLY A 69 -1.72 -5.13 2.56
N TRP A 70 -0.66 -4.94 3.35
CA TRP A 70 0.67 -4.70 2.81
C TRP A 70 1.17 -5.92 2.02
N ASP A 71 1.18 -7.07 2.69
CA ASP A 71 1.63 -8.30 2.06
C ASP A 71 0.89 -8.56 0.75
N GLU A 72 -0.43 -8.42 0.79
CA GLU A 72 -1.26 -8.63 -0.39
C GLU A 72 -0.84 -7.70 -1.52
N GLY A 73 -0.57 -6.44 -1.18
CA GLY A 73 -0.18 -5.46 -2.17
C GLY A 73 1.24 -5.68 -2.66
N VAL A 74 2.12 -6.13 -1.77
CA VAL A 74 3.51 -6.38 -2.11
C VAL A 74 3.64 -7.63 -2.99
N GLN A 75 2.67 -8.53 -2.87
CA GLN A 75 2.67 -9.76 -3.64
C GLN A 75 2.09 -9.53 -5.04
N GLY A 76 1.77 -8.28 -5.34
CA GLY A 76 1.21 -7.95 -6.64
C GLY A 76 1.99 -6.86 -7.34
N MET A 77 2.58 -5.96 -6.56
CA MET A 77 3.36 -4.85 -7.11
C MET A 77 4.36 -5.36 -8.14
N LYS A 78 4.61 -4.55 -9.17
CA LYS A 78 5.55 -4.91 -10.22
C LYS A 78 6.67 -3.88 -10.32
N VAL A 79 7.85 -4.34 -10.75
CA VAL A 79 9.01 -3.46 -10.89
C VAL A 79 8.68 -2.27 -11.77
N GLY A 80 8.86 -1.07 -11.21
CA GLY A 80 8.58 0.14 -11.97
C GLY A 80 7.12 0.54 -11.91
N GLY A 81 6.32 -0.25 -11.20
CA GLY A 81 4.90 0.03 -11.08
C GLY A 81 4.57 0.82 -9.84
N VAL A 82 3.72 1.83 -9.98
CA VAL A 82 3.32 2.68 -8.86
C VAL A 82 1.81 2.84 -8.80
N ARG A 83 1.23 2.37 -7.71
CA ARG A 83 -0.22 2.45 -7.52
C ARG A 83 -0.58 2.53 -6.04
N ARG A 84 -1.68 3.20 -5.73
CA ARG A 84 -2.13 3.36 -4.36
C ARG A 84 -3.26 2.38 -4.04
N LEU A 85 -3.11 1.65 -2.94
CA LEU A 85 -4.12 0.67 -2.53
C LEU A 85 -4.70 1.03 -1.18
N THR A 86 -6.03 0.92 -1.05
CA THR A 86 -6.71 1.23 0.19
C THR A 86 -6.79 0.01 1.10
N ILE A 87 -6.05 0.04 2.20
CA ILE A 87 -6.04 -1.06 3.15
C ILE A 87 -6.99 -0.79 4.32
N PRO A 88 -8.09 -1.57 4.39
CA PRO A 88 -9.08 -1.43 5.45
C PRO A 88 -8.56 -1.89 6.80
N PRO A 89 -9.34 -1.62 7.86
CA PRO A 89 -8.97 -2.01 9.22
C PRO A 89 -9.02 -3.51 9.45
N GLN A 90 -9.98 -4.16 8.78
CA GLN A 90 -10.13 -5.61 8.90
C GLN A 90 -8.94 -6.34 8.30
N LEU A 91 -8.11 -5.61 7.58
CA LEU A 91 -6.93 -6.18 6.95
C LEU A 91 -5.66 -5.45 7.38
N GLY A 92 -5.82 -4.53 8.33
CA GLY A 92 -4.67 -3.78 8.82
C GLY A 92 -4.75 -3.51 10.32
N TYR A 93 -4.99 -2.26 10.68
CA TYR A 93 -5.09 -1.87 12.08
C TYR A 93 -6.08 -2.78 12.82
N GLY A 94 -7.35 -2.67 12.46
CA GLY A 94 -8.37 -3.47 13.11
C GLY A 94 -9.34 -2.64 13.92
N ALA A 95 -10.18 -3.31 14.70
CA ALA A 95 -11.16 -2.63 15.55
C ALA A 95 -10.54 -2.20 16.86
N ARG A 96 -9.24 -2.43 17.01
CA ARG A 96 -8.53 -2.06 18.23
C ARG A 96 -8.34 -0.56 18.33
N GLY A 97 -8.33 0.10 17.17
CA GLY A 97 -8.15 1.54 17.14
C GLY A 97 -6.70 1.96 17.32
N ALA A 98 -6.45 3.26 17.31
CA ALA A 98 -5.10 3.78 17.47
C ALA A 98 -5.11 5.18 18.08
N GLY A 99 -5.96 6.04 17.54
CA GLY A 99 -6.06 7.41 18.04
C GLY A 99 -7.47 7.77 18.44
N GLY A 100 -7.78 9.06 18.43
CA GLY A 100 -9.10 9.54 18.80
C GLY A 100 -10.04 9.61 17.60
N VAL A 101 -9.55 10.18 16.51
CA VAL A 101 -10.35 10.31 15.29
C VAL A 101 -10.25 9.06 14.42
N ILE A 102 -9.61 8.03 14.97
CA ILE A 102 -9.45 6.76 14.24
C ILE A 102 -10.33 5.67 14.84
N PRO A 103 -11.53 5.51 14.28
CA PRO A 103 -12.48 4.49 14.75
C PRO A 103 -12.03 3.07 14.41
N PRO A 104 -12.70 2.08 15.02
CA PRO A 104 -12.38 0.67 14.81
C PRO A 104 -12.75 0.20 13.40
N ASN A 105 -13.48 1.03 12.67
CA ASN A 105 -13.89 0.70 11.31
C ASN A 105 -13.28 1.67 10.30
N ALA A 106 -12.28 2.42 10.74
CA ALA A 106 -11.60 3.39 9.88
C ALA A 106 -10.68 2.69 8.90
N THR A 107 -10.60 3.22 7.69
CA THR A 107 -9.75 2.65 6.64
C THR A 107 -8.53 3.52 6.40
N LEU A 108 -7.41 2.89 6.05
CA LEU A 108 -6.17 3.61 5.77
C LEU A 108 -5.64 3.26 4.38
N VAL A 109 -5.18 4.29 3.67
CA VAL A 109 -4.65 4.11 2.32
C VAL A 109 -3.13 4.17 2.33
N PHE A 110 -2.50 3.45 1.39
CA PHE A 110 -1.05 3.45 1.29
C PHE A 110 -0.61 3.34 -0.17
N GLU A 111 0.40 4.12 -0.53
CA GLU A 111 0.92 4.12 -1.90
C GLU A 111 2.13 3.20 -2.02
N VAL A 112 2.04 2.23 -2.92
CA VAL A 112 3.13 1.29 -3.13
C VAL A 112 3.79 1.51 -4.49
N GLU A 113 5.10 1.72 -4.47
CA GLU A 113 5.85 1.96 -5.70
C GLU A 113 7.13 1.12 -5.73
N LEU A 114 7.19 0.18 -6.66
CA LEU A 114 8.36 -0.70 -6.80
C LEU A 114 9.44 -0.03 -7.64
N LEU A 115 10.64 0.08 -7.08
CA LEU A 115 11.76 0.68 -7.78
C LEU A 115 12.63 -0.38 -8.45
N ASP A 116 13.09 -1.33 -7.66
CA ASP A 116 13.93 -2.42 -8.17
C ASP A 116 13.80 -3.67 -7.31
N VAL A 117 14.28 -4.79 -7.82
CA VAL A 117 14.22 -6.05 -7.09
C VAL A 117 15.59 -6.44 -6.55
N GLY A 1 -12.19 20.74 -8.40
CA GLY A 1 -13.42 20.65 -9.16
C GLY A 1 -13.46 19.42 -10.04
N PRO A 2 -12.71 19.46 -11.16
CA PRO A 2 -12.64 18.36 -12.11
C PRO A 2 -11.90 17.15 -11.55
N GLY A 3 -12.63 16.30 -10.84
CA GLY A 3 -12.02 15.11 -10.25
C GLY A 3 -12.95 13.91 -10.28
N SER A 4 -12.41 12.76 -10.70
CA SER A 4 -13.20 11.54 -10.77
C SER A 4 -12.66 10.49 -9.82
N MET A 5 -13.30 10.37 -8.65
CA MET A 5 -12.89 9.40 -7.66
C MET A 5 -13.24 7.98 -8.09
N THR A 6 -12.34 7.36 -8.84
CA THR A 6 -12.54 6.00 -9.32
C THR A 6 -11.53 5.03 -8.72
N VAL A 7 -12.02 4.06 -7.95
CA VAL A 7 -11.15 3.07 -7.33
C VAL A 7 -11.71 1.66 -7.50
N VAL A 8 -10.82 0.70 -7.69
CA VAL A 8 -11.22 -0.70 -7.86
C VAL A 8 -11.16 -1.45 -6.55
N THR A 9 -12.19 -2.24 -6.28
CA THR A 9 -12.25 -3.03 -5.05
C THR A 9 -12.05 -4.51 -5.32
N THR A 10 -11.38 -5.20 -4.40
CA THR A 10 -11.13 -6.63 -4.55
C THR A 10 -12.24 -7.45 -3.94
N GLU A 11 -12.06 -8.77 -3.93
CA GLU A 11 -13.06 -9.67 -3.37
C GLU A 11 -12.97 -9.72 -1.84
N SER A 12 -11.79 -9.39 -1.33
CA SER A 12 -11.57 -9.40 0.12
C SER A 12 -11.97 -8.05 0.73
N GLY A 13 -11.61 -6.97 0.05
CA GLY A 13 -11.92 -5.64 0.54
C GLY A 13 -10.92 -4.60 0.09
N LEU A 14 -9.64 -4.95 0.16
CA LEU A 14 -8.58 -4.02 -0.24
C LEU A 14 -8.83 -3.49 -1.64
N LYS A 15 -8.55 -2.21 -1.84
CA LYS A 15 -8.74 -1.58 -3.14
C LYS A 15 -7.40 -1.18 -3.75
N TYR A 16 -7.41 -0.87 -5.04
CA TYR A 16 -6.19 -0.49 -5.75
C TYR A 16 -6.50 0.51 -6.86
N GLU A 17 -5.60 1.48 -7.05
CA GLU A 17 -5.79 2.49 -8.09
C GLU A 17 -4.48 2.75 -8.82
N ASP A 18 -4.48 2.51 -10.13
CA ASP A 18 -3.30 2.71 -10.95
C ASP A 18 -2.84 4.16 -10.88
N LEU A 19 -1.53 4.35 -10.67
CA LEU A 19 -0.96 5.70 -10.58
C LEU A 19 0.13 5.89 -11.63
N THR A 20 0.87 4.82 -11.91
CA THR A 20 1.95 4.88 -12.89
C THR A 20 2.31 3.48 -13.39
N GLU A 21 2.11 3.25 -14.69
CA GLU A 21 2.41 1.95 -15.28
C GLU A 21 3.83 1.52 -14.96
N GLY A 22 4.09 0.23 -15.07
CA GLY A 22 5.42 -0.30 -14.77
C GLY A 22 5.61 -1.70 -15.29
N SER A 23 6.02 -1.82 -16.55
CA SER A 23 6.24 -3.13 -17.17
C SER A 23 7.51 -3.78 -16.62
N GLY A 24 7.41 -4.34 -15.43
CA GLY A 24 8.56 -4.98 -14.82
C GLY A 24 8.28 -6.42 -14.41
N ALA A 25 8.42 -6.70 -13.13
CA ALA A 25 8.17 -8.05 -12.61
C ALA A 25 7.51 -8.00 -11.24
N GLU A 26 6.49 -8.84 -11.05
CA GLU A 26 5.77 -8.89 -9.78
C GLU A 26 6.64 -9.47 -8.67
N ALA A 27 6.63 -8.81 -7.52
CA ALA A 27 7.42 -9.27 -6.38
C ALA A 27 7.02 -10.68 -5.96
N ARG A 28 8.01 -11.45 -5.53
CA ARG A 28 7.77 -12.83 -5.10
C ARG A 28 8.23 -13.04 -3.66
N ALA A 29 7.44 -13.79 -2.90
CA ALA A 29 7.78 -14.06 -1.50
C ALA A 29 9.11 -14.79 -1.40
N GLY A 30 10.06 -14.19 -0.68
CA GLY A 30 11.36 -14.79 -0.52
C GLY A 30 12.47 -13.96 -1.14
N GLN A 31 12.09 -13.07 -2.05
CA GLN A 31 13.06 -12.21 -2.74
C GLN A 31 13.07 -10.81 -2.14
N THR A 32 14.24 -10.18 -2.13
CA THR A 32 14.38 -8.84 -1.58
C THR A 32 14.21 -7.78 -2.67
N VAL A 33 13.41 -6.77 -2.39
CA VAL A 33 13.17 -5.70 -3.34
C VAL A 33 13.00 -4.35 -2.63
N SER A 34 13.24 -3.26 -3.35
CA SER A 34 13.12 -1.93 -2.80
C SER A 34 11.90 -1.21 -3.35
N VAL A 35 11.03 -0.76 -2.45
CA VAL A 35 9.82 -0.04 -2.85
C VAL A 35 9.48 1.08 -1.88
N HIS A 36 8.64 2.01 -2.32
CA HIS A 36 8.26 3.15 -1.49
C HIS A 36 6.80 3.01 -1.05
N TYR A 37 6.56 3.23 0.24
CA TYR A 37 5.22 3.13 0.79
C TYR A 37 4.78 4.45 1.43
N THR A 38 3.59 4.90 1.09
CA THR A 38 3.06 6.15 1.64
C THR A 38 1.80 5.90 2.46
N GLY A 39 1.64 6.67 3.53
CA GLY A 39 0.47 6.52 4.39
C GLY A 39 -0.49 7.67 4.24
N TRP A 40 -1.60 7.42 3.55
CA TRP A 40 -2.63 8.44 3.34
C TRP A 40 -3.98 8.00 3.90
N LEU A 41 -4.88 8.95 4.09
CA LEU A 41 -6.20 8.66 4.62
C LEU A 41 -7.24 8.61 3.50
N THR A 42 -8.36 7.92 3.75
CA THR A 42 -9.42 7.81 2.77
C THR A 42 -9.94 9.19 2.36
N ASP A 43 -9.72 10.18 3.22
CA ASP A 43 -10.17 11.54 2.95
C ASP A 43 -9.18 12.26 2.02
N GLY A 44 -7.95 11.75 1.95
CA GLY A 44 -6.95 12.36 1.11
C GLY A 44 -5.86 13.04 1.91
N GLN A 45 -5.91 12.90 3.22
CA GLN A 45 -4.93 13.51 4.10
C GLN A 45 -3.72 12.58 4.30
N LYS A 46 -2.53 13.11 4.02
CA LYS A 46 -1.30 12.34 4.16
C LYS A 46 -0.72 12.51 5.56
N PHE A 47 -0.33 11.40 6.18
CA PHE A 47 0.24 11.42 7.51
C PHE A 47 1.60 10.72 7.54
N ASP A 48 1.72 9.65 6.75
CA ASP A 48 2.97 8.89 6.68
C ASP A 48 3.65 9.10 5.34
N SER A 49 4.93 9.45 5.37
CA SER A 49 5.68 9.67 4.15
C SER A 49 7.10 9.12 4.28
N SER A 50 7.51 8.30 3.31
CA SER A 50 8.84 7.69 3.33
C SER A 50 9.92 8.77 3.23
N LYS A 51 9.52 9.97 2.80
CA LYS A 51 10.45 11.07 2.65
C LYS A 51 11.16 11.36 3.97
N ASP A 52 10.53 10.99 5.08
CA ASP A 52 11.10 11.21 6.39
C ASP A 52 12.52 10.64 6.47
N ARG A 53 12.72 9.47 5.87
CA ARG A 53 14.02 8.82 5.86
C ARG A 53 14.78 9.13 4.58
N ASN A 54 14.04 9.51 3.54
CA ASN A 54 14.64 9.82 2.24
C ASN A 54 15.33 8.60 1.64
N ASP A 55 14.58 7.51 1.52
CA ASP A 55 15.11 6.28 0.96
C ASP A 55 14.02 5.22 0.83
N PRO A 56 14.12 4.40 -0.23
CA PRO A 56 13.14 3.33 -0.49
C PRO A 56 13.24 2.20 0.52
N PHE A 57 12.10 1.66 0.92
CA PHE A 57 12.05 0.58 1.89
C PHE A 57 12.38 -0.76 1.22
N ALA A 58 13.54 -1.31 1.53
CA ALA A 58 13.98 -2.58 0.96
C ALA A 58 13.77 -3.72 1.96
N PHE A 59 13.13 -4.79 1.50
CA PHE A 59 12.87 -5.94 2.35
C PHE A 59 12.48 -7.16 1.50
N VAL A 60 12.38 -8.32 2.15
CA VAL A 60 12.02 -9.55 1.47
C VAL A 60 10.51 -9.81 1.56
N LEU A 61 9.88 -9.99 0.40
CA LEU A 61 8.45 -10.25 0.35
C LEU A 61 8.09 -11.50 1.14
N GLY A 62 6.97 -11.44 1.86
CA GLY A 62 6.53 -12.58 2.65
C GLY A 62 7.62 -13.11 3.55
N GLY A 63 8.36 -12.20 4.18
CA GLY A 63 9.43 -12.60 5.08
C GLY A 63 9.86 -11.49 6.00
N GLY A 64 8.88 -10.78 6.57
CA GLY A 64 9.20 -9.69 7.47
C GLY A 64 8.14 -9.52 8.55
N MET A 65 7.50 -8.36 8.58
CA MET A 65 6.47 -8.07 9.57
C MET A 65 5.59 -6.92 9.12
N VAL A 66 4.81 -7.14 8.06
CA VAL A 66 3.92 -6.12 7.53
C VAL A 66 2.47 -6.57 7.61
N ILE A 67 1.55 -5.60 7.66
CA ILE A 67 0.13 -5.90 7.74
C ILE A 67 -0.34 -6.68 6.51
N LYS A 68 -1.43 -7.41 6.66
CA LYS A 68 -1.98 -8.21 5.57
C LYS A 68 -2.05 -7.39 4.29
N GLY A 69 -2.64 -6.20 4.38
CA GLY A 69 -2.77 -5.34 3.21
C GLY A 69 -1.44 -5.09 2.53
N TRP A 70 -0.39 -4.93 3.33
CA TRP A 70 0.95 -4.68 2.81
C TRP A 70 1.45 -5.90 2.02
N ASP A 71 1.51 -7.05 2.68
CA ASP A 71 1.97 -8.27 2.05
C ASP A 71 1.19 -8.55 0.77
N GLU A 72 -0.14 -8.46 0.86
CA GLU A 72 -1.00 -8.70 -0.29
C GLU A 72 -0.64 -7.77 -1.45
N GLY A 73 -0.36 -6.51 -1.12
CA GLY A 73 -0.02 -5.55 -2.14
C GLY A 73 1.39 -5.75 -2.68
N VAL A 74 2.29 -6.20 -1.82
CA VAL A 74 3.68 -6.45 -2.23
C VAL A 74 3.78 -7.69 -3.09
N GLN A 75 2.82 -8.59 -2.94
CA GLN A 75 2.80 -9.84 -3.72
C GLN A 75 2.04 -9.65 -5.02
N GLY A 76 1.78 -8.39 -5.38
CA GLY A 76 1.06 -8.11 -6.61
C GLY A 76 1.73 -7.03 -7.44
N MET A 77 2.27 -6.03 -6.76
CA MET A 77 2.95 -4.93 -7.44
C MET A 77 4.15 -5.44 -8.24
N LYS A 78 4.48 -4.72 -9.32
CA LYS A 78 5.61 -5.10 -10.16
C LYS A 78 6.66 -4.00 -10.19
N VAL A 79 7.86 -4.35 -10.61
CA VAL A 79 8.96 -3.38 -10.68
C VAL A 79 8.56 -2.17 -11.52
N GLY A 80 8.66 -0.99 -10.92
CA GLY A 80 8.31 0.23 -11.61
C GLY A 80 6.82 0.52 -11.57
N GLY A 81 6.07 -0.36 -10.92
CA GLY A 81 4.63 -0.19 -10.82
C GLY A 81 4.23 0.66 -9.62
N VAL A 82 3.45 1.70 -9.87
CA VAL A 82 3.00 2.60 -8.80
C VAL A 82 1.48 2.73 -8.80
N ARG A 83 0.86 2.46 -7.66
CA ARG A 83 -0.58 2.54 -7.53
C ARG A 83 -0.99 2.67 -6.06
N ARG A 84 -2.09 3.37 -5.82
CA ARG A 84 -2.58 3.57 -4.46
C ARG A 84 -3.52 2.44 -4.04
N LEU A 85 -3.11 1.68 -3.04
CA LEU A 85 -3.92 0.56 -2.55
C LEU A 85 -4.57 0.90 -1.22
N THR A 86 -5.88 0.71 -1.14
CA THR A 86 -6.63 0.99 0.07
C THR A 86 -6.67 -0.22 0.99
N ILE A 87 -5.97 -0.14 2.11
CA ILE A 87 -5.93 -1.23 3.07
C ILE A 87 -6.92 -0.99 4.21
N PRO A 88 -7.97 -1.82 4.27
CA PRO A 88 -9.01 -1.72 5.29
C PRO A 88 -8.50 -2.14 6.67
N PRO A 89 -9.31 -1.89 7.71
CA PRO A 89 -8.96 -2.24 9.09
C PRO A 89 -8.95 -3.75 9.32
N GLN A 90 -9.86 -4.45 8.67
CA GLN A 90 -9.96 -5.89 8.80
C GLN A 90 -8.72 -6.58 8.25
N LEU A 91 -7.91 -5.81 7.52
CA LEU A 91 -6.68 -6.36 6.93
C LEU A 91 -5.47 -5.51 7.31
N GLY A 92 -5.68 -4.59 8.25
CA GLY A 92 -4.60 -3.72 8.69
C GLY A 92 -4.68 -3.39 10.17
N TYR A 93 -5.17 -2.19 10.47
CA TYR A 93 -5.30 -1.74 11.85
C TYR A 93 -6.37 -2.55 12.58
N GLY A 94 -7.61 -2.46 12.11
CA GLY A 94 -8.70 -3.18 12.72
C GLY A 94 -9.59 -2.29 13.57
N ALA A 95 -10.37 -2.91 14.46
CA ALA A 95 -11.27 -2.16 15.32
C ALA A 95 -10.54 -1.66 16.57
N ARG A 96 -9.23 -1.90 16.62
CA ARG A 96 -8.42 -1.49 17.76
C ARG A 96 -8.28 0.03 17.79
N GLY A 97 -8.40 0.65 16.62
CA GLY A 97 -8.28 2.10 16.54
C GLY A 97 -6.85 2.57 16.68
N ALA A 98 -6.65 3.88 16.58
CA ALA A 98 -5.31 4.46 16.70
C ALA A 98 -5.35 5.80 17.43
N GLY A 99 -6.02 6.78 16.82
CA GLY A 99 -6.13 8.09 17.43
C GLY A 99 -7.57 8.55 17.58
N GLY A 100 -7.77 9.86 17.60
CA GLY A 100 -9.11 10.41 17.74
C GLY A 100 -9.87 10.41 16.44
N VAL A 101 -9.20 10.75 15.35
CA VAL A 101 -9.83 10.79 14.03
C VAL A 101 -9.62 9.47 13.29
N ILE A 102 -9.71 8.37 14.02
CA ILE A 102 -9.54 7.05 13.42
C ILE A 102 -10.39 6.01 14.14
N PRO A 103 -11.64 5.85 13.68
CA PRO A 103 -12.58 4.89 14.26
C PRO A 103 -12.19 3.44 13.97
N PRO A 104 -12.83 2.49 14.67
CA PRO A 104 -12.57 1.06 14.50
C PRO A 104 -13.04 0.53 13.17
N ASN A 105 -13.79 1.36 12.44
CA ASN A 105 -14.31 0.98 11.13
C ASN A 105 -13.70 1.83 10.03
N ALA A 106 -12.66 2.58 10.37
CA ALA A 106 -11.98 3.44 9.41
C ALA A 106 -11.03 2.65 8.52
N THR A 107 -10.72 3.20 7.35
CA THR A 107 -9.83 2.53 6.40
C THR A 107 -8.59 3.37 6.15
N LEU A 108 -7.48 2.69 5.90
CA LEU A 108 -6.21 3.38 5.63
C LEU A 108 -5.78 3.17 4.19
N VAL A 109 -5.49 4.28 3.50
CA VAL A 109 -5.06 4.22 2.11
C VAL A 109 -3.56 4.42 1.99
N PHE A 110 -2.85 3.38 1.54
CA PHE A 110 -1.41 3.45 1.38
C PHE A 110 -1.02 3.29 -0.08
N GLU A 111 0.01 4.03 -0.50
CA GLU A 111 0.48 3.97 -1.87
C GLU A 111 1.73 3.10 -1.99
N VAL A 112 1.68 2.13 -2.90
CA VAL A 112 2.80 1.22 -3.11
C VAL A 112 3.45 1.45 -4.47
N GLU A 113 4.76 1.70 -4.47
CA GLU A 113 5.50 1.93 -5.69
C GLU A 113 6.81 1.16 -5.70
N LEU A 114 6.88 0.14 -6.57
CA LEU A 114 8.08 -0.68 -6.67
C LEU A 114 9.18 0.06 -7.42
N LEU A 115 10.33 0.21 -6.77
CA LEU A 115 11.47 0.90 -7.38
C LEU A 115 12.33 -0.08 -8.18
N ASP A 116 12.75 -1.17 -7.53
CA ASP A 116 13.57 -2.18 -8.18
C ASP A 116 13.71 -3.41 -7.30
N VAL A 117 13.83 -4.57 -7.93
CA VAL A 117 13.97 -5.84 -7.21
C VAL A 117 15.44 -6.14 -6.92
N GLY A 1 -16.03 6.44 -18.92
CA GLY A 1 -15.64 6.31 -17.53
C GLY A 1 -14.24 5.75 -17.37
N PRO A 2 -13.23 6.60 -17.63
CA PRO A 2 -11.82 6.20 -17.53
C PRO A 2 -11.39 5.98 -16.08
N GLY A 3 -11.73 6.92 -15.21
CA GLY A 3 -11.37 6.81 -13.81
C GLY A 3 -11.00 8.14 -13.19
N SER A 4 -11.83 9.14 -13.43
CA SER A 4 -11.59 10.48 -12.89
C SER A 4 -11.82 10.52 -11.39
N MET A 5 -10.74 10.42 -10.63
CA MET A 5 -10.83 10.44 -9.17
C MET A 5 -11.66 9.26 -8.66
N THR A 6 -11.58 8.14 -9.36
CA THR A 6 -12.33 6.95 -8.98
C THR A 6 -11.39 5.82 -8.56
N VAL A 7 -11.76 5.12 -7.49
CA VAL A 7 -10.95 4.02 -6.98
C VAL A 7 -11.69 2.69 -7.10
N VAL A 8 -11.05 1.72 -7.73
CA VAL A 8 -11.64 0.40 -7.90
C VAL A 8 -11.64 -0.39 -6.59
N THR A 9 -12.79 -0.93 -6.23
CA THR A 9 -12.91 -1.72 -5.00
C THR A 9 -13.03 -3.21 -5.31
N THR A 10 -12.79 -4.04 -4.29
CA THR A 10 -12.87 -5.48 -4.46
C THR A 10 -14.07 -6.06 -3.69
N GLU A 11 -14.17 -7.38 -3.68
CA GLU A 11 -15.27 -8.05 -2.98
C GLU A 11 -15.03 -8.04 -1.47
N SER A 12 -13.76 -8.06 -1.07
CA SER A 12 -13.40 -8.06 0.35
C SER A 12 -13.51 -6.64 0.92
N GLY A 13 -13.07 -5.66 0.15
CA GLY A 13 -13.13 -4.28 0.61
C GLY A 13 -11.95 -3.46 0.12
N LEU A 14 -10.79 -4.10 0.05
CA LEU A 14 -9.57 -3.42 -0.41
C LEU A 14 -9.79 -2.78 -1.78
N LYS A 15 -9.08 -1.68 -2.03
CA LYS A 15 -9.19 -0.98 -3.30
C LYS A 15 -7.81 -0.74 -3.91
N TYR A 16 -7.78 -0.44 -5.20
CA TYR A 16 -6.53 -0.20 -5.91
C TYR A 16 -6.72 0.82 -7.03
N GLU A 17 -5.76 1.73 -7.16
CA GLU A 17 -5.83 2.75 -8.21
C GLU A 17 -4.47 2.96 -8.85
N ASP A 18 -4.39 2.71 -10.15
CA ASP A 18 -3.14 2.87 -10.89
C ASP A 18 -2.64 4.31 -10.82
N LEU A 19 -1.34 4.47 -10.66
CA LEU A 19 -0.74 5.80 -10.56
C LEU A 19 0.35 5.98 -11.63
N THR A 20 1.07 4.90 -11.90
CA THR A 20 2.15 4.94 -12.90
C THR A 20 2.50 3.54 -13.38
N GLU A 21 2.34 3.30 -14.68
CA GLU A 21 2.65 2.00 -15.25
C GLU A 21 4.06 1.57 -14.89
N GLY A 22 4.32 0.26 -15.01
CA GLY A 22 5.63 -0.26 -14.69
C GLY A 22 5.83 -1.68 -15.18
N SER A 23 6.16 -1.82 -16.46
CA SER A 23 6.36 -3.14 -17.06
C SER A 23 7.71 -3.72 -16.64
N GLY A 24 7.75 -4.25 -15.42
CA GLY A 24 8.99 -4.84 -14.92
C GLY A 24 8.83 -6.30 -14.57
N ALA A 25 8.83 -6.60 -13.27
CA ALA A 25 8.68 -7.97 -12.80
C ALA A 25 7.86 -8.04 -11.51
N GLU A 26 6.92 -8.98 -11.45
CA GLU A 26 6.08 -9.14 -10.28
C GLU A 26 6.87 -9.70 -9.10
N ALA A 27 6.76 -9.06 -7.95
CA ALA A 27 7.46 -9.50 -6.75
C ALA A 27 7.05 -10.92 -6.37
N ARG A 28 7.93 -11.60 -5.64
CA ARG A 28 7.66 -12.96 -5.21
C ARG A 28 8.12 -13.18 -3.76
N ALA A 29 7.31 -13.91 -3.00
CA ALA A 29 7.63 -14.18 -1.60
C ALA A 29 8.97 -14.90 -1.47
N GLY A 30 9.91 -14.28 -0.75
CA GLY A 30 11.22 -14.88 -0.57
C GLY A 30 12.33 -14.04 -1.18
N GLN A 31 11.95 -13.16 -2.11
CA GLN A 31 12.92 -12.30 -2.78
C GLN A 31 12.90 -10.89 -2.19
N THR A 32 14.07 -10.25 -2.17
CA THR A 32 14.18 -8.91 -1.63
C THR A 32 13.98 -7.85 -2.71
N VAL A 33 13.24 -6.81 -2.38
CA VAL A 33 12.97 -5.73 -3.32
C VAL A 33 12.84 -4.39 -2.61
N SER A 34 13.02 -3.30 -3.36
CA SER A 34 12.93 -1.96 -2.80
C SER A 34 11.69 -1.24 -3.32
N VAL A 35 10.86 -0.76 -2.39
CA VAL A 35 9.66 -0.04 -2.76
C VAL A 35 9.37 1.10 -1.78
N HIS A 36 8.58 2.08 -2.23
CA HIS A 36 8.24 3.22 -1.39
C HIS A 36 6.77 3.16 -0.97
N TYR A 37 6.53 3.37 0.32
CA TYR A 37 5.17 3.34 0.85
C TYR A 37 4.75 4.71 1.35
N THR A 38 3.46 5.03 1.18
CA THR A 38 2.94 6.32 1.63
C THR A 38 1.64 6.14 2.41
N GLY A 39 1.56 6.79 3.56
CA GLY A 39 0.36 6.69 4.39
C GLY A 39 -0.64 7.79 4.09
N TRP A 40 -1.71 7.44 3.39
CA TRP A 40 -2.74 8.41 3.04
C TRP A 40 -4.08 8.03 3.68
N LEU A 41 -4.95 9.02 3.83
CA LEU A 41 -6.27 8.80 4.43
C LEU A 41 -7.33 8.56 3.35
N THR A 42 -8.49 8.09 3.77
CA THR A 42 -9.58 7.82 2.85
C THR A 42 -10.04 9.09 2.14
N ASP A 43 -9.66 10.23 2.70
CA ASP A 43 -10.02 11.53 2.13
C ASP A 43 -8.94 12.02 1.18
N GLY A 44 -7.73 11.47 1.31
CA GLY A 44 -6.63 11.88 0.46
C GLY A 44 -5.56 12.62 1.22
N GLN A 45 -5.71 12.71 2.54
CA GLN A 45 -4.74 13.41 3.37
C GLN A 45 -3.54 12.53 3.66
N LYS A 46 -2.35 13.03 3.33
CA LYS A 46 -1.11 12.28 3.56
C LYS A 46 -0.51 12.64 4.91
N PHE A 47 -0.25 11.62 5.73
CA PHE A 47 0.33 11.83 7.06
C PHE A 47 1.67 11.11 7.18
N ASP A 48 1.79 9.98 6.49
CA ASP A 48 3.02 9.20 6.52
C ASP A 48 3.78 9.33 5.20
N SER A 49 5.06 9.70 5.29
CA SER A 49 5.90 9.87 4.12
C SER A 49 7.30 9.30 4.35
N SER A 50 7.76 8.47 3.42
CA SER A 50 9.07 7.87 3.52
C SER A 50 10.17 8.90 3.37
N LYS A 51 9.79 10.09 2.92
CA LYS A 51 10.75 11.18 2.73
C LYS A 51 11.50 11.48 4.01
N ASP A 52 10.88 11.17 5.14
CA ASP A 52 11.49 11.40 6.44
C ASP A 52 12.90 10.79 6.51
N ARG A 53 13.06 9.65 5.84
CA ARG A 53 14.34 8.96 5.81
C ARG A 53 15.06 9.20 4.50
N ASN A 54 14.29 9.50 3.46
CA ASN A 54 14.86 9.75 2.13
C ASN A 54 15.53 8.50 1.58
N ASP A 55 14.76 7.42 1.47
CA ASP A 55 15.28 6.16 0.96
C ASP A 55 14.16 5.14 0.79
N PRO A 56 14.27 4.30 -0.25
CA PRO A 56 13.27 3.27 -0.56
C PRO A 56 13.28 2.14 0.48
N PHE A 57 12.09 1.67 0.82
CA PHE A 57 11.95 0.60 1.80
C PHE A 57 12.30 -0.76 1.18
N ALA A 58 13.50 -1.24 1.46
CA ALA A 58 13.96 -2.52 0.94
C ALA A 58 13.76 -3.64 1.95
N PHE A 59 13.10 -4.70 1.54
CA PHE A 59 12.85 -5.84 2.42
C PHE A 59 12.48 -7.09 1.61
N VAL A 60 12.32 -8.20 2.31
CA VAL A 60 11.98 -9.46 1.66
C VAL A 60 10.47 -9.69 1.67
N LEU A 61 9.92 -10.06 0.51
CA LEU A 61 8.49 -10.31 0.39
C LEU A 61 8.07 -11.53 1.20
N GLY A 62 7.13 -11.34 2.11
CA GLY A 62 6.66 -12.44 2.93
C GLY A 62 7.47 -12.60 4.21
N GLY A 63 8.18 -11.55 4.59
CA GLY A 63 8.98 -11.60 5.78
C GLY A 63 8.15 -11.77 7.04
N GLY A 64 7.23 -10.84 7.27
CA GLY A 64 6.38 -10.91 8.44
C GLY A 64 6.47 -9.66 9.29
N MET A 65 6.70 -8.52 8.64
CA MET A 65 6.80 -7.24 9.35
C MET A 65 5.93 -6.19 8.67
N VAL A 66 4.88 -6.64 8.01
CA VAL A 66 3.96 -5.73 7.33
C VAL A 66 2.51 -6.21 7.45
N ILE A 67 1.58 -5.27 7.40
CA ILE A 67 0.16 -5.59 7.51
C ILE A 67 -0.29 -6.46 6.35
N LYS A 68 -1.36 -7.22 6.56
CA LYS A 68 -1.90 -8.09 5.53
C LYS A 68 -2.00 -7.37 4.20
N GLY A 69 -2.61 -6.19 4.21
CA GLY A 69 -2.75 -5.40 2.99
C GLY A 69 -1.43 -5.17 2.29
N TRP A 70 -0.38 -4.90 3.06
CA TRP A 70 0.94 -4.66 2.51
C TRP A 70 1.47 -5.91 1.80
N ASP A 71 1.51 -7.02 2.53
CA ASP A 71 2.00 -8.27 1.96
C ASP A 71 1.20 -8.65 0.72
N GLU A 72 -0.11 -8.58 0.81
CA GLU A 72 -0.99 -8.91 -0.30
C GLU A 72 -0.64 -8.07 -1.53
N GLY A 73 -0.29 -6.81 -1.30
CA GLY A 73 0.06 -5.92 -2.39
C GLY A 73 1.45 -6.18 -2.93
N VAL A 74 2.42 -6.28 -2.03
CA VAL A 74 3.80 -6.53 -2.42
C VAL A 74 3.93 -7.82 -3.22
N GLN A 75 3.05 -8.78 -2.93
CA GLN A 75 3.06 -10.06 -3.62
C GLN A 75 2.17 -10.02 -4.86
N GLY A 76 2.21 -8.90 -5.58
CA GLY A 76 1.40 -8.75 -6.77
C GLY A 76 1.90 -7.65 -7.69
N MET A 77 2.37 -6.56 -7.08
CA MET A 77 2.87 -5.42 -7.85
C MET A 77 4.10 -5.83 -8.66
N LYS A 78 4.43 -5.01 -9.66
CA LYS A 78 5.58 -5.28 -10.51
C LYS A 78 6.62 -4.16 -10.40
N VAL A 79 7.87 -4.48 -10.70
CA VAL A 79 8.95 -3.50 -10.64
C VAL A 79 8.60 -2.26 -11.45
N GLY A 80 8.71 -1.10 -10.79
CA GLY A 80 8.40 0.15 -11.46
C GLY A 80 6.92 0.47 -11.44
N GLY A 81 6.14 -0.40 -10.83
CA GLY A 81 4.70 -0.19 -10.76
C GLY A 81 4.29 0.66 -9.57
N VAL A 82 3.59 1.75 -9.84
CA VAL A 82 3.14 2.65 -8.78
C VAL A 82 1.62 2.80 -8.79
N ARG A 83 1.00 2.57 -7.64
CA ARG A 83 -0.45 2.67 -7.52
C ARG A 83 -0.86 2.76 -6.05
N ARG A 84 -1.97 3.44 -5.79
CA ARG A 84 -2.48 3.59 -4.43
C ARG A 84 -3.49 2.50 -4.11
N LEU A 85 -3.23 1.77 -3.03
CA LEU A 85 -4.12 0.69 -2.60
C LEU A 85 -4.74 1.00 -1.25
N THR A 86 -6.06 0.82 -1.15
CA THR A 86 -6.78 1.08 0.09
C THR A 86 -6.93 -0.19 0.91
N ILE A 87 -6.23 -0.24 2.04
CA ILE A 87 -6.28 -1.41 2.92
C ILE A 87 -7.18 -1.14 4.12
N PRO A 88 -8.18 -2.02 4.32
CA PRO A 88 -9.13 -1.90 5.43
C PRO A 88 -8.48 -2.18 6.78
N PRO A 89 -9.21 -1.91 7.87
CA PRO A 89 -8.72 -2.12 9.24
C PRO A 89 -8.59 -3.59 9.58
N GLN A 90 -9.50 -4.41 9.05
CA GLN A 90 -9.49 -5.84 9.30
C GLN A 90 -8.25 -6.49 8.68
N LEU A 91 -7.56 -5.73 7.83
CA LEU A 91 -6.36 -6.23 7.16
C LEU A 91 -5.19 -5.28 7.36
N GLY A 92 -5.37 -4.32 8.26
CA GLY A 92 -4.31 -3.35 8.53
C GLY A 92 -4.18 -3.04 10.01
N TYR A 93 -4.76 -1.93 10.43
CA TYR A 93 -4.70 -1.51 11.83
C TYR A 93 -5.56 -2.42 12.70
N GLY A 94 -6.85 -2.46 12.41
CA GLY A 94 -7.77 -3.29 13.18
C GLY A 94 -8.75 -2.48 13.99
N ALA A 95 -9.48 -3.14 14.88
CA ALA A 95 -10.47 -2.47 15.73
C ALA A 95 -9.80 -1.88 16.96
N ARG A 96 -8.48 -1.99 17.04
CA ARG A 96 -7.73 -1.47 18.17
C ARG A 96 -7.78 0.06 18.20
N GLY A 97 -7.93 0.66 17.02
CA GLY A 97 -7.98 2.11 16.94
C GLY A 97 -6.65 2.76 17.23
N ALA A 98 -6.41 3.92 16.63
CA ALA A 98 -5.17 4.64 16.84
C ALA A 98 -5.42 6.01 17.44
N GLY A 99 -6.58 6.59 17.13
CA GLY A 99 -6.93 7.89 17.65
C GLY A 99 -8.43 8.10 17.76
N GLY A 100 -8.84 9.34 17.99
CA GLY A 100 -10.26 9.65 18.10
C GLY A 100 -10.97 9.61 16.77
N VAL A 101 -10.39 10.27 15.77
CA VAL A 101 -10.97 10.32 14.43
C VAL A 101 -10.75 9.01 13.69
N ILE A 102 -10.00 8.11 14.31
CA ILE A 102 -9.72 6.82 13.71
C ILE A 102 -10.45 5.70 14.43
N PRO A 103 -11.68 5.41 13.98
CA PRO A 103 -12.52 4.36 14.58
C PRO A 103 -11.99 2.97 14.28
N PRO A 104 -12.53 1.96 15.00
CA PRO A 104 -12.12 0.56 14.83
C PRO A 104 -12.56 -0.02 13.50
N ASN A 105 -13.40 0.73 12.77
CA ASN A 105 -13.90 0.29 11.47
C ASN A 105 -13.42 1.23 10.37
N ALA A 106 -12.45 2.08 10.69
CA ALA A 106 -11.91 3.01 9.72
C ALA A 106 -10.96 2.33 8.75
N THR A 107 -10.88 2.85 7.53
CA THR A 107 -10.01 2.27 6.51
C THR A 107 -8.79 3.17 6.26
N LEU A 108 -7.68 2.55 5.90
CA LEU A 108 -6.45 3.29 5.62
C LEU A 108 -6.03 3.12 4.17
N VAL A 109 -5.58 4.21 3.56
CA VAL A 109 -5.14 4.17 2.17
C VAL A 109 -3.62 4.33 2.07
N PHE A 110 -2.96 3.26 1.64
CA PHE A 110 -1.51 3.27 1.51
C PHE A 110 -1.10 3.08 0.05
N GLU A 111 -0.16 3.92 -0.40
CA GLU A 111 0.32 3.85 -1.78
C GLU A 111 1.65 3.11 -1.85
N VAL A 112 1.78 2.22 -2.83
CA VAL A 112 2.99 1.44 -3.02
C VAL A 112 3.60 1.71 -4.38
N GLU A 113 4.92 1.92 -4.41
CA GLU A 113 5.63 2.18 -5.66
C GLU A 113 6.91 1.35 -5.74
N LEU A 114 6.86 0.27 -6.52
CA LEU A 114 8.02 -0.59 -6.69
C LEU A 114 9.11 0.09 -7.48
N LEU A 115 10.30 0.20 -6.87
CA LEU A 115 11.44 0.84 -7.51
C LEU A 115 12.26 -0.17 -8.30
N ASP A 116 12.67 -1.24 -7.63
CA ASP A 116 13.46 -2.28 -8.26
C ASP A 116 13.61 -3.50 -7.34
N VAL A 117 13.91 -4.65 -7.92
CA VAL A 117 14.09 -5.87 -7.15
C VAL A 117 15.55 -6.08 -6.77
N GLY A 1 -6.32 5.12 -20.59
CA GLY A 1 -6.62 6.39 -21.23
C GLY A 1 -6.63 7.54 -20.25
N PRO A 2 -7.08 8.71 -20.71
CA PRO A 2 -7.15 9.93 -19.89
C PRO A 2 -8.22 9.83 -18.81
N GLY A 3 -7.83 9.35 -17.63
CA GLY A 3 -8.77 9.22 -16.53
C GLY A 3 -8.49 8.01 -15.67
N SER A 4 -9.40 7.04 -15.71
CA SER A 4 -9.24 5.81 -14.93
C SER A 4 -9.06 6.14 -13.44
N MET A 5 -9.60 7.28 -13.03
CA MET A 5 -9.51 7.71 -11.63
C MET A 5 -10.61 7.09 -10.80
N THR A 6 -10.73 5.76 -10.85
CA THR A 6 -11.74 5.05 -10.09
C THR A 6 -11.12 4.04 -9.14
N VAL A 7 -11.54 4.06 -7.88
CA VAL A 7 -11.03 3.16 -6.88
C VAL A 7 -11.76 1.82 -6.91
N VAL A 8 -11.05 0.78 -7.32
CA VAL A 8 -11.63 -0.56 -7.41
C VAL A 8 -11.30 -1.38 -6.16
N THR A 9 -12.32 -2.02 -5.61
CA THR A 9 -12.14 -2.84 -4.41
C THR A 9 -11.99 -4.32 -4.77
N THR A 10 -11.36 -5.08 -3.88
CA THR A 10 -11.15 -6.50 -4.11
C THR A 10 -12.11 -7.33 -3.28
N GLU A 11 -11.96 -8.66 -3.35
CA GLU A 11 -12.82 -9.56 -2.60
C GLU A 11 -12.50 -9.51 -1.11
N SER A 12 -11.24 -9.24 -0.79
CA SER A 12 -10.81 -9.17 0.60
C SER A 12 -11.24 -7.85 1.24
N GLY A 13 -11.34 -6.81 0.42
CA GLY A 13 -11.74 -5.51 0.92
C GLY A 13 -10.81 -4.40 0.48
N LEU A 14 -9.52 -4.74 0.33
CA LEU A 14 -8.51 -3.76 -0.08
C LEU A 14 -8.78 -3.28 -1.51
N LYS A 15 -8.47 -2.02 -1.76
CA LYS A 15 -8.67 -1.43 -3.09
C LYS A 15 -7.33 -1.15 -3.76
N TYR A 16 -7.39 -0.85 -5.06
CA TYR A 16 -6.17 -0.56 -5.82
C TYR A 16 -6.46 0.44 -6.93
N GLU A 17 -5.56 1.41 -7.10
CA GLU A 17 -5.71 2.43 -8.14
C GLU A 17 -4.38 2.71 -8.83
N ASP A 18 -4.34 2.46 -10.13
CA ASP A 18 -3.13 2.69 -10.91
C ASP A 18 -2.71 4.16 -10.87
N LEU A 19 -1.43 4.41 -10.67
CA LEU A 19 -0.91 5.77 -10.61
C LEU A 19 0.12 6.01 -11.70
N THR A 20 0.93 5.00 -11.97
CA THR A 20 1.96 5.10 -13.01
C THR A 20 2.43 3.72 -13.45
N GLU A 21 2.31 3.44 -14.74
CA GLU A 21 2.72 2.17 -15.30
C GLU A 21 4.16 1.84 -14.89
N GLY A 22 4.57 0.59 -15.13
CA GLY A 22 5.92 0.17 -14.78
C GLY A 22 6.44 -0.89 -15.72
N SER A 23 5.59 -1.83 -16.10
CA SER A 23 5.99 -2.91 -16.99
C SER A 23 7.22 -3.63 -16.46
N GLY A 24 7.04 -4.43 -15.41
CA GLY A 24 8.15 -5.16 -14.82
C GLY A 24 7.71 -6.49 -14.23
N ALA A 25 8.55 -7.04 -13.35
CA ALA A 25 8.24 -8.31 -12.70
C ALA A 25 7.53 -8.10 -11.38
N GLU A 26 6.62 -9.00 -11.04
CA GLU A 26 5.87 -8.92 -9.80
C GLU A 26 6.68 -9.50 -8.64
N ALA A 27 6.60 -8.83 -7.48
CA ALA A 27 7.32 -9.29 -6.30
C ALA A 27 6.89 -10.69 -5.88
N ARG A 28 7.77 -11.40 -5.19
CA ARG A 28 7.47 -12.76 -4.74
C ARG A 28 7.92 -12.96 -3.29
N ALA A 29 7.11 -13.66 -2.52
CA ALA A 29 7.42 -13.94 -1.12
C ALA A 29 8.75 -14.67 -0.99
N GLY A 30 9.70 -14.06 -0.29
CA GLY A 30 11.01 -14.67 -0.11
C GLY A 30 12.12 -13.88 -0.75
N GLN A 31 11.75 -12.99 -1.69
CA GLN A 31 12.73 -12.18 -2.39
C GLN A 31 12.75 -10.75 -1.83
N THR A 32 13.91 -10.12 -1.86
CA THR A 32 14.06 -8.76 -1.37
C THR A 32 13.94 -7.75 -2.50
N VAL A 33 13.19 -6.68 -2.25
CA VAL A 33 12.99 -5.63 -3.24
C VAL A 33 12.92 -4.25 -2.59
N SER A 34 13.27 -3.22 -3.35
CA SER A 34 13.25 -1.85 -2.84
C SER A 34 12.06 -1.08 -3.41
N VAL A 35 11.18 -0.62 -2.53
CA VAL A 35 10.00 0.13 -2.94
C VAL A 35 9.70 1.25 -1.95
N HIS A 36 8.86 2.20 -2.38
CA HIS A 36 8.48 3.32 -1.52
C HIS A 36 7.01 3.22 -1.13
N TYR A 37 6.73 3.42 0.16
CA TYR A 37 5.37 3.34 0.66
C TYR A 37 4.94 4.69 1.22
N THR A 38 3.67 5.04 1.02
CA THR A 38 3.13 6.30 1.50
C THR A 38 1.83 6.08 2.29
N GLY A 39 1.58 6.94 3.25
CA GLY A 39 0.38 6.83 4.06
C GLY A 39 -0.59 7.97 3.82
N TRP A 40 -1.68 7.68 3.12
CA TRP A 40 -2.69 8.68 2.82
C TRP A 40 -4.06 8.26 3.34
N LEU A 41 -5.01 9.18 3.30
CA LEU A 41 -6.36 8.90 3.78
C LEU A 41 -7.28 8.52 2.61
N THR A 42 -8.51 8.16 2.94
CA THR A 42 -9.48 7.79 1.91
C THR A 42 -9.92 9.00 1.10
N ASP A 43 -9.56 10.18 1.57
CA ASP A 43 -9.91 11.42 0.87
C ASP A 43 -8.74 11.92 0.03
N GLY A 44 -7.54 11.41 0.33
CA GLY A 44 -6.37 11.83 -0.41
C GLY A 44 -5.34 12.51 0.47
N GLN A 45 -5.74 12.85 1.69
CA GLN A 45 -4.85 13.51 2.62
C GLN A 45 -3.59 12.69 2.86
N LYS A 46 -2.47 13.37 3.11
CA LYS A 46 -1.21 12.70 3.36
C LYS A 46 -0.74 12.93 4.79
N PHE A 47 -0.47 11.84 5.50
CA PHE A 47 -0.02 11.92 6.88
C PHE A 47 1.14 10.96 7.13
N ASP A 48 1.79 10.54 6.05
CA ASP A 48 2.93 9.63 6.15
C ASP A 48 3.62 9.48 4.80
N SER A 49 4.95 9.58 4.81
CA SER A 49 5.73 9.46 3.59
C SER A 49 7.15 8.98 3.89
N SER A 50 7.57 7.92 3.20
CA SER A 50 8.90 7.36 3.40
C SER A 50 9.98 8.38 3.07
N LYS A 51 9.60 9.41 2.32
CA LYS A 51 10.53 10.46 1.93
C LYS A 51 11.18 11.10 3.16
N ASP A 52 10.49 11.01 4.30
CA ASP A 52 11.00 11.58 5.53
C ASP A 52 12.42 11.09 5.81
N ARG A 53 12.65 9.80 5.59
CA ARG A 53 13.96 9.21 5.81
C ARG A 53 14.87 9.41 4.60
N ASN A 54 14.27 9.74 3.47
CA ASN A 54 15.02 9.96 2.24
C ASN A 54 15.74 8.69 1.80
N ASP A 55 14.97 7.63 1.56
CA ASP A 55 15.53 6.35 1.14
C ASP A 55 14.43 5.33 0.87
N PRO A 56 14.65 4.48 -0.15
CA PRO A 56 13.68 3.45 -0.52
C PRO A 56 13.58 2.34 0.52
N PHE A 57 12.35 1.87 0.75
CA PHE A 57 12.12 0.81 1.72
C PHE A 57 12.43 -0.56 1.13
N ALA A 58 13.59 -1.10 1.46
CA ALA A 58 14.01 -2.41 0.96
C ALA A 58 13.73 -3.50 1.99
N PHE A 59 13.03 -4.55 1.55
CA PHE A 59 12.71 -5.66 2.44
C PHE A 59 12.29 -6.89 1.64
N VAL A 60 12.04 -7.99 2.34
CA VAL A 60 11.64 -9.23 1.69
C VAL A 60 10.13 -9.42 1.77
N LEU A 61 9.53 -9.83 0.65
CA LEU A 61 8.09 -10.04 0.59
C LEU A 61 7.69 -11.27 1.40
N GLY A 62 6.56 -11.17 2.10
CA GLY A 62 6.08 -12.28 2.90
C GLY A 62 6.91 -12.49 4.16
N GLY A 63 7.75 -11.50 4.47
CA GLY A 63 8.59 -11.59 5.66
C GLY A 63 7.78 -11.80 6.93
N GLY A 64 6.71 -11.04 7.08
CA GLY A 64 5.87 -11.16 8.26
C GLY A 64 6.07 -10.02 9.23
N MET A 65 6.42 -8.85 8.71
CA MET A 65 6.64 -7.66 9.54
C MET A 65 5.60 -6.59 9.24
N VAL A 66 5.02 -6.65 8.05
CA VAL A 66 4.01 -5.68 7.65
C VAL A 66 2.60 -6.24 7.85
N ILE A 67 1.60 -5.39 7.65
CA ILE A 67 0.21 -5.80 7.80
C ILE A 67 -0.29 -6.54 6.57
N LYS A 68 -1.38 -7.27 6.72
CA LYS A 68 -1.97 -8.03 5.62
C LYS A 68 -2.06 -7.17 4.36
N GLY A 69 -2.63 -5.98 4.50
CA GLY A 69 -2.76 -5.09 3.36
C GLY A 69 -1.46 -4.88 2.63
N TRP A 70 -0.36 -4.76 3.38
CA TRP A 70 0.95 -4.55 2.81
C TRP A 70 1.42 -5.79 2.04
N ASP A 71 1.41 -6.94 2.72
CA ASP A 71 1.82 -8.20 2.12
C ASP A 71 1.05 -8.45 0.83
N GLU A 72 -0.27 -8.30 0.89
CA GLU A 72 -1.12 -8.51 -0.27
C GLU A 72 -0.76 -7.56 -1.40
N GLY A 73 -0.49 -6.31 -1.05
CA GLY A 73 -0.13 -5.32 -2.05
C GLY A 73 1.23 -5.58 -2.66
N VAL A 74 2.17 -6.04 -1.84
CA VAL A 74 3.52 -6.33 -2.30
C VAL A 74 3.56 -7.62 -3.12
N GLN A 75 2.60 -8.49 -2.88
CA GLN A 75 2.51 -9.76 -3.60
C GLN A 75 1.97 -9.55 -5.01
N GLY A 76 1.61 -8.30 -5.32
CA GLY A 76 1.08 -8.00 -6.63
C GLY A 76 1.86 -6.89 -7.33
N MET A 77 2.44 -6.00 -6.54
CA MET A 77 3.22 -4.89 -7.09
C MET A 77 4.24 -5.40 -8.10
N LYS A 78 4.49 -4.59 -9.12
CA LYS A 78 5.45 -4.94 -10.16
C LYS A 78 6.60 -3.94 -10.22
N VAL A 79 7.75 -4.39 -10.71
CA VAL A 79 8.92 -3.52 -10.82
C VAL A 79 8.61 -2.27 -11.63
N GLY A 80 8.76 -1.11 -11.01
CA GLY A 80 8.49 0.14 -11.69
C GLY A 80 7.02 0.51 -11.67
N GLY A 81 6.22 -0.33 -11.04
CA GLY A 81 4.78 -0.08 -10.97
C GLY A 81 4.42 0.77 -9.77
N VAL A 82 3.61 1.80 -10.00
CA VAL A 82 3.19 2.69 -8.93
C VAL A 82 1.67 2.82 -8.90
N ARG A 83 1.07 2.45 -7.76
CA ARG A 83 -0.38 2.52 -7.61
C ARG A 83 -0.76 2.64 -6.13
N ARG A 84 -1.87 3.32 -5.87
CA ARG A 84 -2.35 3.50 -4.51
C ARG A 84 -3.40 2.46 -4.14
N LEU A 85 -3.12 1.70 -3.09
CA LEU A 85 -4.04 0.66 -2.64
C LEU A 85 -4.67 1.04 -1.30
N THR A 86 -5.99 0.84 -1.20
CA THR A 86 -6.72 1.16 0.03
C THR A 86 -6.67 0.01 1.01
N ILE A 87 -5.95 0.20 2.11
CA ILE A 87 -5.83 -0.82 3.14
C ILE A 87 -6.82 -0.59 4.28
N PRO A 88 -7.89 -1.39 4.32
CA PRO A 88 -8.93 -1.29 5.35
C PRO A 88 -8.42 -1.74 6.73
N PRO A 89 -9.23 -1.49 7.76
CA PRO A 89 -8.89 -1.86 9.14
C PRO A 89 -8.89 -3.37 9.36
N GLN A 90 -9.80 -4.06 8.67
CA GLN A 90 -9.92 -5.50 8.79
C GLN A 90 -8.68 -6.20 8.22
N LEU A 91 -7.85 -5.43 7.51
CA LEU A 91 -6.63 -5.97 6.91
C LEU A 91 -5.40 -5.21 7.41
N GLY A 92 -5.61 -4.29 8.35
CA GLY A 92 -4.52 -3.52 8.89
C GLY A 92 -4.52 -3.50 10.41
N TYR A 93 -4.92 -2.36 10.98
CA TYR A 93 -4.96 -2.21 12.43
C TYR A 93 -6.04 -3.10 13.03
N GLY A 94 -7.27 -2.93 12.56
CA GLY A 94 -8.38 -3.72 13.06
C GLY A 94 -9.37 -2.89 13.86
N ALA A 95 -10.27 -3.56 14.57
CA ALA A 95 -11.28 -2.88 15.38
C ALA A 95 -10.71 -2.50 16.75
N ARG A 96 -9.42 -2.76 16.94
CA ARG A 96 -8.77 -2.44 18.21
C ARG A 96 -8.57 -0.94 18.36
N GLY A 97 -8.47 -0.24 17.23
CA GLY A 97 -8.28 1.20 17.26
C GLY A 97 -6.82 1.59 17.35
N ALA A 98 -6.52 2.84 16.99
CA ALA A 98 -5.15 3.33 17.03
C ALA A 98 -5.11 4.83 17.33
N GLY A 99 -6.17 5.32 17.98
CA GLY A 99 -6.24 6.73 18.32
C GLY A 99 -7.66 7.18 18.61
N GLY A 100 -7.83 8.49 18.79
CA GLY A 100 -9.14 9.03 19.07
C GLY A 100 -10.00 9.17 17.83
N VAL A 101 -9.42 9.76 16.78
CA VAL A 101 -10.13 9.97 15.53
C VAL A 101 -10.04 8.73 14.64
N ILE A 102 -9.44 7.67 15.17
CA ILE A 102 -9.28 6.43 14.42
C ILE A 102 -10.20 5.35 14.96
N PRO A 103 -11.41 5.25 14.37
CA PRO A 103 -12.40 4.26 14.78
C PRO A 103 -11.98 2.84 14.39
N PRO A 104 -12.72 1.84 14.93
CA PRO A 104 -12.44 0.43 14.66
C PRO A 104 -12.79 0.03 13.22
N ASN A 105 -13.46 0.93 12.52
CA ASN A 105 -13.85 0.69 11.13
C ASN A 105 -13.19 1.69 10.20
N ALA A 106 -12.20 2.40 10.70
CA ALA A 106 -11.48 3.38 9.90
C ALA A 106 -10.59 2.71 8.86
N THR A 107 -10.56 3.29 7.66
CA THR A 107 -9.76 2.73 6.58
C THR A 107 -8.63 3.68 6.20
N LEU A 108 -7.47 3.11 5.86
CA LEU A 108 -6.31 3.92 5.47
C LEU A 108 -5.82 3.52 4.09
N VAL A 109 -5.50 4.52 3.27
CA VAL A 109 -5.02 4.28 1.92
C VAL A 109 -3.50 4.49 1.84
N PHE A 110 -2.79 3.43 1.44
CA PHE A 110 -1.33 3.50 1.33
C PHE A 110 -0.89 3.29 -0.12
N GLU A 111 0.10 4.06 -0.55
CA GLU A 111 0.61 3.94 -1.92
C GLU A 111 1.86 3.08 -1.96
N VAL A 112 2.01 2.33 -3.05
CA VAL A 112 3.16 1.45 -3.21
C VAL A 112 3.78 1.61 -4.59
N GLU A 113 5.09 1.85 -4.64
CA GLU A 113 5.79 2.03 -5.90
C GLU A 113 7.10 1.23 -5.90
N LEU A 114 7.16 0.22 -6.78
CA LEU A 114 8.35 -0.62 -6.89
C LEU A 114 9.43 0.07 -7.71
N LEU A 115 10.63 0.15 -7.14
CA LEU A 115 11.75 0.79 -7.83
C LEU A 115 12.65 -0.26 -8.49
N ASP A 116 12.86 -1.37 -7.79
CA ASP A 116 13.69 -2.45 -8.30
C ASP A 116 13.69 -3.64 -7.35
N VAL A 117 13.92 -4.83 -7.90
CA VAL A 117 13.94 -6.05 -7.10
C VAL A 117 15.36 -6.38 -6.63
N GLY A 1 -3.68 10.63 -21.63
CA GLY A 1 -4.97 11.21 -21.93
C GLY A 1 -5.82 11.40 -20.68
N PRO A 2 -6.95 12.11 -20.84
CA PRO A 2 -7.87 12.37 -19.73
C PRO A 2 -8.62 11.12 -19.29
N GLY A 3 -8.73 10.93 -17.97
CA GLY A 3 -9.42 9.77 -17.44
C GLY A 3 -9.78 9.93 -15.97
N SER A 4 -10.88 9.30 -15.56
CA SER A 4 -11.34 9.39 -14.19
C SER A 4 -10.56 8.42 -13.30
N MET A 5 -10.65 8.63 -11.99
CA MET A 5 -9.96 7.78 -11.03
C MET A 5 -10.94 6.88 -10.29
N THR A 6 -11.06 5.64 -10.73
CA THR A 6 -11.96 4.68 -10.11
C THR A 6 -11.21 3.69 -9.23
N VAL A 7 -11.69 3.50 -8.01
CA VAL A 7 -11.06 2.57 -7.08
C VAL A 7 -11.68 1.18 -7.17
N VAL A 8 -10.84 0.16 -7.11
CA VAL A 8 -11.31 -1.22 -7.19
C VAL A 8 -11.06 -1.96 -5.88
N THR A 9 -12.06 -2.74 -5.45
CA THR A 9 -11.95 -3.50 -4.21
C THR A 9 -11.70 -4.98 -4.49
N THR A 10 -10.95 -5.62 -3.60
CA THR A 10 -10.64 -7.04 -3.75
C THR A 10 -11.64 -7.90 -3.00
N GLU A 11 -11.58 -9.22 -3.24
CA GLU A 11 -12.49 -10.16 -2.59
C GLU A 11 -12.29 -10.14 -1.08
N SER A 12 -11.10 -9.76 -0.65
CA SER A 12 -10.77 -9.71 0.77
C SER A 12 -11.25 -8.40 1.39
N GLY A 13 -11.00 -7.30 0.68
CA GLY A 13 -11.41 -5.99 1.18
C GLY A 13 -10.50 -4.89 0.70
N LEU A 14 -9.20 -5.16 0.69
CA LEU A 14 -8.22 -4.17 0.25
C LEU A 14 -8.50 -3.71 -1.17
N LYS A 15 -8.26 -2.43 -1.43
CA LYS A 15 -8.49 -1.85 -2.75
C LYS A 15 -7.18 -1.46 -3.41
N TYR A 16 -7.23 -1.20 -4.71
CA TYR A 16 -6.04 -0.81 -5.46
C TYR A 16 -6.40 0.12 -6.62
N GLU A 17 -5.64 1.20 -6.76
CA GLU A 17 -5.88 2.16 -7.83
C GLU A 17 -4.57 2.51 -8.54
N ASP A 18 -4.54 2.26 -9.85
CA ASP A 18 -3.36 2.55 -10.65
C ASP A 18 -3.02 4.04 -10.61
N LEU A 19 -1.75 4.34 -10.41
CA LEU A 19 -1.29 5.72 -10.35
C LEU A 19 -0.24 5.99 -11.42
N THR A 20 0.56 4.99 -11.74
CA THR A 20 1.60 5.11 -12.75
C THR A 20 2.03 3.75 -13.28
N GLU A 21 1.86 3.55 -14.58
CA GLU A 21 2.23 2.29 -15.22
C GLU A 21 3.66 1.91 -14.87
N GLY A 22 4.01 0.65 -15.10
CA GLY A 22 5.35 0.18 -14.80
C GLY A 22 5.63 -1.20 -15.39
N SER A 23 6.20 -1.20 -16.59
CA SER A 23 6.52 -2.46 -17.28
C SER A 23 7.78 -3.09 -16.69
N GLY A 24 7.63 -3.75 -15.55
CA GLY A 24 8.76 -4.39 -14.91
C GLY A 24 8.51 -5.85 -14.59
N ALA A 25 8.45 -6.18 -13.31
CA ALA A 25 8.21 -7.55 -12.88
C ALA A 25 7.49 -7.59 -11.54
N GLU A 26 6.49 -8.45 -11.42
CA GLU A 26 5.73 -8.58 -10.19
C GLU A 26 6.57 -9.23 -9.09
N ALA A 27 6.52 -8.65 -7.90
CA ALA A 27 7.28 -9.16 -6.77
C ALA A 27 6.86 -10.60 -6.43
N ARG A 28 7.80 -11.37 -5.89
CA ARG A 28 7.53 -12.76 -5.54
C ARG A 28 7.84 -13.01 -4.06
N ALA A 29 6.98 -13.77 -3.40
CA ALA A 29 7.16 -14.09 -2.00
C ALA A 29 8.47 -14.85 -1.77
N GLY A 30 9.36 -14.26 -0.99
CA GLY A 30 10.64 -14.89 -0.71
C GLY A 30 11.81 -14.10 -1.26
N GLN A 31 11.53 -13.20 -2.20
CA GLN A 31 12.58 -12.39 -2.81
C GLN A 31 12.59 -10.99 -2.20
N THR A 32 13.79 -10.43 -2.04
CA THR A 32 13.94 -9.09 -1.48
C THR A 32 13.82 -8.02 -2.55
N VAL A 33 13.09 -6.95 -2.24
CA VAL A 33 12.91 -5.86 -3.19
C VAL A 33 12.76 -4.52 -2.46
N SER A 34 12.92 -3.43 -3.19
CA SER A 34 12.82 -2.09 -2.63
C SER A 34 11.58 -1.37 -3.17
N VAL A 35 10.76 -0.87 -2.26
CA VAL A 35 9.54 -0.16 -2.63
C VAL A 35 9.28 1.02 -1.69
N HIS A 36 8.51 1.99 -2.18
CA HIS A 36 8.18 3.16 -1.38
C HIS A 36 6.70 3.15 -0.97
N TYR A 37 6.45 3.40 0.31
CA TYR A 37 5.09 3.41 0.83
C TYR A 37 4.72 4.80 1.34
N THR A 38 3.55 5.28 0.89
CA THR A 38 3.07 6.60 1.30
C THR A 38 1.73 6.50 2.00
N GLY A 39 1.73 6.72 3.31
CA GLY A 39 0.49 6.65 4.07
C GLY A 39 -0.50 7.72 3.68
N TRP A 40 -1.55 7.32 2.96
CA TRP A 40 -2.57 8.26 2.51
C TRP A 40 -3.92 7.94 3.15
N LEU A 41 -4.84 8.89 3.08
CA LEU A 41 -6.17 8.71 3.66
C LEU A 41 -7.17 8.28 2.58
N THR A 42 -8.40 7.99 3.01
CA THR A 42 -9.45 7.58 2.09
C THR A 42 -9.89 8.74 1.20
N ASP A 43 -9.43 9.94 1.52
CA ASP A 43 -9.78 11.13 0.76
C ASP A 43 -8.67 11.49 -0.22
N GLY A 44 -7.47 11.00 0.06
CA GLY A 44 -6.33 11.28 -0.80
C GLY A 44 -5.28 12.13 -0.13
N GLN A 45 -5.48 12.40 1.16
CA GLN A 45 -4.55 13.21 1.93
C GLN A 45 -3.35 12.38 2.37
N LYS A 46 -2.19 13.03 2.47
CA LYS A 46 -0.97 12.35 2.88
C LYS A 46 -0.61 12.70 4.32
N PHE A 47 -0.28 11.68 5.11
CA PHE A 47 0.08 11.89 6.51
C PHE A 47 1.24 10.97 6.90
N ASP A 48 2.00 10.51 5.92
CA ASP A 48 3.12 9.63 6.17
C ASP A 48 3.86 9.31 4.87
N SER A 49 5.18 9.53 4.87
CA SER A 49 6.00 9.28 3.69
C SER A 49 7.36 8.71 4.09
N SER A 50 7.86 7.78 3.30
CA SER A 50 9.14 7.15 3.57
C SER A 50 10.29 8.15 3.35
N LYS A 51 9.97 9.29 2.76
CA LYS A 51 10.95 10.32 2.49
C LYS A 51 11.65 10.74 3.79
N ASP A 52 10.98 10.54 4.91
CA ASP A 52 11.54 10.89 6.21
C ASP A 52 12.94 10.32 6.37
N ARG A 53 13.17 9.14 5.80
CA ARG A 53 14.46 8.47 5.89
C ARG A 53 15.27 8.70 4.62
N ASN A 54 14.59 9.11 3.56
CA ASN A 54 15.24 9.34 2.27
C ASN A 54 15.84 8.06 1.71
N ASP A 55 14.98 7.06 1.51
CA ASP A 55 15.41 5.78 0.98
C ASP A 55 14.24 4.81 0.85
N PRO A 56 14.26 3.98 -0.21
CA PRO A 56 13.20 3.01 -0.47
C PRO A 56 13.20 1.87 0.54
N PHE A 57 12.01 1.45 0.95
CA PHE A 57 11.86 0.38 1.92
C PHE A 57 12.24 -0.97 1.30
N ALA A 58 13.45 -1.44 1.61
CA ALA A 58 13.93 -2.70 1.08
C ALA A 58 13.74 -3.82 2.09
N PHE A 59 13.04 -4.88 1.69
CA PHE A 59 12.80 -6.01 2.57
C PHE A 59 12.40 -7.25 1.76
N VAL A 60 12.13 -8.34 2.46
CA VAL A 60 11.74 -9.59 1.81
C VAL A 60 10.22 -9.69 1.69
N LEU A 61 9.75 -9.89 0.46
CA LEU A 61 8.32 -10.00 0.20
C LEU A 61 7.71 -11.14 1.02
N GLY A 62 6.56 -10.87 1.62
CA GLY A 62 5.88 -11.88 2.42
C GLY A 62 6.20 -11.76 3.89
N GLY A 63 7.24 -11.00 4.21
CA GLY A 63 7.63 -10.81 5.59
C GLY A 63 7.74 -9.35 5.98
N GLY A 64 8.88 -8.97 6.55
CA GLY A 64 9.09 -7.60 6.96
C GLY A 64 8.18 -7.19 8.11
N MET A 65 7.52 -8.17 8.71
CA MET A 65 6.62 -7.90 9.83
C MET A 65 5.62 -6.81 9.47
N VAL A 66 4.98 -6.95 8.32
CA VAL A 66 3.99 -5.97 7.86
C VAL A 66 2.57 -6.52 7.99
N ILE A 67 1.59 -5.64 7.82
CA ILE A 67 0.19 -6.04 7.91
C ILE A 67 -0.26 -6.75 6.64
N LYS A 68 -1.36 -7.48 6.74
CA LYS A 68 -1.90 -8.22 5.60
C LYS A 68 -1.97 -7.33 4.37
N GLY A 69 -2.58 -6.15 4.51
CA GLY A 69 -2.69 -5.23 3.41
C GLY A 69 -1.36 -4.96 2.74
N TRP A 70 -0.31 -4.85 3.54
CA TRP A 70 1.03 -4.58 3.03
C TRP A 70 1.54 -5.77 2.21
N ASP A 71 1.44 -6.97 2.78
CA ASP A 71 1.89 -8.18 2.10
C ASP A 71 1.11 -8.40 0.82
N GLU A 72 -0.21 -8.23 0.89
CA GLU A 72 -1.07 -8.41 -0.26
C GLU A 72 -0.73 -7.42 -1.37
N GLY A 73 -0.35 -6.20 -0.96
CA GLY A 73 0.00 -5.18 -1.93
C GLY A 73 1.38 -5.37 -2.51
N VAL A 74 2.36 -5.62 -1.64
CA VAL A 74 3.73 -5.82 -2.07
C VAL A 74 3.87 -7.11 -2.87
N GLN A 75 2.95 -8.04 -2.65
CA GLN A 75 2.98 -9.31 -3.37
C GLN A 75 2.17 -9.23 -4.66
N GLY A 76 1.91 -8.01 -5.11
CA GLY A 76 1.15 -7.81 -6.33
C GLY A 76 1.77 -6.76 -7.23
N MET A 77 2.33 -5.71 -6.62
CA MET A 77 2.96 -4.63 -7.37
C MET A 77 4.11 -5.15 -8.21
N LYS A 78 4.46 -4.41 -9.26
CA LYS A 78 5.56 -4.80 -10.14
C LYS A 78 6.62 -3.71 -10.23
N VAL A 79 7.84 -4.10 -10.57
CA VAL A 79 8.94 -3.14 -10.69
C VAL A 79 8.55 -1.96 -11.58
N GLY A 80 8.67 -0.75 -11.03
CA GLY A 80 8.34 0.43 -11.79
C GLY A 80 6.86 0.76 -11.74
N GLY A 81 6.10 -0.08 -11.03
CA GLY A 81 4.67 0.14 -10.92
C GLY A 81 4.29 0.93 -9.68
N VAL A 82 3.43 1.92 -9.85
CA VAL A 82 2.98 2.75 -8.74
C VAL A 82 1.47 2.82 -8.67
N ARG A 83 0.90 2.34 -7.58
CA ARG A 83 -0.54 2.34 -7.39
C ARG A 83 -0.90 2.52 -5.91
N ARG A 84 -2.04 3.16 -5.65
CA ARG A 84 -2.49 3.39 -4.29
C ARG A 84 -3.39 2.26 -3.81
N LEU A 85 -2.89 1.48 -2.85
CA LEU A 85 -3.66 0.36 -2.31
C LEU A 85 -4.31 0.73 -0.98
N THR A 86 -5.62 0.55 -0.90
CA THR A 86 -6.36 0.88 0.32
C THR A 86 -6.34 -0.30 1.30
N ILE A 87 -5.65 -0.12 2.42
CA ILE A 87 -5.57 -1.16 3.44
C ILE A 87 -6.56 -0.92 4.56
N PRO A 88 -7.66 -1.69 4.56
CA PRO A 88 -8.71 -1.58 5.57
C PRO A 88 -8.25 -2.07 6.94
N PRO A 89 -9.07 -1.83 7.98
CA PRO A 89 -8.77 -2.25 9.35
C PRO A 89 -8.83 -3.76 9.52
N GLN A 90 -9.75 -4.40 8.82
CA GLN A 90 -9.91 -5.85 8.90
C GLN A 90 -8.69 -6.56 8.32
N LEU A 91 -7.83 -5.80 7.64
CA LEU A 91 -6.63 -6.37 7.04
C LEU A 91 -5.38 -5.62 7.51
N GLY A 92 -5.56 -4.74 8.49
CA GLY A 92 -4.45 -3.97 9.02
C GLY A 92 -4.62 -3.63 10.48
N TYR A 93 -5.05 -2.41 10.75
CA TYR A 93 -5.25 -1.95 12.12
C TYR A 93 -6.31 -2.80 12.83
N GLY A 94 -7.55 -2.65 12.40
CA GLY A 94 -8.64 -3.41 13.00
C GLY A 94 -9.58 -2.54 13.81
N ALA A 95 -10.43 -3.18 14.61
CA ALA A 95 -11.39 -2.44 15.43
C ALA A 95 -10.74 -1.99 16.74
N ARG A 96 -9.45 -2.25 16.88
CA ARG A 96 -8.73 -1.87 18.09
C ARG A 96 -8.61 -0.35 18.20
N GLY A 97 -8.70 0.33 17.07
CA GLY A 97 -8.61 1.78 17.06
C GLY A 97 -7.22 2.28 17.38
N ALA A 98 -6.85 3.43 16.82
CA ALA A 98 -5.53 4.00 17.05
C ALA A 98 -5.65 5.36 17.75
N GLY A 99 -6.80 6.01 17.59
CA GLY A 99 -7.01 7.31 18.20
C GLY A 99 -8.47 7.72 18.19
N GLY A 100 -8.72 8.98 18.52
CA GLY A 100 -10.08 9.48 18.54
C GLY A 100 -10.68 9.59 17.15
N VAL A 101 -9.95 10.23 16.23
CA VAL A 101 -10.42 10.40 14.87
C VAL A 101 -10.27 9.10 14.07
N ILE A 102 -9.66 8.10 14.70
CA ILE A 102 -9.46 6.81 14.05
C ILE A 102 -10.38 5.75 14.65
N PRO A 103 -11.59 5.62 14.10
CA PRO A 103 -12.58 4.64 14.55
C PRO A 103 -12.17 3.20 14.24
N PRO A 104 -12.87 2.24 14.85
CA PRO A 104 -12.60 0.82 14.64
C PRO A 104 -12.98 0.34 13.25
N ASN A 105 -13.68 1.21 12.51
CA ASN A 105 -14.10 0.87 11.15
C ASN A 105 -13.42 1.79 10.13
N ALA A 106 -12.40 2.51 10.58
CA ALA A 106 -11.67 3.42 9.71
C ALA A 106 -10.69 2.65 8.82
N THR A 107 -10.50 3.15 7.61
CA THR A 107 -9.60 2.51 6.65
C THR A 107 -8.36 3.37 6.40
N LEU A 108 -7.22 2.72 6.19
CA LEU A 108 -5.97 3.42 5.93
C LEU A 108 -5.45 3.11 4.54
N VAL A 109 -5.15 4.16 3.78
CA VAL A 109 -4.64 3.99 2.42
C VAL A 109 -3.12 4.15 2.38
N PHE A 110 -2.49 3.48 1.44
CA PHE A 110 -1.04 3.53 1.30
C PHE A 110 -0.63 3.41 -0.17
N GLU A 111 0.26 4.30 -0.61
CA GLU A 111 0.74 4.29 -1.99
C GLU A 111 1.98 3.42 -2.13
N VAL A 112 1.84 2.30 -2.82
CA VAL A 112 2.96 1.39 -3.02
C VAL A 112 3.56 1.56 -4.41
N GLU A 113 4.87 1.81 -4.46
CA GLU A 113 5.56 2.01 -5.73
C GLU A 113 6.85 1.20 -5.76
N LEU A 114 6.91 0.20 -6.64
CA LEU A 114 8.08 -0.64 -6.77
C LEU A 114 9.23 0.11 -7.43
N LEU A 115 10.39 0.12 -6.76
CA LEU A 115 11.56 0.81 -7.29
C LEU A 115 12.50 -0.16 -7.99
N ASP A 116 12.77 -1.29 -7.34
CA ASP A 116 13.64 -2.31 -7.90
C ASP A 116 13.51 -3.62 -7.14
N VAL A 117 14.01 -4.70 -7.73
CA VAL A 117 13.95 -6.02 -7.12
C VAL A 117 15.33 -6.48 -6.66
N GLY A 1 -2.33 11.85 -15.99
CA GLY A 1 -2.10 12.98 -15.10
C GLY A 1 -3.13 13.04 -13.99
N PRO A 2 -3.17 14.20 -13.29
CA PRO A 2 -4.09 14.42 -12.18
C PRO A 2 -5.54 14.56 -12.67
N GLY A 3 -6.47 14.66 -11.72
CA GLY A 3 -7.87 14.81 -12.07
C GLY A 3 -8.75 13.83 -11.31
N SER A 4 -9.61 13.12 -12.04
CA SER A 4 -10.52 12.16 -11.43
C SER A 4 -9.74 11.02 -10.77
N MET A 5 -10.11 10.71 -9.54
CA MET A 5 -9.44 9.65 -8.79
C MET A 5 -10.36 8.44 -8.62
N THR A 6 -10.45 7.62 -9.67
CA THR A 6 -11.30 6.44 -9.64
C THR A 6 -10.73 5.38 -8.71
N VAL A 7 -11.50 5.05 -7.67
CA VAL A 7 -11.08 4.05 -6.70
C VAL A 7 -11.95 2.80 -6.78
N VAL A 8 -11.44 1.76 -7.43
CA VAL A 8 -12.17 0.51 -7.58
C VAL A 8 -12.15 -0.28 -6.28
N THR A 9 -13.33 -0.59 -5.76
CA THR A 9 -13.45 -1.36 -4.52
C THR A 9 -13.63 -2.85 -4.81
N THR A 10 -13.14 -3.68 -3.89
CA THR A 10 -13.26 -5.13 -4.05
C THR A 10 -14.37 -5.70 -3.17
N GLU A 11 -14.49 -7.02 -3.15
CA GLU A 11 -15.51 -7.68 -2.35
C GLU A 11 -15.11 -7.72 -0.88
N SER A 12 -13.81 -7.64 -0.62
CA SER A 12 -13.30 -7.68 0.74
C SER A 12 -13.20 -6.27 1.33
N GLY A 13 -13.78 -5.30 0.62
CA GLY A 13 -13.75 -3.93 1.07
C GLY A 13 -12.55 -3.17 0.56
N LEU A 14 -11.38 -3.81 0.61
CA LEU A 14 -10.15 -3.19 0.14
C LEU A 14 -10.32 -2.63 -1.28
N LYS A 15 -9.66 -1.51 -1.55
CA LYS A 15 -9.73 -0.89 -2.87
C LYS A 15 -8.34 -0.81 -3.51
N TYR A 16 -8.32 -0.58 -4.82
CA TYR A 16 -7.06 -0.48 -5.55
C TYR A 16 -7.20 0.48 -6.73
N GLU A 17 -6.17 1.30 -6.93
CA GLU A 17 -6.17 2.26 -8.03
C GLU A 17 -4.75 2.54 -8.51
N ASP A 18 -4.50 2.24 -9.78
CA ASP A 18 -3.19 2.45 -10.38
C ASP A 18 -2.79 3.93 -10.33
N LEU A 19 -1.50 4.19 -10.22
CA LEU A 19 -1.00 5.56 -10.16
C LEU A 19 -0.17 5.89 -11.39
N THR A 20 0.82 5.04 -11.67
CA THR A 20 1.70 5.24 -12.82
C THR A 20 2.22 3.91 -13.35
N GLU A 21 2.08 3.69 -14.65
CA GLU A 21 2.54 2.46 -15.28
C GLU A 21 4.00 2.17 -14.91
N GLY A 22 4.46 0.97 -15.22
CA GLY A 22 5.83 0.59 -14.92
C GLY A 22 6.34 -0.51 -15.82
N SER A 23 5.71 -1.68 -15.75
CA SER A 23 6.12 -2.82 -16.57
C SER A 23 7.54 -3.25 -16.22
N GLY A 24 7.66 -4.10 -15.20
CA GLY A 24 8.96 -4.59 -14.79
C GLY A 24 8.92 -6.03 -14.34
N ALA A 25 8.93 -6.23 -13.02
CA ALA A 25 8.89 -7.57 -12.45
C ALA A 25 8.08 -7.61 -11.16
N GLU A 26 7.09 -8.49 -11.11
CA GLU A 26 6.24 -8.62 -9.93
C GLU A 26 7.01 -9.24 -8.77
N ALA A 27 6.92 -8.60 -7.61
CA ALA A 27 7.61 -9.09 -6.42
C ALA A 27 7.13 -10.49 -6.03
N ARG A 28 7.99 -11.24 -5.36
CA ARG A 28 7.65 -12.60 -4.95
C ARG A 28 8.03 -12.83 -3.49
N ALA A 29 7.17 -13.52 -2.76
CA ALA A 29 7.41 -13.81 -1.35
C ALA A 29 8.72 -14.59 -1.17
N GLY A 30 9.64 -14.01 -0.41
CA GLY A 30 10.91 -14.66 -0.18
C GLY A 30 12.08 -13.87 -0.75
N GLN A 31 11.79 -13.00 -1.71
CA GLN A 31 12.82 -12.19 -2.34
C GLN A 31 12.80 -10.77 -1.79
N THR A 32 13.99 -10.17 -1.69
CA THR A 32 14.11 -8.81 -1.17
C THR A 32 14.04 -7.78 -2.31
N VAL A 33 13.27 -6.72 -2.09
CA VAL A 33 13.12 -5.67 -3.09
C VAL A 33 12.91 -4.31 -2.43
N SER A 34 13.17 -3.25 -3.19
CA SER A 34 13.01 -1.89 -2.69
C SER A 34 11.72 -1.26 -3.22
N VAL A 35 10.91 -0.74 -2.30
CA VAL A 35 9.65 -0.11 -2.68
C VAL A 35 9.36 1.10 -1.79
N HIS A 36 8.48 1.98 -2.27
CA HIS A 36 8.11 3.17 -1.52
C HIS A 36 6.68 3.07 -1.00
N TYR A 37 6.50 3.38 0.28
CA TYR A 37 5.19 3.31 0.90
C TYR A 37 4.73 4.69 1.37
N THR A 38 3.51 5.06 1.00
CA THR A 38 2.96 6.36 1.38
C THR A 38 1.63 6.20 2.10
N GLY A 39 1.63 6.39 3.41
CA GLY A 39 0.42 6.27 4.19
C GLY A 39 -0.53 7.43 3.98
N TRP A 40 -1.66 7.16 3.33
CA TRP A 40 -2.65 8.20 3.06
C TRP A 40 -4.00 7.83 3.67
N LEU A 41 -4.81 8.84 3.93
CA LEU A 41 -6.13 8.63 4.52
C LEU A 41 -7.19 8.44 3.45
N THR A 42 -8.36 7.95 3.85
CA THR A 42 -9.45 7.73 2.91
C THR A 42 -9.90 9.03 2.26
N ASP A 43 -9.51 10.15 2.85
CA ASP A 43 -9.86 11.47 2.32
C ASP A 43 -8.78 11.98 1.37
N GLY A 44 -7.59 11.41 1.49
CA GLY A 44 -6.49 11.83 0.64
C GLY A 44 -5.38 12.53 1.41
N GLN A 45 -5.52 12.56 2.73
CA GLN A 45 -4.53 13.20 3.58
C GLN A 45 -3.28 12.34 3.71
N LYS A 46 -2.13 12.99 3.87
CA LYS A 46 -0.86 12.29 4.00
C LYS A 46 -0.38 12.29 5.45
N PHE A 47 -0.10 11.11 5.97
CA PHE A 47 0.36 10.97 7.35
C PHE A 47 1.52 9.98 7.44
N ASP A 48 2.17 9.74 6.31
CA ASP A 48 3.29 8.82 6.25
C ASP A 48 3.91 8.78 4.85
N SER A 49 5.21 8.99 4.77
CA SER A 49 5.92 8.99 3.49
C SER A 49 7.36 8.56 3.68
N SER A 50 7.76 7.51 2.95
CA SER A 50 9.13 6.99 3.03
C SER A 50 10.13 8.05 2.58
N LYS A 51 9.64 9.06 1.87
CA LYS A 51 10.49 10.13 1.38
C LYS A 51 11.22 10.82 2.53
N ASP A 52 10.67 10.70 3.73
CA ASP A 52 11.26 11.30 4.92
C ASP A 52 12.74 10.93 5.04
N ARG A 53 13.04 9.65 4.79
CA ARG A 53 14.41 9.17 4.86
C ARG A 53 15.16 9.44 3.57
N ASN A 54 14.43 9.78 2.52
CA ASN A 54 15.02 10.06 1.22
C ASN A 54 15.72 8.82 0.66
N ASP A 55 14.97 7.73 0.56
CA ASP A 55 15.51 6.48 0.04
C ASP A 55 14.43 5.40 -0.01
N PRO A 56 14.62 4.41 -0.89
CA PRO A 56 13.67 3.30 -1.07
C PRO A 56 13.67 2.35 0.12
N PHE A 57 12.57 1.65 0.32
CA PHE A 57 12.44 0.71 1.43
C PHE A 57 12.73 -0.72 0.97
N ALA A 58 13.93 -1.20 1.26
CA ALA A 58 14.33 -2.55 0.87
C ALA A 58 14.01 -3.55 1.98
N PHE A 59 13.21 -4.55 1.64
CA PHE A 59 12.83 -5.58 2.61
C PHE A 59 12.46 -6.88 1.91
N VAL A 60 12.35 -7.96 2.68
CA VAL A 60 12.00 -9.26 2.12
C VAL A 60 10.48 -9.45 2.08
N LEU A 61 9.98 -9.86 0.92
CA LEU A 61 8.55 -10.08 0.75
C LEU A 61 8.09 -11.34 1.49
N GLY A 62 6.87 -11.30 2.01
CA GLY A 62 6.34 -12.45 2.73
C GLY A 62 6.97 -12.61 4.10
N GLY A 63 7.56 -11.53 4.61
CA GLY A 63 8.19 -11.58 5.92
C GLY A 63 7.19 -11.70 7.05
N GLY A 64 6.18 -10.83 7.05
CA GLY A 64 5.17 -10.87 8.09
C GLY A 64 5.17 -9.61 8.94
N MET A 65 6.26 -8.86 8.89
CA MET A 65 6.37 -7.62 9.66
C MET A 65 5.36 -6.59 9.18
N VAL A 66 4.97 -6.69 7.92
CA VAL A 66 4.00 -5.76 7.35
C VAL A 66 2.59 -6.33 7.43
N ILE A 67 1.61 -5.43 7.55
CA ILE A 67 0.21 -5.84 7.63
C ILE A 67 -0.19 -6.69 6.43
N LYS A 68 -1.22 -7.51 6.61
CA LYS A 68 -1.70 -8.38 5.54
C LYS A 68 -1.86 -7.59 4.25
N GLY A 69 -2.56 -6.46 4.33
CA GLY A 69 -2.77 -5.64 3.15
C GLY A 69 -1.47 -5.28 2.45
N TRP A 70 -0.43 -5.02 3.22
CA TRP A 70 0.87 -4.66 2.67
C TRP A 70 1.47 -5.83 1.90
N ASP A 71 1.58 -6.97 2.57
CA ASP A 71 2.14 -8.17 1.94
C ASP A 71 1.40 -8.50 0.64
N GLU A 72 0.07 -8.49 0.70
CA GLU A 72 -0.74 -8.79 -0.46
C GLU A 72 -0.44 -7.82 -1.61
N GLY A 73 -0.26 -6.55 -1.26
CA GLY A 73 0.03 -5.54 -2.27
C GLY A 73 1.43 -5.68 -2.83
N VAL A 74 2.40 -5.89 -1.95
CA VAL A 74 3.80 -6.04 -2.36
C VAL A 74 3.99 -7.27 -3.22
N GLN A 75 3.12 -8.27 -3.01
CA GLN A 75 3.20 -9.51 -3.78
C GLN A 75 2.52 -9.36 -5.13
N GLY A 76 2.06 -8.15 -5.43
CA GLY A 76 1.39 -7.90 -6.70
C GLY A 76 2.05 -6.79 -7.48
N MET A 77 2.66 -5.84 -6.77
CA MET A 77 3.33 -4.72 -7.42
C MET A 77 4.48 -5.19 -8.29
N LYS A 78 4.78 -4.44 -9.34
CA LYS A 78 5.86 -4.78 -10.26
C LYS A 78 6.93 -3.70 -10.28
N VAL A 79 8.17 -4.10 -10.49
CA VAL A 79 9.29 -3.16 -10.53
C VAL A 79 9.01 -2.01 -11.48
N GLY A 80 9.13 -0.79 -10.98
CA GLY A 80 8.89 0.38 -11.81
C GLY A 80 7.41 0.74 -11.87
N GLY A 81 6.59 -0.03 -11.17
CA GLY A 81 5.16 0.23 -11.18
C GLY A 81 4.70 0.93 -9.91
N VAL A 82 3.79 1.88 -10.06
CA VAL A 82 3.27 2.63 -8.92
C VAL A 82 1.74 2.58 -8.89
N ARG A 83 1.20 2.08 -7.78
CA ARG A 83 -0.24 1.98 -7.62
C ARG A 83 -0.63 2.14 -6.15
N ARG A 84 -1.77 2.78 -5.91
CA ARG A 84 -2.26 3.00 -4.55
C ARG A 84 -3.41 2.04 -4.23
N LEU A 85 -3.35 1.44 -3.05
CA LEU A 85 -4.39 0.50 -2.62
C LEU A 85 -4.88 0.83 -1.22
N THR A 86 -6.18 0.76 -1.02
CA THR A 86 -6.78 1.05 0.28
C THR A 86 -6.97 -0.21 1.09
N ILE A 87 -6.18 -0.35 2.16
CA ILE A 87 -6.26 -1.52 3.02
C ILE A 87 -7.14 -1.24 4.23
N PRO A 88 -8.18 -2.08 4.41
CA PRO A 88 -9.12 -1.94 5.54
C PRO A 88 -8.47 -2.29 6.88
N PRO A 89 -9.19 -2.03 7.97
CA PRO A 89 -8.71 -2.32 9.33
C PRO A 89 -8.64 -3.81 9.62
N GLN A 90 -9.57 -4.57 9.06
CA GLN A 90 -9.61 -6.01 9.25
C GLN A 90 -8.41 -6.68 8.60
N LEU A 91 -7.69 -5.92 7.77
CA LEU A 91 -6.52 -6.44 7.08
C LEU A 91 -5.28 -5.61 7.40
N GLY A 92 -5.42 -4.67 8.33
CA GLY A 92 -4.32 -3.83 8.71
C GLY A 92 -4.32 -3.49 10.19
N TYR A 93 -4.79 -2.29 10.52
CA TYR A 93 -4.84 -1.85 11.90
C TYR A 93 -5.82 -2.70 12.71
N GLY A 94 -7.10 -2.57 12.38
CA GLY A 94 -8.12 -3.33 13.09
C GLY A 94 -9.03 -2.45 13.93
N ALA A 95 -10.00 -3.07 14.59
CA ALA A 95 -10.94 -2.34 15.43
C ALA A 95 -10.24 -1.77 16.66
N ARG A 96 -9.01 -2.21 16.90
CA ARG A 96 -8.23 -1.73 18.04
C ARG A 96 -8.21 -0.21 18.09
N GLY A 97 -8.27 0.42 16.92
CA GLY A 97 -8.25 1.87 16.86
C GLY A 97 -6.89 2.45 17.14
N ALA A 98 -6.63 3.64 16.62
CA ALA A 98 -5.34 4.30 16.84
C ALA A 98 -5.53 5.65 17.52
N GLY A 99 -6.66 6.30 17.25
CA GLY A 99 -6.94 7.59 17.85
C GLY A 99 -8.42 7.90 17.91
N GLY A 100 -8.75 9.18 18.09
CA GLY A 100 -10.14 9.58 18.15
C GLY A 100 -10.79 9.63 16.79
N VAL A 101 -10.12 10.27 15.84
CA VAL A 101 -10.64 10.39 14.48
C VAL A 101 -10.50 9.08 13.72
N ILE A 102 -9.83 8.11 14.34
CA ILE A 102 -9.63 6.80 13.72
C ILE A 102 -10.49 5.74 14.39
N PRO A 103 -11.71 5.54 13.87
CA PRO A 103 -12.65 4.56 14.40
C PRO A 103 -12.20 3.12 14.13
N PRO A 104 -12.84 2.16 14.80
CA PRO A 104 -12.53 0.74 14.65
C PRO A 104 -12.93 0.20 13.27
N ASN A 105 -13.66 1.01 12.51
CA ASN A 105 -14.11 0.62 11.18
C ASN A 105 -13.51 1.53 10.12
N ALA A 106 -12.51 2.31 10.50
CA ALA A 106 -11.84 3.22 9.58
C ALA A 106 -10.90 2.47 8.65
N THR A 107 -10.77 2.96 7.42
CA THR A 107 -9.90 2.33 6.43
C THR A 107 -8.61 3.14 6.25
N LEU A 108 -7.52 2.44 5.97
CA LEU A 108 -6.23 3.09 5.77
C LEU A 108 -5.73 2.87 4.34
N VAL A 109 -5.31 3.96 3.70
CA VAL A 109 -4.80 3.89 2.34
C VAL A 109 -3.28 3.98 2.31
N PHE A 110 -2.67 3.27 1.37
CA PHE A 110 -1.22 3.26 1.24
C PHE A 110 -0.81 3.14 -0.23
N GLU A 111 0.15 3.96 -0.63
CA GLU A 111 0.64 3.94 -2.02
C GLU A 111 1.95 3.18 -2.12
N VAL A 112 1.98 2.18 -2.98
CA VAL A 112 3.17 1.36 -3.18
C VAL A 112 3.83 1.67 -4.52
N GLU A 113 5.14 1.92 -4.49
CA GLU A 113 5.89 2.23 -5.70
C GLU A 113 7.15 1.39 -5.79
N LEU A 114 7.12 0.37 -6.63
CA LEU A 114 8.27 -0.52 -6.81
C LEU A 114 9.41 0.20 -7.52
N LEU A 115 10.60 0.13 -6.95
CA LEU A 115 11.77 0.77 -7.53
C LEU A 115 12.68 -0.25 -8.20
N ASP A 116 12.91 -1.37 -7.52
CA ASP A 116 13.74 -2.43 -8.05
C ASP A 116 13.75 -3.65 -7.12
N VAL A 117 14.33 -4.75 -7.60
CA VAL A 117 14.40 -5.97 -6.80
C VAL A 117 15.83 -6.26 -6.39
N GLY A 1 -24.78 4.12 -2.18
CA GLY A 1 -24.40 3.53 -3.46
C GLY A 1 -23.27 4.29 -4.12
N PRO A 2 -23.58 5.50 -4.62
CA PRO A 2 -22.59 6.34 -5.30
C PRO A 2 -21.54 6.90 -4.34
N GLY A 3 -20.28 6.59 -4.60
CA GLY A 3 -19.21 7.06 -3.74
C GLY A 3 -18.45 8.21 -4.36
N SER A 4 -17.88 9.06 -3.51
CA SER A 4 -17.12 10.23 -3.98
C SER A 4 -15.78 9.80 -4.53
N MET A 5 -15.09 8.92 -3.80
CA MET A 5 -13.79 8.44 -4.23
C MET A 5 -13.92 7.45 -5.38
N THR A 6 -13.02 7.57 -6.37
CA THR A 6 -13.05 6.70 -7.54
C THR A 6 -11.90 5.69 -7.48
N VAL A 7 -12.11 4.60 -6.75
CA VAL A 7 -11.10 3.57 -6.61
C VAL A 7 -11.71 2.17 -6.78
N VAL A 8 -11.06 1.34 -7.59
CA VAL A 8 -11.54 -0.01 -7.82
C VAL A 8 -11.40 -0.88 -6.57
N THR A 9 -12.52 -1.43 -6.12
CA THR A 9 -12.53 -2.28 -4.93
C THR A 9 -12.59 -3.75 -5.31
N THR A 10 -12.16 -4.61 -4.38
CA THR A 10 -12.16 -6.05 -4.61
C THR A 10 -13.22 -6.74 -3.76
N GLU A 11 -13.26 -8.07 -3.84
CA GLU A 11 -14.22 -8.85 -3.07
C GLU A 11 -13.86 -8.87 -1.59
N SER A 12 -12.57 -8.71 -1.30
CA SER A 12 -12.08 -8.72 0.08
C SER A 12 -12.40 -7.40 0.77
N GLY A 13 -12.43 -6.32 -0.01
CA GLY A 13 -12.73 -5.01 0.54
C GLY A 13 -11.69 -3.98 0.16
N LEU A 14 -10.43 -4.38 0.13
CA LEU A 14 -9.34 -3.49 -0.23
C LEU A 14 -9.53 -2.93 -1.63
N LYS A 15 -9.07 -1.70 -1.85
CA LYS A 15 -9.17 -1.05 -3.14
C LYS A 15 -7.80 -0.82 -3.75
N TYR A 16 -7.78 -0.53 -5.05
CA TYR A 16 -6.53 -0.28 -5.75
C TYR A 16 -6.72 0.73 -6.88
N GLU A 17 -5.75 1.63 -7.03
CA GLU A 17 -5.81 2.65 -8.07
C GLU A 17 -4.45 2.84 -8.74
N ASP A 18 -4.40 2.60 -10.04
CA ASP A 18 -3.15 2.75 -10.80
C ASP A 18 -2.68 4.20 -10.78
N LEU A 19 -1.40 4.39 -10.49
CA LEU A 19 -0.81 5.73 -10.45
C LEU A 19 0.31 5.87 -11.46
N THR A 20 0.99 4.76 -11.75
CA THR A 20 2.09 4.76 -12.71
C THR A 20 2.38 3.36 -13.22
N GLU A 21 2.18 3.15 -14.51
CA GLU A 21 2.41 1.84 -15.12
C GLU A 21 3.82 1.33 -14.77
N GLY A 22 3.99 0.02 -14.84
CA GLY A 22 5.28 -0.58 -14.54
C GLY A 22 5.42 -1.98 -15.10
N SER A 23 5.50 -2.08 -16.42
CA SER A 23 5.64 -3.37 -17.08
C SER A 23 7.03 -3.94 -16.89
N GLY A 24 7.28 -4.50 -15.70
CA GLY A 24 8.57 -5.08 -15.40
C GLY A 24 8.48 -6.51 -14.90
N ALA A 25 8.64 -6.69 -13.60
CA ALA A 25 8.57 -8.01 -12.99
C ALA A 25 7.80 -7.97 -11.67
N GLU A 26 6.86 -8.89 -11.50
CA GLU A 26 6.06 -8.95 -10.28
C GLU A 26 6.86 -9.57 -9.14
N ALA A 27 6.80 -8.92 -7.98
CA ALA A 27 7.52 -9.40 -6.81
C ALA A 27 7.07 -10.80 -6.41
N ARG A 28 7.92 -11.51 -5.69
CA ARG A 28 7.60 -12.86 -5.25
C ARG A 28 8.06 -13.10 -3.81
N ALA A 29 7.24 -13.79 -3.04
CA ALA A 29 7.57 -14.09 -1.65
C ALA A 29 8.91 -14.83 -1.54
N GLY A 30 9.84 -14.26 -0.79
CA GLY A 30 11.14 -14.87 -0.62
C GLY A 30 12.26 -14.00 -1.13
N GLN A 31 11.97 -13.21 -2.17
CA GLN A 31 12.97 -12.33 -2.76
C GLN A 31 12.87 -10.92 -2.18
N THR A 32 14.00 -10.25 -2.05
CA THR A 32 14.04 -8.90 -1.51
C THR A 32 13.85 -7.86 -2.61
N VAL A 33 13.18 -6.76 -2.26
CA VAL A 33 12.94 -5.69 -3.22
C VAL A 33 12.85 -4.34 -2.52
N SER A 34 13.09 -3.27 -3.26
CA SER A 34 13.05 -1.92 -2.72
C SER A 34 11.84 -1.16 -3.25
N VAL A 35 10.94 -0.78 -2.36
CA VAL A 35 9.73 -0.04 -2.74
C VAL A 35 9.50 1.14 -1.81
N HIS A 36 8.48 1.93 -2.12
CA HIS A 36 8.14 3.10 -1.31
C HIS A 36 6.71 3.01 -0.80
N TYR A 37 6.53 3.27 0.49
CA TYR A 37 5.20 3.22 1.10
C TYR A 37 4.76 4.61 1.56
N THR A 38 3.55 5.00 1.18
CA THR A 38 3.01 6.29 1.55
C THR A 38 1.63 6.16 2.19
N GLY A 39 1.56 6.40 3.50
CA GLY A 39 0.29 6.29 4.19
C GLY A 39 -0.64 7.45 3.90
N TRP A 40 -1.73 7.17 3.20
CA TRP A 40 -2.70 8.20 2.85
C TRP A 40 -4.06 7.93 3.48
N LEU A 41 -4.82 8.99 3.73
CA LEU A 41 -6.13 8.85 4.34
C LEU A 41 -7.21 8.65 3.27
N THR A 42 -8.34 8.07 3.68
CA THR A 42 -9.44 7.82 2.76
C THR A 42 -9.99 9.12 2.19
N ASP A 43 -9.65 10.23 2.83
CA ASP A 43 -10.10 11.55 2.39
C ASP A 43 -9.13 12.14 1.38
N GLY A 44 -7.90 11.63 1.37
CA GLY A 44 -6.91 12.13 0.45
C GLY A 44 -5.78 12.88 1.15
N GLN A 45 -5.82 12.88 2.48
CA GLN A 45 -4.80 13.56 3.27
C GLN A 45 -3.70 12.59 3.71
N LYS A 46 -2.46 12.94 3.41
CA LYS A 46 -1.31 12.11 3.78
C LYS A 46 -1.01 12.24 5.26
N PHE A 47 -0.66 11.11 5.89
CA PHE A 47 -0.34 11.08 7.31
C PHE A 47 0.86 10.17 7.58
N ASP A 48 1.56 9.78 6.51
CA ASP A 48 2.71 8.92 6.63
C ASP A 48 3.50 8.88 5.33
N SER A 49 4.80 9.16 5.41
CA SER A 49 5.66 9.15 4.23
C SER A 49 7.09 8.79 4.60
N SER A 50 7.66 7.83 3.88
CA SER A 50 9.02 7.39 4.13
C SER A 50 10.02 8.47 3.77
N LYS A 51 9.55 9.50 3.07
CA LYS A 51 10.41 10.60 2.66
C LYS A 51 11.09 11.24 3.87
N ASP A 52 10.46 11.09 5.04
CA ASP A 52 11.02 11.66 6.26
C ASP A 52 12.48 11.26 6.45
N ARG A 53 12.83 10.08 5.93
CA ARG A 53 14.20 9.59 6.04
C ARG A 53 14.93 9.71 4.70
N ASN A 54 14.16 9.80 3.63
CA ASN A 54 14.73 9.92 2.29
C ASN A 54 15.54 8.68 1.93
N ASP A 55 14.84 7.56 1.73
CA ASP A 55 15.49 6.31 1.38
C ASP A 55 14.47 5.25 0.99
N PRO A 56 14.83 4.41 0.01
CA PRO A 56 13.95 3.34 -0.48
C PRO A 56 13.76 2.23 0.55
N PHE A 57 12.52 1.74 0.66
CA PHE A 57 12.20 0.67 1.61
C PHE A 57 12.55 -0.69 1.03
N ALA A 58 13.68 -1.24 1.44
CA ALA A 58 14.12 -2.54 0.97
C ALA A 58 13.89 -3.62 2.02
N PHE A 59 13.17 -4.67 1.63
CA PHE A 59 12.86 -5.78 2.54
C PHE A 59 12.46 -7.02 1.77
N VAL A 60 12.36 -8.14 2.47
CA VAL A 60 11.98 -9.41 1.85
C VAL A 60 10.47 -9.52 1.73
N LEU A 61 10.01 -9.96 0.55
CA LEU A 61 8.58 -10.10 0.30
C LEU A 61 8.04 -11.37 0.97
N GLY A 62 6.87 -11.23 1.60
CA GLY A 62 6.26 -12.36 2.28
C GLY A 62 7.18 -12.98 3.31
N GLY A 63 7.72 -12.16 4.20
CA GLY A 63 8.62 -12.65 5.23
C GLY A 63 9.27 -11.54 6.02
N GLY A 64 8.46 -10.64 6.54
CA GLY A 64 8.97 -9.52 7.32
C GLY A 64 8.06 -9.14 8.46
N MET A 65 7.58 -7.90 8.44
CA MET A 65 6.70 -7.41 9.50
C MET A 65 5.77 -6.33 8.96
N VAL A 66 4.85 -6.73 8.08
CA VAL A 66 3.89 -5.80 7.50
C VAL A 66 2.47 -6.33 7.61
N ILE A 67 1.50 -5.41 7.53
CA ILE A 67 0.09 -5.78 7.63
C ILE A 67 -0.34 -6.61 6.42
N LYS A 68 -1.40 -7.40 6.59
CA LYS A 68 -1.91 -8.23 5.52
C LYS A 68 -2.03 -7.45 4.22
N GLY A 69 -2.65 -6.27 4.29
CA GLY A 69 -2.81 -5.44 3.11
C GLY A 69 -1.49 -5.14 2.42
N TRP A 70 -0.45 -4.93 3.23
CA TRP A 70 0.87 -4.62 2.69
C TRP A 70 1.44 -5.82 1.93
N ASP A 71 1.39 -6.99 2.56
CA ASP A 71 1.90 -8.21 1.94
C ASP A 71 1.17 -8.50 0.64
N GLU A 72 -0.15 -8.30 0.65
CA GLU A 72 -0.97 -8.55 -0.54
C GLU A 72 -0.59 -7.59 -1.66
N GLY A 73 -0.29 -6.35 -1.30
CA GLY A 73 0.09 -5.35 -2.30
C GLY A 73 1.50 -5.54 -2.79
N VAL A 74 2.42 -5.85 -1.88
CA VAL A 74 3.82 -6.05 -2.23
C VAL A 74 4.02 -7.36 -2.98
N GLN A 75 3.10 -8.30 -2.78
CA GLN A 75 3.16 -9.60 -3.43
C GLN A 75 2.43 -9.57 -4.77
N GLY A 76 2.19 -8.36 -5.28
CA GLY A 76 1.49 -8.22 -6.55
C GLY A 76 2.12 -7.17 -7.44
N MET A 77 2.58 -6.07 -6.82
CA MET A 77 3.20 -4.99 -7.58
C MET A 77 4.33 -5.50 -8.45
N LYS A 78 4.70 -4.71 -9.44
CA LYS A 78 5.78 -5.09 -10.36
C LYS A 78 6.88 -4.03 -10.38
N VAL A 79 8.00 -4.36 -11.00
CA VAL A 79 9.13 -3.44 -11.09
C VAL A 79 8.71 -2.13 -11.74
N GLY A 80 8.85 -1.03 -11.00
CA GLY A 80 8.48 0.27 -11.52
C GLY A 80 6.99 0.55 -11.39
N GLY A 81 6.26 -0.41 -10.84
CA GLY A 81 4.82 -0.24 -10.68
C GLY A 81 4.47 0.62 -9.48
N VAL A 82 3.59 1.60 -9.70
CA VAL A 82 3.17 2.50 -8.63
C VAL A 82 1.66 2.66 -8.61
N ARG A 83 1.04 2.24 -7.52
CA ARG A 83 -0.41 2.33 -7.37
C ARG A 83 -0.80 2.47 -5.90
N ARG A 84 -1.90 3.16 -5.65
CA ARG A 84 -2.39 3.36 -4.29
C ARG A 84 -3.53 2.42 -3.97
N LEU A 85 -3.34 1.58 -2.96
CA LEU A 85 -4.36 0.62 -2.55
C LEU A 85 -4.89 0.95 -1.16
N THR A 86 -6.21 0.85 -1.00
CA THR A 86 -6.85 1.14 0.29
C THR A 86 -6.99 -0.14 1.11
N ILE A 87 -6.21 -0.23 2.19
CA ILE A 87 -6.26 -1.39 3.06
C ILE A 87 -7.17 -1.14 4.26
N PRO A 88 -8.20 -1.99 4.42
CA PRO A 88 -9.16 -1.88 5.52
C PRO A 88 -8.53 -2.23 6.87
N PRO A 89 -9.28 -1.97 7.95
CA PRO A 89 -8.83 -2.26 9.31
C PRO A 89 -8.74 -3.75 9.60
N GLN A 90 -9.67 -4.52 9.02
CA GLN A 90 -9.69 -5.96 9.21
C GLN A 90 -8.47 -6.62 8.57
N LEU A 91 -7.74 -5.85 7.78
CA LEU A 91 -6.54 -6.36 7.11
C LEU A 91 -5.34 -5.46 7.39
N GLY A 92 -5.51 -4.52 8.32
CA GLY A 92 -4.43 -3.62 8.65
C GLY A 92 -4.40 -3.28 10.14
N TYR A 93 -5.01 -2.15 10.50
CA TYR A 93 -5.05 -1.73 11.89
C TYR A 93 -6.01 -2.58 12.70
N GLY A 94 -7.30 -2.49 12.37
CA GLY A 94 -8.30 -3.27 13.07
C GLY A 94 -9.25 -2.41 13.87
N ALA A 95 -10.06 -3.03 14.72
CA ALA A 95 -11.02 -2.31 15.53
C ALA A 95 -10.36 -1.77 16.81
N ARG A 96 -9.06 -1.97 16.92
CA ARG A 96 -8.31 -1.52 18.08
C ARG A 96 -8.21 0.01 18.11
N GLY A 97 -8.26 0.61 16.92
CA GLY A 97 -8.19 2.06 16.83
C GLY A 97 -6.76 2.57 16.92
N ALA A 98 -6.59 3.88 16.80
CA ALA A 98 -5.27 4.49 16.89
C ALA A 98 -5.35 5.91 17.43
N GLY A 99 -5.96 6.80 16.67
CA GLY A 99 -6.10 8.19 17.10
C GLY A 99 -7.54 8.56 17.37
N GLY A 100 -7.77 9.85 17.59
CA GLY A 100 -9.12 10.33 17.87
C GLY A 100 -10.02 10.25 16.67
N VAL A 101 -9.51 10.66 15.50
CA VAL A 101 -10.27 10.63 14.27
C VAL A 101 -10.05 9.33 13.50
N ILE A 102 -9.95 8.23 14.23
CA ILE A 102 -9.73 6.93 13.62
C ILE A 102 -10.55 5.84 14.31
N PRO A 103 -11.78 5.63 13.84
CA PRO A 103 -12.70 4.63 14.40
C PRO A 103 -12.23 3.20 14.11
N PRO A 104 -12.84 2.22 14.79
CA PRO A 104 -12.51 0.81 14.62
C PRO A 104 -12.96 0.27 13.27
N ASN A 105 -13.71 1.08 12.53
CA ASN A 105 -14.21 0.68 11.22
C ASN A 105 -13.65 1.59 10.13
N ALA A 106 -12.64 2.37 10.48
CA ALA A 106 -12.02 3.29 9.53
C ALA A 106 -11.06 2.55 8.61
N THR A 107 -10.90 3.08 7.39
CA THR A 107 -10.01 2.47 6.41
C THR A 107 -8.72 3.26 6.26
N LEU A 108 -7.63 2.56 5.96
CA LEU A 108 -6.33 3.20 5.78
C LEU A 108 -5.80 2.99 4.37
N VAL A 109 -5.39 4.08 3.74
CA VAL A 109 -4.84 4.01 2.38
C VAL A 109 -3.32 4.03 2.39
N PHE A 110 -2.72 3.32 1.44
CA PHE A 110 -1.26 3.26 1.35
C PHE A 110 -0.82 3.17 -0.11
N GLU A 111 0.17 3.98 -0.47
CA GLU A 111 0.69 3.99 -1.83
C GLU A 111 1.96 3.16 -1.95
N VAL A 112 1.95 2.18 -2.85
CA VAL A 112 3.10 1.32 -3.05
C VAL A 112 3.80 1.63 -4.37
N GLU A 113 5.11 1.85 -4.30
CA GLU A 113 5.90 2.17 -5.48
C GLU A 113 7.18 1.36 -5.51
N LEU A 114 7.19 0.31 -6.34
CA LEU A 114 8.36 -0.55 -6.47
C LEU A 114 9.38 0.05 -7.43
N LEU A 115 10.59 0.27 -6.92
CA LEU A 115 11.66 0.84 -7.74
C LEU A 115 12.42 -0.25 -8.49
N ASP A 116 12.77 -1.32 -7.77
CA ASP A 116 13.50 -2.43 -8.36
C ASP A 116 13.46 -3.65 -7.44
N VAL A 117 13.60 -4.83 -8.03
CA VAL A 117 13.59 -6.07 -7.26
C VAL A 117 15.01 -6.54 -6.97
N GLY A 1 -3.70 4.13 -19.70
CA GLY A 1 -4.74 4.08 -18.70
C GLY A 1 -6.11 4.40 -19.25
N PRO A 2 -7.16 4.22 -18.44
CA PRO A 2 -8.54 4.48 -18.84
C PRO A 2 -8.82 5.97 -19.01
N GLY A 3 -8.02 6.80 -18.36
CA GLY A 3 -8.20 8.24 -18.45
C GLY A 3 -9.18 8.77 -17.43
N SER A 4 -9.17 8.17 -16.23
CA SER A 4 -10.07 8.59 -15.18
C SER A 4 -9.64 7.99 -13.83
N MET A 5 -10.27 8.44 -12.75
CA MET A 5 -9.96 7.95 -11.42
C MET A 5 -11.05 7.03 -10.91
N THR A 6 -10.89 5.73 -11.14
CA THR A 6 -11.87 4.74 -10.71
C THR A 6 -11.24 3.72 -9.78
N VAL A 7 -11.54 3.83 -8.48
CA VAL A 7 -11.00 2.91 -7.49
C VAL A 7 -11.72 1.56 -7.54
N VAL A 8 -10.95 0.48 -7.49
CA VAL A 8 -11.51 -0.86 -7.53
C VAL A 8 -11.20 -1.62 -6.23
N THR A 9 -12.21 -2.32 -5.72
CA THR A 9 -12.05 -3.08 -4.49
C THR A 9 -11.89 -4.56 -4.79
N THR A 10 -11.31 -5.29 -3.84
CA THR A 10 -11.10 -6.73 -4.00
C THR A 10 -12.09 -7.53 -3.15
N GLU A 11 -11.95 -8.85 -3.18
CA GLU A 11 -12.82 -9.73 -2.41
C GLU A 11 -12.54 -9.60 -0.92
N SER A 12 -11.29 -9.33 -0.58
CA SER A 12 -10.90 -9.19 0.82
C SER A 12 -11.35 -7.84 1.38
N GLY A 13 -11.41 -6.84 0.51
CA GLY A 13 -11.83 -5.51 0.94
C GLY A 13 -10.85 -4.43 0.51
N LEU A 14 -9.58 -4.80 0.39
CA LEU A 14 -8.54 -3.85 -0.01
C LEU A 14 -8.82 -3.33 -1.43
N LYS A 15 -8.51 -2.05 -1.63
CA LYS A 15 -8.71 -1.43 -2.94
C LYS A 15 -7.38 -1.11 -3.61
N TYR A 16 -7.41 -0.84 -4.91
CA TYR A 16 -6.22 -0.53 -5.67
C TYR A 16 -6.53 0.43 -6.81
N GLU A 17 -5.69 1.45 -6.96
CA GLU A 17 -5.87 2.44 -8.03
C GLU A 17 -4.56 2.70 -8.76
N ASP A 18 -4.55 2.41 -10.06
CA ASP A 18 -3.36 2.61 -10.88
C ASP A 18 -2.98 4.09 -10.93
N LEU A 19 -1.71 4.38 -10.68
CA LEU A 19 -1.22 5.75 -10.70
C LEU A 19 -0.14 5.93 -11.76
N THR A 20 0.60 4.86 -12.03
CA THR A 20 1.67 4.90 -13.02
C THR A 20 2.04 3.49 -13.48
N GLU A 21 1.80 3.21 -14.75
CA GLU A 21 2.12 1.90 -15.32
C GLU A 21 3.56 1.51 -15.02
N GLY A 22 3.87 0.23 -15.19
CA GLY A 22 5.22 -0.25 -14.92
C GLY A 22 5.39 -1.72 -15.27
N SER A 23 5.70 -1.99 -16.54
CA SER A 23 5.89 -3.36 -17.00
C SER A 23 7.30 -3.85 -16.68
N GLY A 24 7.52 -4.26 -15.44
CA GLY A 24 8.82 -4.75 -15.03
C GLY A 24 8.78 -6.19 -14.57
N ALA A 25 8.77 -6.39 -13.25
CA ALA A 25 8.74 -7.73 -12.68
C ALA A 25 7.95 -7.74 -11.37
N GLU A 26 7.04 -8.69 -11.25
CA GLU A 26 6.21 -8.82 -10.05
C GLU A 26 7.01 -9.43 -8.90
N ALA A 27 6.84 -8.87 -7.71
CA ALA A 27 7.56 -9.36 -6.53
C ALA A 27 7.21 -10.82 -6.25
N ARG A 28 8.15 -11.54 -5.65
CA ARG A 28 7.94 -12.95 -5.34
C ARG A 28 8.32 -13.24 -3.89
N ALA A 29 7.53 -14.07 -3.22
CA ALA A 29 7.78 -14.43 -1.83
C ALA A 29 9.14 -15.11 -1.69
N GLY A 30 10.03 -14.48 -0.93
CA GLY A 30 11.35 -15.05 -0.72
C GLY A 30 12.45 -14.16 -1.28
N GLN A 31 12.07 -13.23 -2.16
CA GLN A 31 13.04 -12.32 -2.77
C GLN A 31 12.96 -10.95 -2.14
N THR A 32 14.07 -10.22 -2.16
CA THR A 32 14.13 -8.87 -1.60
C THR A 32 13.96 -7.81 -2.68
N VAL A 33 13.24 -6.75 -2.35
CA VAL A 33 13.01 -5.66 -3.29
C VAL A 33 12.89 -4.32 -2.57
N SER A 34 13.03 -3.24 -3.32
CA SER A 34 12.94 -1.90 -2.75
C SER A 34 11.72 -1.15 -3.31
N VAL A 35 10.89 -0.63 -2.41
CA VAL A 35 9.71 0.11 -2.82
C VAL A 35 9.43 1.27 -1.87
N HIS A 36 8.57 2.19 -2.29
CA HIS A 36 8.22 3.35 -1.48
C HIS A 36 6.74 3.33 -1.11
N TYR A 37 6.45 3.56 0.16
CA TYR A 37 5.08 3.57 0.65
C TYR A 37 4.69 4.95 1.17
N THR A 38 3.54 5.44 0.72
CA THR A 38 3.05 6.75 1.15
C THR A 38 1.70 6.65 1.83
N GLY A 39 1.68 6.92 3.13
CA GLY A 39 0.44 6.84 3.88
C GLY A 39 -0.52 7.96 3.52
N TRP A 40 -1.58 7.60 2.80
CA TRP A 40 -2.58 8.59 2.39
C TRP A 40 -3.94 8.28 3.02
N LEU A 41 -4.76 9.31 3.18
CA LEU A 41 -6.08 9.15 3.78
C LEU A 41 -7.14 8.93 2.69
N THR A 42 -8.21 8.25 3.06
CA THR A 42 -9.30 7.97 2.12
C THR A 42 -9.87 9.26 1.55
N ASP A 43 -9.64 10.37 2.25
CA ASP A 43 -10.13 11.68 1.81
C ASP A 43 -9.29 12.21 0.66
N GLY A 44 -8.08 11.68 0.52
CA GLY A 44 -7.20 12.12 -0.55
C GLY A 44 -6.05 12.96 -0.03
N GLN A 45 -5.95 13.08 1.29
CA GLN A 45 -4.88 13.86 1.90
C GLN A 45 -3.81 12.96 2.50
N LYS A 46 -2.55 13.30 2.24
CA LYS A 46 -1.43 12.52 2.76
C LYS A 46 -1.16 12.85 4.22
N PHE A 47 -0.72 11.85 4.99
CA PHE A 47 -0.42 12.03 6.39
C PHE A 47 0.78 11.20 6.81
N ASP A 48 1.53 10.71 5.82
CA ASP A 48 2.71 9.90 6.08
C ASP A 48 3.50 9.67 4.80
N SER A 49 4.79 9.99 4.84
CA SER A 49 5.65 9.82 3.67
C SER A 49 7.00 9.22 4.08
N SER A 50 7.56 8.38 3.21
CA SER A 50 8.84 7.75 3.48
C SER A 50 9.97 8.78 3.48
N LYS A 51 9.67 9.98 3.00
CA LYS A 51 10.66 11.05 2.95
C LYS A 51 11.22 11.34 4.34
N ASP A 52 10.46 10.98 5.37
CA ASP A 52 10.89 11.19 6.75
C ASP A 52 12.28 10.62 6.97
N ARG A 53 12.56 9.49 6.33
CA ARG A 53 13.86 8.84 6.46
C ARG A 53 14.71 9.06 5.22
N ASN A 54 14.07 9.46 4.14
CA ASN A 54 14.77 9.71 2.88
C ASN A 54 15.49 8.46 2.40
N ASP A 55 14.72 7.43 2.06
CA ASP A 55 15.28 6.18 1.58
C ASP A 55 14.18 5.17 1.24
N PRO A 56 14.42 4.37 0.20
CA PRO A 56 13.45 3.36 -0.25
C PRO A 56 13.32 2.21 0.74
N PHE A 57 12.09 1.75 0.94
CA PHE A 57 11.83 0.65 1.86
C PHE A 57 12.19 -0.69 1.22
N ALA A 58 13.35 -1.22 1.59
CA ALA A 58 13.82 -2.50 1.06
C ALA A 58 13.62 -3.62 2.07
N PHE A 59 13.11 -4.75 1.60
CA PHE A 59 12.87 -5.91 2.47
C PHE A 59 12.52 -7.14 1.64
N VAL A 60 12.26 -8.25 2.33
CA VAL A 60 11.90 -9.49 1.67
C VAL A 60 10.40 -9.72 1.68
N LEU A 61 9.85 -10.08 0.53
CA LEU A 61 8.41 -10.33 0.41
C LEU A 61 8.04 -11.65 1.06
N GLY A 62 6.97 -11.63 1.86
CA GLY A 62 6.52 -12.83 2.53
C GLY A 62 7.24 -13.08 3.83
N GLY A 63 8.15 -12.17 4.18
CA GLY A 63 8.91 -12.32 5.41
C GLY A 63 8.01 -12.47 6.63
N GLY A 64 7.12 -11.50 6.82
CA GLY A 64 6.22 -11.56 7.96
C GLY A 64 6.48 -10.45 8.97
N MET A 65 6.49 -9.21 8.48
CA MET A 65 6.73 -8.06 9.35
C MET A 65 5.90 -6.86 8.90
N VAL A 66 4.81 -7.14 8.21
CA VAL A 66 3.92 -6.08 7.72
C VAL A 66 2.47 -6.51 7.80
N ILE A 67 1.57 -5.52 7.94
CA ILE A 67 0.15 -5.79 8.03
C ILE A 67 -0.34 -6.59 6.83
N LYS A 68 -1.45 -7.30 7.00
CA LYS A 68 -2.02 -8.10 5.93
C LYS A 68 -2.08 -7.31 4.62
N GLY A 69 -2.67 -6.12 4.70
CA GLY A 69 -2.78 -5.28 3.51
C GLY A 69 -1.45 -5.09 2.82
N TRP A 70 -0.39 -4.91 3.59
CA TRP A 70 0.95 -4.71 3.05
C TRP A 70 1.41 -5.95 2.30
N ASP A 71 1.48 -7.08 3.00
CA ASP A 71 1.91 -8.33 2.40
C ASP A 71 1.11 -8.63 1.14
N GLU A 72 -0.19 -8.37 1.19
CA GLU A 72 -1.07 -8.61 0.05
C GLU A 72 -0.64 -7.78 -1.16
N GLY A 73 -0.31 -6.51 -0.90
CA GLY A 73 0.12 -5.63 -1.98
C GLY A 73 1.53 -5.92 -2.45
N VAL A 74 2.40 -6.28 -1.52
CA VAL A 74 3.79 -6.59 -1.84
C VAL A 74 3.88 -7.82 -2.75
N GLN A 75 2.99 -8.77 -2.52
CA GLN A 75 2.96 -10.00 -3.32
C GLN A 75 2.13 -9.81 -4.58
N GLY A 76 2.31 -8.67 -5.25
CA GLY A 76 1.57 -8.40 -6.46
C GLY A 76 2.17 -7.26 -7.27
N MET A 77 2.63 -6.23 -6.58
CA MET A 77 3.24 -5.07 -7.23
C MET A 77 4.32 -5.52 -8.21
N LYS A 78 4.63 -4.67 -9.18
CA LYS A 78 5.64 -4.96 -10.18
C LYS A 78 6.66 -3.83 -10.29
N VAL A 79 7.88 -4.16 -10.67
CA VAL A 79 8.94 -3.18 -10.81
C VAL A 79 8.49 -2.02 -11.70
N GLY A 80 8.59 -0.80 -11.18
CA GLY A 80 8.18 0.37 -11.94
C GLY A 80 6.70 0.63 -11.86
N GLY A 81 5.99 -0.22 -11.12
CA GLY A 81 4.56 -0.06 -10.98
C GLY A 81 4.17 0.76 -9.76
N VAL A 82 3.39 1.81 -9.98
CA VAL A 82 2.97 2.68 -8.89
C VAL A 82 1.45 2.80 -8.84
N ARG A 83 0.86 2.35 -7.74
CA ARG A 83 -0.59 2.40 -7.57
C ARG A 83 -0.95 2.62 -6.11
N ARG A 84 -2.08 3.29 -5.88
CA ARG A 84 -2.55 3.57 -4.54
C ARG A 84 -3.51 2.48 -4.04
N LEU A 85 -3.04 1.67 -3.09
CA LEU A 85 -3.85 0.59 -2.55
C LEU A 85 -4.47 1.00 -1.22
N THR A 86 -5.79 0.86 -1.12
CA THR A 86 -6.50 1.22 0.11
C THR A 86 -6.53 0.05 1.08
N ILE A 87 -5.82 0.19 2.20
CA ILE A 87 -5.76 -0.84 3.21
C ILE A 87 -6.77 -0.58 4.33
N PRO A 88 -7.85 -1.38 4.34
CA PRO A 88 -8.90 -1.26 5.35
C PRO A 88 -8.44 -1.69 6.73
N PRO A 89 -9.29 -1.44 7.75
CA PRO A 89 -8.99 -1.79 9.14
C PRO A 89 -9.01 -3.30 9.36
N GLN A 90 -9.91 -3.99 8.67
CA GLN A 90 -10.03 -5.43 8.79
C GLN A 90 -8.79 -6.13 8.26
N LEU A 91 -7.93 -5.38 7.57
CA LEU A 91 -6.71 -5.93 7.02
C LEU A 91 -5.49 -5.18 7.53
N GLY A 92 -5.72 -4.25 8.44
CA GLY A 92 -4.62 -3.48 9.01
C GLY A 92 -4.63 -3.49 10.53
N TYR A 93 -5.05 -2.38 11.12
CA TYR A 93 -5.10 -2.26 12.57
C TYR A 93 -6.24 -3.09 13.15
N GLY A 94 -7.44 -2.89 12.62
CA GLY A 94 -8.60 -3.62 13.09
C GLY A 94 -9.57 -2.74 13.87
N ALA A 95 -10.49 -3.38 14.59
CA ALA A 95 -11.48 -2.64 15.37
C ALA A 95 -10.92 -2.26 16.73
N ARG A 96 -9.63 -2.54 16.95
CA ARG A 96 -8.98 -2.23 18.22
C ARG A 96 -8.73 -0.73 18.34
N GLY A 97 -8.59 -0.06 17.19
CA GLY A 97 -8.35 1.37 17.19
C GLY A 97 -6.88 1.71 17.17
N ALA A 98 -6.56 2.98 16.96
CA ALA A 98 -5.18 3.43 16.92
C ALA A 98 -5.01 4.75 17.67
N GLY A 99 -5.48 5.83 17.06
CA GLY A 99 -5.37 7.14 17.68
C GLY A 99 -6.70 7.66 18.18
N GLY A 100 -6.84 8.98 18.23
CA GLY A 100 -8.08 9.58 18.70
C GLY A 100 -9.14 9.62 17.62
N VAL A 101 -8.79 10.15 16.45
CA VAL A 101 -9.71 10.23 15.34
C VAL A 101 -9.61 9.02 14.42
N ILE A 102 -9.48 7.84 15.03
CA ILE A 102 -9.36 6.61 14.27
C ILE A 102 -10.30 5.53 14.82
N PRO A 103 -11.51 5.45 14.24
CA PRO A 103 -12.52 4.48 14.65
C PRO A 103 -12.14 3.05 14.28
N PRO A 104 -12.88 2.07 14.82
CA PRO A 104 -12.64 0.65 14.56
C PRO A 104 -13.00 0.26 13.13
N ASN A 105 -13.65 1.18 12.42
CA ASN A 105 -14.06 0.92 11.04
C ASN A 105 -13.38 1.90 10.09
N ALA A 106 -12.34 2.58 10.57
CA ALA A 106 -11.61 3.53 9.77
C ALA A 106 -10.69 2.83 8.78
N THR A 107 -10.56 3.40 7.58
CA THR A 107 -9.71 2.83 6.55
C THR A 107 -8.50 3.71 6.27
N LEU A 108 -7.38 3.09 5.95
CA LEU A 108 -6.15 3.83 5.65
C LEU A 108 -5.62 3.47 4.27
N VAL A 109 -5.30 4.49 3.48
CA VAL A 109 -4.79 4.29 2.14
C VAL A 109 -3.26 4.41 2.11
N PHE A 110 -2.64 3.70 1.18
CA PHE A 110 -1.18 3.72 1.05
C PHE A 110 -0.77 3.57 -0.41
N GLU A 111 0.16 4.42 -0.84
CA GLU A 111 0.64 4.38 -2.21
C GLU A 111 1.92 3.56 -2.32
N VAL A 112 1.84 2.44 -3.04
CA VAL A 112 3.00 1.57 -3.21
C VAL A 112 3.61 1.74 -4.59
N GLU A 113 4.92 1.95 -4.64
CA GLU A 113 5.62 2.14 -5.90
C GLU A 113 6.91 1.31 -5.93
N LEU A 114 6.97 0.36 -6.85
CA LEU A 114 8.14 -0.49 -6.99
C LEU A 114 9.29 0.25 -7.68
N LEU A 115 10.44 0.27 -7.04
CA LEU A 115 11.62 0.94 -7.60
C LEU A 115 12.56 -0.06 -8.23
N ASP A 116 12.81 -1.17 -7.53
CA ASP A 116 13.70 -2.21 -8.03
C ASP A 116 13.58 -3.48 -7.19
N VAL A 117 14.17 -4.57 -7.67
CA VAL A 117 14.13 -5.84 -6.97
C VAL A 117 15.54 -6.31 -6.59
N GLY A 1 -9.27 15.32 -1.54
CA GLY A 1 -9.71 15.49 -0.16
C GLY A 1 -11.22 15.51 -0.03
N PRO A 2 -11.84 16.64 -0.42
CA PRO A 2 -13.29 16.80 -0.35
C PRO A 2 -14.03 15.93 -1.36
N GLY A 3 -13.33 15.56 -2.44
CA GLY A 3 -13.94 14.73 -3.45
C GLY A 3 -12.91 14.07 -4.35
N SER A 4 -13.27 13.85 -5.60
CA SER A 4 -12.37 13.22 -6.56
C SER A 4 -11.85 11.89 -6.02
N MET A 5 -12.77 11.02 -5.59
CA MET A 5 -12.41 9.72 -5.05
C MET A 5 -12.49 8.64 -6.13
N THR A 6 -11.69 8.80 -7.18
CA THR A 6 -11.68 7.84 -8.27
C THR A 6 -10.87 6.60 -7.92
N VAL A 7 -11.40 5.79 -7.00
CA VAL A 7 -10.71 4.58 -6.57
C VAL A 7 -11.63 3.36 -6.68
N VAL A 8 -11.19 2.35 -7.41
CA VAL A 8 -11.97 1.14 -7.58
C VAL A 8 -11.90 0.24 -6.34
N THR A 9 -13.06 -0.22 -5.88
CA THR A 9 -13.12 -1.08 -4.70
C THR A 9 -13.38 -2.52 -5.09
N THR A 10 -12.79 -3.46 -4.35
CA THR A 10 -12.95 -4.87 -4.62
C THR A 10 -14.11 -5.46 -3.80
N GLU A 11 -14.27 -6.78 -3.87
CA GLU A 11 -15.34 -7.45 -3.14
C GLU A 11 -14.94 -7.65 -1.68
N SER A 12 -13.65 -7.66 -1.42
CA SER A 12 -13.13 -7.85 -0.07
C SER A 12 -12.99 -6.51 0.65
N GLY A 13 -13.53 -5.46 0.04
CA GLY A 13 -13.45 -4.13 0.63
C GLY A 13 -12.23 -3.36 0.15
N LEU A 14 -11.08 -4.03 0.12
CA LEU A 14 -9.84 -3.39 -0.32
C LEU A 14 -10.03 -2.70 -1.67
N LYS A 15 -9.39 -1.55 -1.83
CA LYS A 15 -9.49 -0.80 -3.07
C LYS A 15 -8.11 -0.69 -3.75
N TYR A 16 -8.12 -0.35 -5.03
CA TYR A 16 -6.88 -0.22 -5.80
C TYR A 16 -7.03 0.84 -6.89
N GLU A 17 -5.95 1.58 -7.14
CA GLU A 17 -5.96 2.61 -8.17
C GLU A 17 -4.54 2.89 -8.67
N ASP A 18 -4.33 2.64 -9.96
CA ASP A 18 -3.02 2.86 -10.56
C ASP A 18 -2.64 4.33 -10.50
N LEU A 19 -1.34 4.60 -10.39
CA LEU A 19 -0.84 5.97 -10.32
C LEU A 19 0.17 6.23 -11.43
N THR A 20 0.95 5.22 -11.76
CA THR A 20 1.97 5.33 -12.81
C THR A 20 2.37 3.97 -13.34
N GLU A 21 2.22 3.77 -14.64
CA GLU A 21 2.57 2.51 -15.27
C GLU A 21 4.00 2.10 -14.92
N GLY A 22 4.34 0.85 -15.19
CA GLY A 22 5.67 0.35 -14.90
C GLY A 22 6.13 -0.71 -15.88
N SER A 23 5.42 -1.84 -15.89
CA SER A 23 5.76 -2.94 -16.78
C SER A 23 7.18 -3.44 -16.52
N GLY A 24 7.36 -4.12 -15.39
CA GLY A 24 8.67 -4.64 -15.03
C GLY A 24 8.63 -6.08 -14.60
N ALA A 25 8.64 -6.31 -13.29
CA ALA A 25 8.61 -7.66 -12.75
C ALA A 25 7.84 -7.71 -11.44
N GLU A 26 6.82 -8.56 -11.37
CA GLU A 26 6.00 -8.69 -10.17
C GLU A 26 6.79 -9.34 -9.04
N ALA A 27 6.73 -8.73 -7.86
CA ALA A 27 7.44 -9.25 -6.70
C ALA A 27 6.98 -10.66 -6.35
N ARG A 28 7.85 -11.40 -5.68
CA ARG A 28 7.53 -12.77 -5.29
C ARG A 28 7.88 -13.01 -3.81
N ALA A 29 7.00 -13.75 -3.13
CA ALA A 29 7.21 -14.05 -1.72
C ALA A 29 8.52 -14.82 -1.51
N GLY A 30 9.43 -14.24 -0.73
CA GLY A 30 10.70 -14.88 -0.47
C GLY A 30 11.87 -14.08 -1.02
N GLN A 31 11.59 -13.21 -1.97
CA GLN A 31 12.63 -12.38 -2.58
C GLN A 31 12.62 -10.97 -2.00
N THR A 32 13.81 -10.41 -1.83
CA THR A 32 13.94 -9.06 -1.28
C THR A 32 13.86 -8.01 -2.38
N VAL A 33 13.15 -6.92 -2.10
CA VAL A 33 13.00 -5.83 -3.07
C VAL A 33 12.87 -4.49 -2.37
N SER A 34 13.06 -3.41 -3.13
CA SER A 34 12.97 -2.07 -2.58
C SER A 34 11.78 -1.32 -3.16
N VAL A 35 10.90 -0.84 -2.29
CA VAL A 35 9.72 -0.09 -2.72
C VAL A 35 9.42 1.06 -1.79
N HIS A 36 8.60 2.00 -2.26
CA HIS A 36 8.24 3.17 -1.46
C HIS A 36 6.78 3.09 -1.02
N TYR A 37 6.54 3.33 0.26
CA TYR A 37 5.18 3.28 0.80
C TYR A 37 4.73 4.67 1.26
N THR A 38 3.47 4.99 0.98
CA THR A 38 2.92 6.29 1.35
C THR A 38 1.56 6.13 2.00
N GLY A 39 1.50 6.35 3.31
CA GLY A 39 0.24 6.23 4.03
C GLY A 39 -0.70 7.37 3.75
N TRP A 40 -1.77 7.09 3.01
CA TRP A 40 -2.75 8.11 2.67
C TRP A 40 -4.12 7.75 3.24
N LEU A 41 -5.03 8.72 3.26
CA LEU A 41 -6.37 8.51 3.77
C LEU A 41 -7.32 8.11 2.66
N THR A 42 -8.56 7.78 3.04
CA THR A 42 -9.57 7.38 2.06
C THR A 42 -10.00 8.55 1.19
N ASP A 43 -9.57 9.75 1.57
CA ASP A 43 -9.91 10.95 0.81
C ASP A 43 -8.75 11.37 -0.09
N GLY A 44 -7.56 10.87 0.23
CA GLY A 44 -6.39 11.20 -0.57
C GLY A 44 -5.38 12.02 0.20
N GLN A 45 -5.63 12.23 1.50
CA GLN A 45 -4.74 13.00 2.33
C GLN A 45 -3.51 12.18 2.72
N LYS A 46 -2.38 12.87 2.88
CA LYS A 46 -1.13 12.21 3.25
C LYS A 46 -0.84 12.38 4.73
N PHE A 47 -0.64 11.26 5.42
CA PHE A 47 -0.35 11.28 6.86
C PHE A 47 0.83 10.37 7.18
N ASP A 48 1.60 10.01 6.16
CA ASP A 48 2.76 9.14 6.34
C ASP A 48 3.50 8.93 5.01
N SER A 49 4.81 9.17 5.03
CA SER A 49 5.62 9.01 3.84
C SER A 49 7.04 8.60 4.20
N SER A 50 7.68 7.84 3.31
CA SER A 50 9.04 7.38 3.53
C SER A 50 10.03 8.53 3.46
N LYS A 51 9.54 9.70 3.03
CA LYS A 51 10.38 10.88 2.90
C LYS A 51 11.07 11.19 4.23
N ASP A 52 10.49 10.74 5.33
CA ASP A 52 11.04 10.97 6.65
C ASP A 52 12.51 10.56 6.69
N ARG A 53 12.88 9.56 5.90
CA ARG A 53 14.25 9.08 5.85
C ARG A 53 14.89 9.39 4.50
N ASN A 54 14.06 9.73 3.53
CA ASN A 54 14.54 10.05 2.19
C ASN A 54 15.20 8.84 1.54
N ASP A 55 14.79 7.66 1.96
CA ASP A 55 15.34 6.41 1.42
C ASP A 55 14.24 5.40 1.16
N PRO A 56 14.47 4.50 0.20
CA PRO A 56 13.51 3.45 -0.16
C PRO A 56 13.38 2.39 0.92
N PHE A 57 12.28 1.64 0.87
CA PHE A 57 12.02 0.59 1.85
C PHE A 57 12.35 -0.79 1.27
N ALA A 58 13.52 -1.31 1.64
CA ALA A 58 13.95 -2.62 1.15
C ALA A 58 13.73 -3.69 2.21
N PHE A 59 13.09 -4.78 1.81
CA PHE A 59 12.81 -5.88 2.72
C PHE A 59 12.41 -7.14 1.95
N VAL A 60 12.21 -8.24 2.68
CA VAL A 60 11.83 -9.51 2.07
C VAL A 60 10.32 -9.60 1.91
N LEU A 61 9.89 -10.05 0.74
CA LEU A 61 8.46 -10.19 0.44
C LEU A 61 7.90 -11.46 1.09
N GLY A 62 6.64 -11.39 1.51
CA GLY A 62 6.01 -12.54 2.13
C GLY A 62 6.83 -13.11 3.27
N GLY A 63 7.26 -12.24 4.18
CA GLY A 63 8.06 -12.68 5.31
C GLY A 63 8.86 -11.56 5.93
N GLY A 64 8.17 -10.62 6.57
CA GLY A 64 8.85 -9.50 7.19
C GLY A 64 8.12 -8.98 8.42
N MET A 65 7.71 -7.72 8.37
CA MET A 65 6.99 -7.11 9.48
C MET A 65 6.01 -6.05 8.99
N VAL A 66 4.95 -6.49 8.31
CA VAL A 66 3.95 -5.59 7.78
C VAL A 66 2.54 -6.15 7.96
N ILE A 67 1.54 -5.34 7.67
CA ILE A 67 0.15 -5.76 7.80
C ILE A 67 -0.28 -6.59 6.59
N LYS A 68 -1.35 -7.37 6.77
CA LYS A 68 -1.86 -8.22 5.70
C LYS A 68 -1.98 -7.43 4.40
N GLY A 69 -2.60 -6.26 4.47
CA GLY A 69 -2.77 -5.44 3.30
C GLY A 69 -1.45 -5.12 2.61
N TRP A 70 -0.42 -4.89 3.41
CA TRP A 70 0.90 -4.58 2.89
C TRP A 70 1.48 -5.76 2.11
N ASP A 71 1.38 -6.95 2.71
CA ASP A 71 1.89 -8.16 2.08
C ASP A 71 1.18 -8.42 0.75
N GLU A 72 -0.15 -8.30 0.78
CA GLU A 72 -0.95 -8.52 -0.43
C GLU A 72 -0.60 -7.52 -1.52
N GLY A 73 -0.26 -6.31 -1.10
CA GLY A 73 0.09 -5.27 -2.06
C GLY A 73 1.50 -5.43 -2.60
N VAL A 74 2.45 -5.63 -1.70
CA VAL A 74 3.85 -5.80 -2.09
C VAL A 74 4.04 -7.08 -2.90
N GLN A 75 3.15 -8.05 -2.68
CA GLN A 75 3.22 -9.31 -3.40
C GLN A 75 2.46 -9.24 -4.71
N GLY A 76 2.14 -8.02 -5.14
CA GLY A 76 1.41 -7.84 -6.39
C GLY A 76 2.04 -6.79 -7.28
N MET A 77 2.59 -5.75 -6.67
CA MET A 77 3.23 -4.67 -7.41
C MET A 77 4.36 -5.21 -8.29
N LYS A 78 4.69 -4.46 -9.34
CA LYS A 78 5.75 -4.87 -10.26
C LYS A 78 6.85 -3.80 -10.32
N VAL A 79 8.07 -4.23 -10.63
CA VAL A 79 9.20 -3.32 -10.72
C VAL A 79 8.88 -2.13 -11.64
N GLY A 80 9.00 -0.93 -11.11
CA GLY A 80 8.72 0.26 -11.88
C GLY A 80 7.24 0.60 -11.90
N GLY A 81 6.44 -0.19 -11.21
CA GLY A 81 5.01 0.06 -11.17
C GLY A 81 4.59 0.79 -9.91
N VAL A 82 3.77 1.83 -10.08
CA VAL A 82 3.29 2.62 -8.96
C VAL A 82 1.77 2.60 -8.88
N ARG A 83 1.25 2.07 -7.78
CA ARG A 83 -0.19 2.00 -7.58
C ARG A 83 -0.55 2.06 -6.10
N ARG A 84 -1.70 2.64 -5.79
CA ARG A 84 -2.15 2.77 -4.41
C ARG A 84 -3.37 1.88 -4.15
N LEU A 85 -3.41 1.28 -2.98
CA LEU A 85 -4.52 0.40 -2.59
C LEU A 85 -5.03 0.75 -1.21
N THR A 86 -6.36 0.74 -1.05
CA THR A 86 -6.98 1.05 0.23
C THR A 86 -7.13 -0.21 1.09
N ILE A 87 -6.34 -0.29 2.16
CA ILE A 87 -6.40 -1.44 3.05
C ILE A 87 -7.29 -1.15 4.26
N PRO A 88 -8.29 -2.02 4.46
CA PRO A 88 -9.24 -1.88 5.59
C PRO A 88 -8.58 -2.17 6.93
N PRO A 89 -9.31 -1.89 8.02
CA PRO A 89 -8.82 -2.11 9.38
C PRO A 89 -8.71 -3.60 9.72
N GLN A 90 -9.63 -4.39 9.19
CA GLN A 90 -9.64 -5.82 9.43
C GLN A 90 -8.43 -6.49 8.79
N LEU A 91 -7.72 -5.74 7.96
CA LEU A 91 -6.54 -6.27 7.28
C LEU A 91 -5.33 -5.37 7.53
N GLY A 92 -5.49 -4.40 8.43
CA GLY A 92 -4.40 -3.50 8.75
C GLY A 92 -4.30 -3.21 10.24
N TYR A 93 -4.82 -2.07 10.65
CA TYR A 93 -4.78 -1.68 12.05
C TYR A 93 -5.67 -2.58 12.90
N GLY A 94 -6.97 -2.56 12.61
CA GLY A 94 -7.91 -3.38 13.35
C GLY A 94 -8.92 -2.55 14.12
N ALA A 95 -9.72 -3.23 14.95
CA ALA A 95 -10.73 -2.55 15.75
C ALA A 95 -10.14 -2.01 17.04
N ARG A 96 -8.83 -2.17 17.19
CA ARG A 96 -8.14 -1.70 18.39
C ARG A 96 -8.04 -0.18 18.40
N GLY A 97 -8.05 0.42 17.22
CA GLY A 97 -7.96 1.87 17.11
C GLY A 97 -6.53 2.35 17.11
N ALA A 98 -6.36 3.67 17.00
CA ALA A 98 -5.03 4.26 16.98
C ALA A 98 -5.05 5.67 17.57
N GLY A 99 -5.72 6.58 16.88
CA GLY A 99 -5.81 7.96 17.35
C GLY A 99 -7.21 8.35 17.77
N GLY A 100 -7.47 9.64 17.84
CA GLY A 100 -8.79 10.12 18.23
C GLY A 100 -9.80 10.02 17.11
N VAL A 101 -9.42 10.47 15.92
CA VAL A 101 -10.30 10.44 14.76
C VAL A 101 -10.07 9.17 13.93
N ILE A 102 -9.87 8.05 14.63
CA ILE A 102 -9.65 6.78 13.97
C ILE A 102 -10.45 5.66 14.63
N PRO A 103 -11.66 5.42 14.12
CA PRO A 103 -12.55 4.38 14.65
C PRO A 103 -12.04 2.98 14.35
N PRO A 104 -12.64 1.97 15.00
CA PRO A 104 -12.27 0.56 14.82
C PRO A 104 -12.66 0.03 13.45
N ASN A 105 -13.44 0.82 12.71
CA ASN A 105 -13.88 0.43 11.38
C ASN A 105 -13.36 1.40 10.32
N ALA A 106 -12.40 2.23 10.72
CA ALA A 106 -11.81 3.20 9.81
C ALA A 106 -10.91 2.51 8.78
N THR A 107 -10.88 3.06 7.57
CA THR A 107 -10.06 2.50 6.50
C THR A 107 -8.77 3.30 6.32
N LEU A 108 -7.72 2.62 5.89
CA LEU A 108 -6.43 3.26 5.68
C LEU A 108 -5.89 2.94 4.29
N VAL A 109 -5.46 3.97 3.56
CA VAL A 109 -4.93 3.81 2.23
C VAL A 109 -3.41 3.91 2.23
N PHE A 110 -2.77 3.20 1.31
CA PHE A 110 -1.31 3.21 1.21
C PHE A 110 -0.86 3.08 -0.24
N GLU A 111 0.07 3.92 -0.65
CA GLU A 111 0.59 3.90 -2.01
C GLU A 111 1.92 3.16 -2.08
N VAL A 112 1.95 2.08 -2.87
CA VAL A 112 3.16 1.29 -3.02
C VAL A 112 3.72 1.42 -4.44
N GLU A 113 5.02 1.69 -4.53
CA GLU A 113 5.69 1.83 -5.81
C GLU A 113 7.00 1.05 -5.84
N LEU A 114 7.08 0.08 -6.75
CA LEU A 114 8.28 -0.74 -6.88
C LEU A 114 9.41 0.04 -7.55
N LEU A 115 10.56 0.08 -6.90
CA LEU A 115 11.71 0.80 -7.45
C LEU A 115 12.72 -0.17 -8.05
N ASP A 116 12.86 -1.34 -7.44
CA ASP A 116 13.78 -2.36 -7.92
C ASP A 116 13.67 -3.64 -7.10
N VAL A 117 14.17 -4.73 -7.64
CA VAL A 117 14.13 -6.03 -6.95
C VAL A 117 15.51 -6.45 -6.50
N GLY A 1 -6.29 4.07 -17.57
CA GLY A 1 -7.67 4.50 -17.77
C GLY A 1 -7.93 5.90 -17.23
N PRO A 2 -7.43 6.92 -17.95
CA PRO A 2 -7.60 8.31 -17.56
C PRO A 2 -9.05 8.79 -17.71
N GLY A 3 -9.33 9.98 -17.20
CA GLY A 3 -10.67 10.53 -17.28
C GLY A 3 -11.62 9.87 -16.31
N SER A 4 -12.10 10.64 -15.35
CA SER A 4 -13.03 10.14 -14.34
C SER A 4 -12.45 8.91 -13.64
N MET A 5 -11.32 9.10 -12.97
CA MET A 5 -10.65 8.02 -12.26
C MET A 5 -11.33 7.75 -10.92
N THR A 6 -11.26 6.51 -10.46
CA THR A 6 -11.87 6.13 -9.19
C THR A 6 -11.15 4.93 -8.58
N VAL A 7 -11.31 4.76 -7.27
CA VAL A 7 -10.69 3.65 -6.56
C VAL A 7 -11.47 2.35 -6.76
N VAL A 8 -10.77 1.31 -7.19
CA VAL A 8 -11.39 0.01 -7.43
C VAL A 8 -11.31 -0.86 -6.18
N THR A 9 -12.46 -1.30 -5.69
CA THR A 9 -12.51 -2.15 -4.51
C THR A 9 -12.73 -3.61 -4.89
N THR A 10 -12.25 -4.52 -4.05
CA THR A 10 -12.40 -5.94 -4.30
C THR A 10 -13.32 -6.59 -3.26
N GLU A 11 -13.45 -7.91 -3.34
CA GLU A 11 -14.31 -8.64 -2.42
C GLU A 11 -13.63 -8.80 -1.06
N SER A 12 -12.30 -8.77 -1.06
CA SER A 12 -11.55 -8.90 0.18
C SER A 12 -11.64 -7.64 1.03
N GLY A 13 -11.91 -6.51 0.37
CA GLY A 13 -12.03 -5.26 1.08
C GLY A 13 -10.98 -4.24 0.64
N LEU A 14 -9.77 -4.72 0.40
CA LEU A 14 -8.67 -3.86 -0.02
C LEU A 14 -8.90 -3.34 -1.43
N LYS A 15 -8.56 -2.07 -1.66
CA LYS A 15 -8.72 -1.46 -2.97
C LYS A 15 -7.37 -1.23 -3.64
N TYR A 16 -7.39 -0.93 -4.93
CA TYR A 16 -6.17 -0.68 -5.68
C TYR A 16 -6.41 0.33 -6.80
N GLU A 17 -5.46 1.25 -6.98
CA GLU A 17 -5.57 2.27 -8.00
C GLU A 17 -4.21 2.52 -8.66
N ASP A 18 -4.14 2.32 -9.97
CA ASP A 18 -2.90 2.53 -10.71
C ASP A 18 -2.63 4.02 -10.89
N LEU A 19 -1.38 4.42 -10.71
CA LEU A 19 -0.98 5.81 -10.86
C LEU A 19 0.12 5.96 -11.90
N THR A 20 1.04 5.01 -11.91
CA THR A 20 2.15 5.03 -12.87
C THR A 20 2.46 3.63 -13.39
N GLU A 21 2.28 3.43 -14.69
CA GLU A 21 2.54 2.14 -15.31
C GLU A 21 3.93 1.64 -14.96
N GLY A 22 4.19 0.36 -15.23
CA GLY A 22 5.49 -0.22 -14.93
C GLY A 22 5.62 -1.63 -15.46
N SER A 23 6.01 -1.76 -16.73
CA SER A 23 6.18 -3.06 -17.36
C SER A 23 7.45 -3.73 -16.89
N GLY A 24 7.41 -4.30 -15.68
CA GLY A 24 8.57 -4.98 -15.13
C GLY A 24 8.27 -6.39 -14.71
N ALA A 25 8.21 -6.61 -13.39
CA ALA A 25 7.93 -7.94 -12.85
C ALA A 25 7.32 -7.83 -11.45
N GLU A 26 6.32 -8.67 -11.19
CA GLU A 26 5.65 -8.68 -9.89
C GLU A 26 6.53 -9.33 -8.83
N ALA A 27 6.59 -8.71 -7.66
CA ALA A 27 7.39 -9.22 -6.56
C ALA A 27 6.94 -10.62 -6.15
N ARG A 28 7.87 -11.40 -5.61
CA ARG A 28 7.56 -12.76 -5.18
C ARG A 28 7.93 -12.97 -3.72
N ALA A 29 7.09 -13.69 -2.99
CA ALA A 29 7.32 -13.96 -1.58
C ALA A 29 8.63 -14.72 -1.38
N GLY A 30 9.55 -14.11 -0.64
CA GLY A 30 10.83 -14.75 -0.38
C GLY A 30 11.99 -13.98 -0.98
N GLN A 31 11.68 -13.09 -1.92
CA GLN A 31 12.71 -12.29 -2.57
C GLN A 31 12.73 -10.87 -2.01
N THR A 32 13.94 -10.30 -1.90
CA THR A 32 14.10 -8.95 -1.37
C THR A 32 14.01 -7.91 -2.50
N VAL A 33 13.30 -6.82 -2.23
CA VAL A 33 13.15 -5.75 -3.21
C VAL A 33 13.09 -4.39 -2.53
N SER A 34 13.40 -3.34 -3.29
CA SER A 34 13.38 -1.99 -2.76
C SER A 34 12.21 -1.20 -3.33
N VAL A 35 11.30 -0.76 -2.46
CA VAL A 35 10.13 0.01 -2.88
C VAL A 35 9.82 1.11 -1.87
N HIS A 36 9.00 2.07 -2.30
CA HIS A 36 8.61 3.18 -1.43
C HIS A 36 7.14 3.07 -1.05
N TYR A 37 6.86 3.24 0.24
CA TYR A 37 5.50 3.16 0.74
C TYR A 37 5.07 4.49 1.36
N THR A 38 3.90 4.97 0.97
CA THR A 38 3.37 6.22 1.48
C THR A 38 2.06 6.00 2.24
N GLY A 39 1.78 6.89 3.19
CA GLY A 39 0.57 6.78 3.97
C GLY A 39 -0.42 7.88 3.69
N TRP A 40 -1.48 7.56 2.95
CA TRP A 40 -2.49 8.54 2.59
C TRP A 40 -3.85 8.15 3.17
N LEU A 41 -4.78 9.10 3.20
CA LEU A 41 -6.11 8.86 3.73
C LEU A 41 -7.09 8.51 2.60
N THR A 42 -8.20 7.89 2.96
CA THR A 42 -9.22 7.51 1.98
C THR A 42 -9.78 8.74 1.28
N ASP A 43 -9.57 9.91 1.87
CA ASP A 43 -10.06 11.15 1.28
C ASP A 43 -9.02 11.77 0.36
N GLY A 44 -7.76 11.35 0.52
CA GLY A 44 -6.69 11.87 -0.31
C GLY A 44 -5.70 12.71 0.48
N GLN A 45 -5.89 12.75 1.80
CA GLN A 45 -5.00 13.54 2.66
C GLN A 45 -3.81 12.71 3.11
N LYS A 46 -2.61 13.16 2.75
CA LYS A 46 -1.39 12.46 3.12
C LYS A 46 -1.03 12.71 4.57
N PHE A 47 -0.83 11.63 5.33
CA PHE A 47 -0.48 11.74 6.74
C PHE A 47 0.77 10.93 7.05
N ASP A 48 1.51 10.57 6.01
CA ASP A 48 2.74 9.80 6.18
C ASP A 48 3.41 9.55 4.82
N SER A 49 4.74 9.50 4.82
CA SER A 49 5.49 9.27 3.60
C SER A 49 6.85 8.67 3.91
N SER A 50 7.23 7.65 3.14
CA SER A 50 8.52 6.99 3.34
C SER A 50 9.68 7.91 2.96
N LYS A 51 9.39 8.90 2.13
CA LYS A 51 10.40 9.86 1.70
C LYS A 51 10.97 10.62 2.89
N ASP A 52 10.23 10.62 3.99
CA ASP A 52 10.66 11.32 5.20
C ASP A 52 12.05 10.84 5.63
N ARG A 53 12.28 9.54 5.52
CA ARG A 53 13.56 8.96 5.90
C ARG A 53 14.61 9.19 4.82
N ASN A 54 14.15 9.59 3.63
CA ASN A 54 15.05 9.84 2.51
C ASN A 54 15.78 8.57 2.09
N ASP A 55 15.01 7.53 1.80
CA ASP A 55 15.58 6.26 1.38
C ASP A 55 14.48 5.24 1.08
N PRO A 56 14.71 4.39 0.07
CA PRO A 56 13.75 3.36 -0.34
C PRO A 56 13.63 2.25 0.70
N PHE A 57 12.40 1.76 0.88
CA PHE A 57 12.14 0.69 1.83
C PHE A 57 12.44 -0.67 1.22
N ALA A 58 13.59 -1.22 1.56
CA ALA A 58 13.99 -2.53 1.05
C ALA A 58 13.73 -3.63 2.09
N PHE A 59 13.09 -4.70 1.65
CA PHE A 59 12.79 -5.83 2.53
C PHE A 59 12.39 -7.06 1.73
N VAL A 60 12.10 -8.15 2.43
CA VAL A 60 11.70 -9.39 1.79
C VAL A 60 10.18 -9.51 1.70
N LEU A 61 9.68 -9.84 0.50
CA LEU A 61 8.25 -9.98 0.29
C LEU A 61 7.71 -11.21 1.00
N GLY A 62 6.52 -11.07 1.59
CA GLY A 62 5.91 -12.18 2.29
C GLY A 62 6.16 -12.12 3.79
N GLY A 63 7.14 -11.33 4.20
CA GLY A 63 7.47 -11.20 5.60
C GLY A 63 7.63 -9.76 6.03
N GLY A 64 8.74 -9.47 6.71
CA GLY A 64 9.00 -8.12 7.16
C GLY A 64 7.99 -7.65 8.20
N MET A 65 7.20 -8.59 8.72
CA MET A 65 6.19 -8.27 9.73
C MET A 65 5.32 -7.10 9.26
N VAL A 66 4.64 -7.29 8.13
CA VAL A 66 3.78 -6.25 7.59
C VAL A 66 2.31 -6.66 7.67
N ILE A 67 1.43 -5.67 7.85
CA ILE A 67 0.00 -5.93 7.94
C ILE A 67 -0.50 -6.65 6.69
N LYS A 68 -1.62 -7.37 6.85
CA LYS A 68 -2.20 -8.10 5.74
C LYS A 68 -2.28 -7.24 4.48
N GLY A 69 -2.87 -6.05 4.62
CA GLY A 69 -2.99 -5.14 3.49
C GLY A 69 -1.67 -4.90 2.81
N TRP A 70 -0.60 -4.78 3.59
CA TRP A 70 0.73 -4.54 3.04
C TRP A 70 1.20 -5.72 2.21
N ASP A 71 1.25 -6.90 2.84
CA ASP A 71 1.68 -8.12 2.16
C ASP A 71 0.89 -8.33 0.87
N GLU A 72 -0.40 -7.99 0.91
CA GLU A 72 -1.27 -8.15 -0.25
C GLU A 72 -0.85 -7.20 -1.37
N GLY A 73 -0.49 -5.98 -0.99
CA GLY A 73 -0.08 -4.99 -1.98
C GLY A 73 1.34 -5.22 -2.48
N VAL A 74 2.21 -5.71 -1.60
CA VAL A 74 3.59 -5.97 -1.95
C VAL A 74 3.71 -7.22 -2.82
N GLN A 75 2.79 -8.17 -2.61
CA GLN A 75 2.78 -9.41 -3.37
C GLN A 75 2.14 -9.20 -4.75
N GLY A 76 1.77 -7.96 -5.04
CA GLY A 76 1.15 -7.65 -6.31
C GLY A 76 1.90 -6.57 -7.08
N MET A 77 2.57 -5.68 -6.35
CA MET A 77 3.32 -4.60 -6.97
C MET A 77 4.29 -5.14 -8.02
N LYS A 78 4.57 -4.33 -9.03
CA LYS A 78 5.49 -4.73 -10.09
C LYS A 78 6.67 -3.77 -10.18
N VAL A 79 7.80 -4.27 -10.67
CA VAL A 79 9.00 -3.45 -10.81
C VAL A 79 8.72 -2.22 -11.65
N GLY A 80 8.93 -1.04 -11.05
CA GLY A 80 8.70 0.20 -11.77
C GLY A 80 7.25 0.62 -11.75
N GLY A 81 6.40 -0.20 -11.12
CA GLY A 81 4.98 0.10 -11.05
C GLY A 81 4.62 0.88 -9.79
N VAL A 82 3.72 1.84 -9.94
CA VAL A 82 3.28 2.66 -8.81
C VAL A 82 1.76 2.72 -8.73
N ARG A 83 1.20 2.21 -7.65
CA ARG A 83 -0.25 2.21 -7.46
C ARG A 83 -0.60 2.36 -5.98
N ARG A 84 -1.74 2.99 -5.71
CA ARG A 84 -2.18 3.20 -4.34
C ARG A 84 -3.32 2.24 -3.99
N LEU A 85 -3.11 1.45 -2.94
CA LEU A 85 -4.13 0.49 -2.50
C LEU A 85 -4.71 0.89 -1.15
N THR A 86 -6.03 0.79 -1.03
CA THR A 86 -6.71 1.13 0.21
C THR A 86 -6.74 -0.04 1.17
N ILE A 87 -6.00 0.09 2.27
CA ILE A 87 -5.93 -0.96 3.28
C ILE A 87 -6.95 -0.72 4.40
N PRO A 88 -8.01 -1.54 4.42
CA PRO A 88 -9.06 -1.44 5.44
C PRO A 88 -8.58 -1.85 6.83
N PRO A 89 -9.42 -1.60 7.84
CA PRO A 89 -9.10 -1.95 9.23
C PRO A 89 -9.08 -3.45 9.47
N GLN A 90 -9.98 -4.16 8.78
CA GLN A 90 -10.06 -5.61 8.93
C GLN A 90 -8.80 -6.28 8.40
N LEU A 91 -7.97 -5.52 7.71
CA LEU A 91 -6.72 -6.05 7.15
C LEU A 91 -5.53 -5.23 7.62
N GLY A 92 -5.78 -4.29 8.52
CA GLY A 92 -4.71 -3.46 9.04
C GLY A 92 -4.63 -3.49 10.55
N TYR A 93 -5.13 -2.45 11.19
CA TYR A 93 -5.11 -2.36 12.65
C TYR A 93 -6.25 -3.17 13.27
N GLY A 94 -7.45 -3.02 12.70
CA GLY A 94 -8.60 -3.74 13.20
C GLY A 94 -9.55 -2.85 13.98
N ALA A 95 -10.47 -3.46 14.71
CA ALA A 95 -11.46 -2.72 15.49
C ALA A 95 -10.88 -2.32 16.85
N ARG A 96 -9.60 -2.61 17.05
CA ARG A 96 -8.93 -2.29 18.30
C ARG A 96 -8.68 -0.78 18.42
N GLY A 97 -8.62 -0.12 17.27
CA GLY A 97 -8.39 1.31 17.26
C GLY A 97 -6.91 1.66 17.29
N ALA A 98 -6.61 2.94 17.07
CA ALA A 98 -5.23 3.40 17.08
C ALA A 98 -5.16 4.91 17.26
N GLY A 99 -6.18 5.47 17.89
CA GLY A 99 -6.22 6.91 18.12
C GLY A 99 -7.62 7.42 18.40
N GLY A 100 -7.73 8.72 18.62
CA GLY A 100 -9.03 9.32 18.89
C GLY A 100 -9.88 9.45 17.65
N VAL A 101 -9.26 9.94 16.56
CA VAL A 101 -9.97 10.11 15.30
C VAL A 101 -9.88 8.87 14.43
N ILE A 102 -9.42 7.76 15.03
CA ILE A 102 -9.28 6.51 14.31
C ILE A 102 -10.23 5.45 14.87
N PRO A 103 -11.44 5.37 14.30
CA PRO A 103 -12.46 4.41 14.72
C PRO A 103 -12.08 2.97 14.35
N PRO A 104 -12.82 2.01 14.91
CA PRO A 104 -12.59 0.59 14.66
C PRO A 104 -12.96 0.18 13.23
N ASN A 105 -13.61 1.08 12.51
CA ASN A 105 -14.01 0.82 11.13
C ASN A 105 -13.32 1.79 10.18
N ALA A 106 -12.30 2.47 10.66
CA ALA A 106 -11.55 3.42 9.84
C ALA A 106 -10.66 2.71 8.84
N THR A 107 -10.47 3.32 7.68
CA THR A 107 -9.64 2.74 6.64
C THR A 107 -8.46 3.65 6.30
N LEU A 108 -7.33 3.05 5.96
CA LEU A 108 -6.13 3.80 5.62
C LEU A 108 -5.59 3.39 4.25
N VAL A 109 -5.21 4.37 3.44
CA VAL A 109 -4.67 4.10 2.11
C VAL A 109 -3.17 4.25 2.09
N PHE A 110 -2.51 3.47 1.23
CA PHE A 110 -1.06 3.51 1.11
C PHE A 110 -0.63 3.40 -0.36
N GLU A 111 0.43 4.11 -0.71
CA GLU A 111 0.95 4.09 -2.07
C GLU A 111 2.23 3.27 -2.17
N VAL A 112 2.19 2.21 -2.96
CA VAL A 112 3.34 1.34 -3.14
C VAL A 112 3.96 1.51 -4.53
N GLU A 113 5.27 1.76 -4.56
CA GLU A 113 5.97 1.95 -5.82
C GLU A 113 7.27 1.15 -5.84
N LEU A 114 7.35 0.17 -6.72
CA LEU A 114 8.54 -0.66 -6.85
C LEU A 114 9.63 0.06 -7.64
N LEU A 115 10.82 0.13 -7.07
CA LEU A 115 11.95 0.79 -7.73
C LEU A 115 12.86 -0.24 -8.40
N ASP A 116 13.02 -1.38 -7.76
CA ASP A 116 13.87 -2.44 -8.30
C ASP A 116 13.89 -3.66 -7.37
N VAL A 117 13.85 -4.85 -7.94
CA VAL A 117 13.86 -6.08 -7.16
C VAL A 117 15.29 -6.50 -6.82
N GLY A 1 -7.15 8.56 -22.46
CA GLY A 1 -7.38 9.67 -21.55
C GLY A 1 -6.24 9.89 -20.58
N PRO A 2 -6.27 11.01 -19.86
CA PRO A 2 -5.23 11.36 -18.88
C PRO A 2 -5.29 10.47 -17.64
N GLY A 3 -6.50 10.11 -17.22
CA GLY A 3 -6.66 9.27 -16.06
C GLY A 3 -8.11 8.98 -15.75
N SER A 4 -8.70 9.80 -14.88
CA SER A 4 -10.11 9.63 -14.50
C SER A 4 -10.35 8.20 -14.00
N MET A 5 -9.32 7.59 -13.44
CA MET A 5 -9.43 6.23 -12.93
C MET A 5 -10.27 6.20 -11.66
N THR A 6 -10.77 5.02 -11.31
CA THR A 6 -11.60 4.86 -10.12
C THR A 6 -10.97 3.88 -9.14
N VAL A 7 -11.35 3.99 -7.87
CA VAL A 7 -10.82 3.11 -6.84
C VAL A 7 -11.52 1.76 -6.83
N VAL A 8 -10.87 0.76 -7.42
CA VAL A 8 -11.43 -0.57 -7.50
C VAL A 8 -11.35 -1.28 -6.14
N THR A 9 -12.39 -2.03 -5.81
CA THR A 9 -12.45 -2.75 -4.54
C THR A 9 -12.45 -4.26 -4.77
N THR A 10 -12.07 -5.01 -3.74
CA THR A 10 -12.03 -6.46 -3.83
C THR A 10 -13.14 -7.09 -2.98
N GLU A 11 -13.13 -8.42 -2.91
CA GLU A 11 -14.13 -9.15 -2.14
C GLU A 11 -13.85 -9.04 -0.64
N SER A 12 -12.59 -8.82 -0.29
CA SER A 12 -12.19 -8.71 1.10
C SER A 12 -12.33 -7.27 1.59
N GLY A 13 -12.25 -6.32 0.65
CA GLY A 13 -12.36 -4.92 1.01
C GLY A 13 -11.21 -4.09 0.48
N LEU A 14 -10.03 -4.68 0.46
CA LEU A 14 -8.83 -3.98 -0.03
C LEU A 14 -9.08 -3.39 -1.42
N LYS A 15 -8.73 -2.11 -1.57
CA LYS A 15 -8.92 -1.43 -2.85
C LYS A 15 -7.57 -1.09 -3.49
N TYR A 16 -7.58 -0.81 -4.78
CA TYR A 16 -6.36 -0.48 -5.50
C TYR A 16 -6.65 0.51 -6.63
N GLU A 17 -5.81 1.54 -6.75
CA GLU A 17 -5.98 2.54 -7.78
C GLU A 17 -4.65 2.82 -8.49
N ASP A 18 -4.62 2.55 -9.80
CA ASP A 18 -3.43 2.77 -10.59
C ASP A 18 -3.01 4.24 -10.57
N LEU A 19 -1.72 4.48 -10.40
CA LEU A 19 -1.20 5.84 -10.36
C LEU A 19 -0.19 6.07 -11.47
N THR A 20 0.63 5.06 -11.73
CA THR A 20 1.64 5.14 -12.78
C THR A 20 2.11 3.75 -13.22
N GLU A 21 1.96 3.46 -14.50
CA GLU A 21 2.37 2.17 -15.04
C GLU A 21 3.81 1.86 -14.67
N GLY A 22 4.20 0.59 -14.85
CA GLY A 22 5.56 0.19 -14.53
C GLY A 22 6.18 -0.66 -15.63
N SER A 23 5.47 -1.70 -16.05
CA SER A 23 5.97 -2.58 -17.09
C SER A 23 7.26 -3.27 -16.65
N GLY A 24 7.21 -3.92 -15.49
CA GLY A 24 8.38 -4.61 -14.98
C GLY A 24 8.06 -6.00 -14.47
N ALA A 25 8.93 -6.52 -13.61
CA ALA A 25 8.72 -7.86 -13.05
C ALA A 25 7.91 -7.80 -11.76
N GLU A 26 7.05 -8.79 -11.56
CA GLU A 26 6.22 -8.86 -10.36
C GLU A 26 6.99 -9.44 -9.18
N ALA A 27 6.82 -8.84 -8.01
CA ALA A 27 7.49 -9.30 -6.81
C ALA A 27 7.13 -10.74 -6.49
N ARG A 28 8.08 -11.48 -5.93
CA ARG A 28 7.86 -12.88 -5.57
C ARG A 28 8.25 -13.14 -4.12
N ALA A 29 7.44 -13.93 -3.42
CA ALA A 29 7.70 -14.26 -2.03
C ALA A 29 9.03 -14.98 -1.88
N GLY A 30 9.93 -14.40 -1.09
CA GLY A 30 11.24 -15.00 -0.88
C GLY A 30 12.38 -14.14 -1.40
N GLN A 31 12.04 -13.23 -2.31
CA GLN A 31 13.04 -12.34 -2.89
C GLN A 31 12.94 -10.94 -2.30
N THR A 32 14.07 -10.28 -2.14
CA THR A 32 14.12 -8.94 -1.58
C THR A 32 13.97 -7.88 -2.67
N VAL A 33 13.28 -6.79 -2.35
CA VAL A 33 13.07 -5.71 -3.30
C VAL A 33 12.95 -4.36 -2.58
N SER A 34 13.17 -3.28 -3.33
CA SER A 34 13.08 -1.95 -2.78
C SER A 34 11.89 -1.19 -3.35
N VAL A 35 11.04 -0.68 -2.46
CA VAL A 35 9.85 0.06 -2.88
C VAL A 35 9.58 1.22 -1.93
N HIS A 36 8.71 2.14 -2.36
CA HIS A 36 8.36 3.30 -1.55
C HIS A 36 6.89 3.23 -1.12
N TYR A 37 6.65 3.56 0.14
CA TYR A 37 5.29 3.54 0.68
C TYR A 37 4.88 4.91 1.20
N THR A 38 3.69 5.35 0.81
CA THR A 38 3.19 6.65 1.22
C THR A 38 1.83 6.51 1.91
N GLY A 39 1.81 6.75 3.22
CA GLY A 39 0.58 6.65 3.98
C GLY A 39 -0.41 7.74 3.63
N TRP A 40 -1.49 7.36 2.97
CA TRP A 40 -2.52 8.31 2.56
C TRP A 40 -3.85 8.00 3.24
N LEU A 41 -4.69 9.02 3.39
CA LEU A 41 -6.00 8.85 4.02
C LEU A 41 -7.04 8.42 3.00
N THR A 42 -8.19 7.97 3.49
CA THR A 42 -9.28 7.52 2.63
C THR A 42 -9.71 8.63 1.68
N ASP A 43 -9.39 9.87 2.03
CA ASP A 43 -9.74 11.02 1.20
C ASP A 43 -8.57 11.43 0.31
N GLY A 44 -7.37 11.02 0.69
CA GLY A 44 -6.20 11.35 -0.09
C GLY A 44 -5.21 12.20 0.69
N GLN A 45 -5.50 12.41 1.97
CA GLN A 45 -4.64 13.22 2.83
C GLN A 45 -3.44 12.41 3.31
N LYS A 46 -2.25 12.82 2.89
CA LYS A 46 -1.01 12.13 3.29
C LYS A 46 -0.69 12.41 4.75
N PHE A 47 -0.51 11.35 5.52
CA PHE A 47 -0.17 11.49 6.94
C PHE A 47 1.07 10.68 7.29
N ASP A 48 1.85 10.33 6.26
CA ASP A 48 3.06 9.55 6.46
C ASP A 48 3.80 9.36 5.14
N SER A 49 5.09 9.72 5.12
CA SER A 49 5.89 9.59 3.92
C SER A 49 7.28 9.04 4.26
N SER A 50 7.76 8.11 3.42
CA SER A 50 9.06 7.50 3.64
C SER A 50 10.18 8.51 3.41
N LYS A 51 9.83 9.65 2.82
CA LYS A 51 10.80 10.70 2.54
C LYS A 51 11.51 11.13 3.82
N ASP A 52 10.86 10.93 4.96
CA ASP A 52 11.44 11.29 6.25
C ASP A 52 12.84 10.72 6.39
N ARG A 53 13.08 9.57 5.77
CA ARG A 53 14.38 8.91 5.83
C ARG A 53 15.18 9.16 4.55
N ASN A 54 14.47 9.53 3.49
CA ASN A 54 15.11 9.79 2.21
C ASN A 54 15.76 8.52 1.65
N ASP A 55 14.94 7.49 1.45
CA ASP A 55 15.44 6.22 0.92
C ASP A 55 14.30 5.21 0.77
N PRO A 56 14.39 4.38 -0.27
CA PRO A 56 13.37 3.36 -0.55
C PRO A 56 13.38 2.24 0.48
N PHE A 57 12.20 1.78 0.87
CA PHE A 57 12.08 0.71 1.86
C PHE A 57 12.34 -0.65 1.20
N ALA A 58 13.50 -1.22 1.52
CA ALA A 58 13.87 -2.52 0.97
C ALA A 58 13.71 -3.62 2.00
N PHE A 59 13.10 -4.74 1.59
CA PHE A 59 12.87 -5.86 2.48
C PHE A 59 12.54 -7.12 1.68
N VAL A 60 12.40 -8.24 2.40
CA VAL A 60 12.08 -9.51 1.77
C VAL A 60 10.57 -9.70 1.63
N LEU A 61 10.14 -10.11 0.45
CA LEU A 61 8.73 -10.33 0.19
C LEU A 61 8.24 -11.62 0.85
N GLY A 62 7.09 -11.55 1.50
CA GLY A 62 6.53 -12.73 2.16
C GLY A 62 7.00 -12.86 3.60
N GLY A 63 7.49 -11.75 4.17
CA GLY A 63 7.97 -11.77 5.53
C GLY A 63 6.83 -11.94 6.53
N GLY A 64 6.26 -10.84 6.98
CA GLY A 64 5.17 -10.90 7.94
C GLY A 64 5.13 -9.69 8.86
N MET A 65 6.25 -8.97 8.92
CA MET A 65 6.35 -7.78 9.76
C MET A 65 5.32 -6.74 9.34
N VAL A 66 4.92 -6.77 8.07
CA VAL A 66 3.95 -5.83 7.55
C VAL A 66 2.54 -6.40 7.62
N ILE A 67 1.55 -5.50 7.75
CA ILE A 67 0.15 -5.92 7.83
C ILE A 67 -0.24 -6.77 6.64
N LYS A 68 -1.27 -7.60 6.82
CA LYS A 68 -1.74 -8.47 5.76
C LYS A 68 -1.89 -7.70 4.45
N GLY A 69 -2.61 -6.58 4.50
CA GLY A 69 -2.80 -5.78 3.31
C GLY A 69 -1.51 -5.44 2.62
N TRP A 70 -0.47 -5.15 3.40
CA TRP A 70 0.83 -4.81 2.86
C TRP A 70 1.45 -5.98 2.12
N ASP A 71 1.47 -7.15 2.76
CA ASP A 71 2.02 -8.35 2.16
C ASP A 71 1.32 -8.67 0.85
N GLU A 72 -0.01 -8.57 0.85
CA GLU A 72 -0.80 -8.85 -0.34
C GLU A 72 -0.49 -7.86 -1.45
N GLY A 73 -0.20 -6.62 -1.08
CA GLY A 73 0.12 -5.59 -2.05
C GLY A 73 1.53 -5.73 -2.59
N VAL A 74 2.49 -5.92 -1.70
CA VAL A 74 3.88 -6.06 -2.10
C VAL A 74 4.11 -7.37 -2.84
N GLN A 75 3.23 -8.34 -2.61
CA GLN A 75 3.34 -9.64 -3.25
C GLN A 75 2.54 -9.68 -4.55
N GLY A 76 2.27 -8.50 -5.11
CA GLY A 76 1.52 -8.42 -6.34
C GLY A 76 2.03 -7.34 -7.27
N MET A 77 2.45 -6.21 -6.69
CA MET A 77 2.97 -5.09 -7.47
C MET A 77 4.15 -5.54 -8.32
N LYS A 78 4.51 -4.72 -9.31
CA LYS A 78 5.63 -5.02 -10.20
C LYS A 78 6.60 -3.86 -10.26
N VAL A 79 7.82 -4.15 -10.71
CA VAL A 79 8.85 -3.12 -10.83
C VAL A 79 8.36 -1.93 -11.65
N GLY A 80 8.48 -0.73 -11.07
CA GLY A 80 8.04 0.46 -11.77
C GLY A 80 6.55 0.71 -11.62
N GLY A 81 5.86 -0.22 -10.94
CA GLY A 81 4.44 -0.07 -10.75
C GLY A 81 4.09 0.78 -9.54
N VAL A 82 3.32 1.84 -9.77
CA VAL A 82 2.93 2.74 -8.70
C VAL A 82 1.41 2.89 -8.64
N ARG A 83 0.82 2.50 -7.51
CA ARG A 83 -0.62 2.59 -7.33
C ARG A 83 -0.97 2.68 -5.85
N ARG A 84 -2.07 3.37 -5.55
CA ARG A 84 -2.51 3.53 -4.17
C ARG A 84 -3.54 2.47 -3.81
N LEU A 85 -3.22 1.66 -2.80
CA LEU A 85 -4.12 0.61 -2.35
C LEU A 85 -4.71 0.93 -0.98
N THR A 86 -6.01 0.73 -0.82
CA THR A 86 -6.69 1.00 0.43
C THR A 86 -6.78 -0.26 1.30
N ILE A 87 -6.01 -0.28 2.38
CA ILE A 87 -6.01 -1.43 3.29
C ILE A 87 -6.95 -1.19 4.48
N PRO A 88 -7.97 -2.06 4.60
CA PRO A 88 -8.94 -1.97 5.69
C PRO A 88 -8.34 -2.32 7.05
N PRO A 89 -9.10 -2.08 8.12
CA PRO A 89 -8.66 -2.37 9.49
C PRO A 89 -8.57 -3.87 9.77
N GLN A 90 -9.49 -4.62 9.18
CA GLN A 90 -9.51 -6.07 9.36
C GLN A 90 -8.28 -6.72 8.74
N LEU A 91 -7.55 -5.95 7.95
CA LEU A 91 -6.35 -6.45 7.29
C LEU A 91 -5.15 -5.55 7.59
N GLY A 92 -5.33 -4.62 8.51
CA GLY A 92 -4.26 -3.70 8.88
C GLY A 92 -4.28 -3.34 10.35
N TYR A 93 -4.87 -2.19 10.66
CA TYR A 93 -4.95 -1.73 12.04
C TYR A 93 -5.94 -2.57 12.84
N GLY A 94 -7.21 -2.49 12.47
CA GLY A 94 -8.24 -3.25 13.16
C GLY A 94 -9.19 -2.36 13.94
N ALA A 95 -10.00 -2.97 14.80
CA ALA A 95 -10.97 -2.23 15.59
C ALA A 95 -10.32 -1.66 16.86
N ARG A 96 -9.01 -1.86 16.98
CA ARG A 96 -8.27 -1.36 18.13
C ARG A 96 -8.29 0.15 18.18
N GLY A 97 -8.35 0.78 17.01
CA GLY A 97 -8.36 2.23 16.93
C GLY A 97 -7.01 2.84 17.23
N ALA A 98 -6.70 3.94 16.56
CA ALA A 98 -5.43 4.63 16.75
C ALA A 98 -5.64 6.03 17.33
N GLY A 99 -6.83 6.57 17.13
CA GLY A 99 -7.14 7.90 17.63
C GLY A 99 -8.62 8.22 17.57
N GLY A 100 -8.98 9.42 18.00
CA GLY A 100 -10.38 9.81 18.00
C GLY A 100 -10.97 9.83 16.61
N VAL A 101 -10.28 10.47 15.67
CA VAL A 101 -10.74 10.55 14.28
C VAL A 101 -10.55 9.23 13.57
N ILE A 102 -9.88 8.28 14.23
CA ILE A 102 -9.64 6.97 13.65
C ILE A 102 -10.47 5.90 14.34
N PRO A 103 -11.70 5.68 13.82
CA PRO A 103 -12.62 4.69 14.37
C PRO A 103 -12.15 3.26 14.11
N PRO A 104 -12.79 2.30 14.80
CA PRO A 104 -12.45 0.87 14.67
C PRO A 104 -12.85 0.31 13.31
N ASN A 105 -13.58 1.10 12.53
CA ASN A 105 -14.02 0.68 11.21
C ASN A 105 -13.43 1.56 10.13
N ALA A 106 -12.44 2.36 10.51
CA ALA A 106 -11.78 3.26 9.57
C ALA A 106 -10.80 2.50 8.67
N THR A 107 -10.57 3.02 7.48
CA THR A 107 -9.65 2.40 6.53
C THR A 107 -8.42 3.27 6.31
N LEU A 108 -7.29 2.60 6.04
CA LEU A 108 -6.04 3.32 5.81
C LEU A 108 -5.52 3.06 4.40
N VAL A 109 -5.14 4.13 3.71
CA VAL A 109 -4.63 4.01 2.35
C VAL A 109 -3.11 4.17 2.32
N PHE A 110 -2.47 3.51 1.36
CA PHE A 110 -1.02 3.57 1.23
C PHE A 110 -0.60 3.47 -0.24
N GLU A 111 0.30 4.35 -0.65
CA GLU A 111 0.78 4.36 -2.03
C GLU A 111 2.00 3.45 -2.19
N VAL A 112 1.81 2.34 -2.91
CA VAL A 112 2.89 1.39 -3.13
C VAL A 112 3.53 1.60 -4.50
N GLU A 113 4.83 1.85 -4.50
CA GLU A 113 5.57 2.07 -5.75
C GLU A 113 6.86 1.27 -5.76
N LEU A 114 6.93 0.27 -6.64
CA LEU A 114 8.12 -0.57 -6.75
C LEU A 114 9.24 0.16 -7.48
N LEU A 115 10.39 0.26 -6.84
CA LEU A 115 11.54 0.93 -7.42
C LEU A 115 12.46 -0.07 -8.11
N ASP A 116 12.85 -1.11 -7.39
CA ASP A 116 13.73 -2.14 -7.93
C ASP A 116 13.50 -3.47 -7.23
N VAL A 117 14.10 -4.53 -7.77
CA VAL A 117 13.96 -5.87 -7.20
C VAL A 117 15.10 -6.15 -6.22
N GLY A 1 -6.29 12.58 -7.04
CA GLY A 1 -5.81 13.47 -8.09
C GLY A 1 -6.30 13.04 -9.46
N PRO A 2 -5.88 13.77 -10.50
CA PRO A 2 -6.26 13.47 -11.89
C PRO A 2 -5.64 12.19 -12.41
N GLY A 3 -5.78 11.94 -13.71
CA GLY A 3 -5.22 10.74 -14.31
C GLY A 3 -6.28 9.70 -14.63
N SER A 4 -6.01 8.45 -14.27
CA SER A 4 -6.95 7.36 -14.52
C SER A 4 -7.87 7.14 -13.32
N MET A 5 -9.17 7.22 -13.56
CA MET A 5 -10.15 7.03 -12.50
C MET A 5 -10.67 5.60 -12.49
N THR A 6 -9.84 4.68 -12.98
CA THR A 6 -10.22 3.27 -13.03
C THR A 6 -9.92 2.57 -11.71
N VAL A 7 -10.67 2.93 -10.67
CA VAL A 7 -10.49 2.34 -9.36
C VAL A 7 -11.32 1.07 -9.21
N VAL A 8 -10.68 0.02 -8.68
CA VAL A 8 -11.35 -1.26 -8.50
C VAL A 8 -11.11 -1.80 -7.09
N THR A 9 -12.13 -2.43 -6.52
CA THR A 9 -12.03 -2.99 -5.18
C THR A 9 -12.22 -4.51 -5.21
N THR A 10 -11.46 -5.21 -4.37
CA THR A 10 -11.54 -6.67 -4.29
C THR A 10 -12.49 -7.11 -3.18
N GLU A 11 -13.02 -8.32 -3.32
CA GLU A 11 -13.94 -8.85 -2.32
C GLU A 11 -13.32 -8.82 -0.93
N SER A 12 -11.99 -8.89 -0.88
CA SER A 12 -11.28 -8.88 0.39
C SER A 12 -11.51 -7.55 1.13
N GLY A 13 -11.87 -6.52 0.38
CA GLY A 13 -12.11 -5.22 0.97
C GLY A 13 -11.13 -4.17 0.50
N LEU A 14 -9.89 -4.59 0.26
CA LEU A 14 -8.85 -3.67 -0.20
C LEU A 14 -9.04 -3.32 -1.68
N LYS A 15 -8.70 -2.10 -2.05
CA LYS A 15 -8.82 -1.65 -3.44
C LYS A 15 -7.47 -1.22 -3.99
N TYR A 16 -7.39 -1.08 -5.30
CA TYR A 16 -6.16 -0.67 -5.96
C TYR A 16 -6.45 0.28 -7.12
N GLU A 17 -5.52 1.20 -7.37
CA GLU A 17 -5.67 2.17 -8.45
C GLU A 17 -4.33 2.50 -9.09
N ASP A 18 -4.20 2.22 -10.37
CA ASP A 18 -2.96 2.48 -11.09
C ASP A 18 -2.61 3.97 -11.05
N LEU A 19 -1.35 4.26 -10.79
CA LEU A 19 -0.89 5.65 -10.71
C LEU A 19 0.13 5.94 -11.81
N THR A 20 1.02 4.98 -12.05
CA THR A 20 2.05 5.13 -13.07
C THR A 20 2.62 3.78 -13.49
N GLU A 21 2.52 3.48 -14.78
CA GLU A 21 3.03 2.21 -15.30
C GLU A 21 4.48 1.99 -14.90
N GLY A 22 4.94 0.75 -15.03
CA GLY A 22 6.31 0.43 -14.65
C GLY A 22 6.96 -0.51 -15.65
N SER A 23 6.25 -1.55 -16.05
CA SER A 23 6.78 -2.52 -16.99
C SER A 23 8.00 -3.24 -16.41
N GLY A 24 7.79 -3.99 -15.33
CA GLY A 24 8.88 -4.71 -14.71
C GLY A 24 8.52 -6.15 -14.39
N ALA A 25 8.55 -6.50 -13.11
CA ALA A 25 8.22 -7.85 -12.68
C ALA A 25 7.48 -7.83 -11.34
N GLU A 26 6.44 -8.66 -11.24
CA GLU A 26 5.65 -8.74 -10.02
C GLU A 26 6.44 -9.40 -8.90
N ALA A 27 6.48 -8.76 -7.75
CA ALA A 27 7.20 -9.29 -6.59
C ALA A 27 6.64 -10.65 -6.18
N ARG A 28 7.46 -11.43 -5.48
CA ARG A 28 7.05 -12.76 -5.03
C ARG A 28 7.40 -12.96 -3.55
N ALA A 29 6.49 -13.60 -2.82
CA ALA A 29 6.71 -13.85 -1.40
C ALA A 29 7.97 -14.69 -1.18
N GLY A 30 8.91 -14.12 -0.42
CA GLY A 30 10.16 -14.83 -0.15
C GLY A 30 11.36 -14.12 -0.72
N GLN A 31 11.12 -13.23 -1.68
CA GLN A 31 12.19 -12.48 -2.32
C GLN A 31 12.26 -11.05 -1.78
N THR A 32 13.47 -10.55 -1.57
CA THR A 32 13.68 -9.21 -1.05
C THR A 32 13.64 -8.18 -2.18
N VAL A 33 12.93 -7.09 -1.96
CA VAL A 33 12.82 -6.02 -2.95
C VAL A 33 12.68 -4.66 -2.29
N SER A 34 12.87 -3.60 -3.07
CA SER A 34 12.76 -2.24 -2.56
C SER A 34 11.52 -1.55 -3.12
N VAL A 35 10.70 -1.01 -2.22
CA VAL A 35 9.49 -0.31 -2.63
C VAL A 35 9.22 0.89 -1.74
N HIS A 36 8.38 1.81 -2.24
CA HIS A 36 8.05 3.01 -1.49
C HIS A 36 6.61 2.96 -0.98
N TYR A 37 6.42 3.27 0.30
CA TYR A 37 5.09 3.26 0.91
C TYR A 37 4.70 4.64 1.38
N THR A 38 3.50 5.08 1.01
CA THR A 38 3.00 6.38 1.40
C THR A 38 1.65 6.28 2.11
N GLY A 39 1.65 6.53 3.40
CA GLY A 39 0.41 6.45 4.17
C GLY A 39 -0.52 7.60 3.88
N TRP A 40 -1.59 7.30 3.14
CA TRP A 40 -2.58 8.33 2.77
C TRP A 40 -3.93 8.01 3.40
N LEU A 41 -4.69 9.05 3.69
CA LEU A 41 -6.01 8.90 4.29
C LEU A 41 -7.09 8.90 3.23
N THR A 42 -8.23 8.27 3.53
CA THR A 42 -9.34 8.20 2.60
C THR A 42 -9.85 9.59 2.24
N ASP A 43 -9.50 10.57 3.06
CA ASP A 43 -9.92 11.95 2.82
C ASP A 43 -9.08 12.60 1.73
N GLY A 44 -7.91 12.01 1.47
CA GLY A 44 -7.02 12.55 0.44
C GLY A 44 -5.74 13.11 1.03
N GLN A 45 -5.74 13.36 2.33
CA GLN A 45 -4.56 13.91 3.00
C GLN A 45 -3.64 12.79 3.47
N LYS A 46 -2.33 13.03 3.38
CA LYS A 46 -1.35 12.04 3.80
C LYS A 46 -0.90 12.30 5.23
N PHE A 47 -0.38 11.26 5.88
CA PHE A 47 0.08 11.37 7.26
C PHE A 47 1.36 10.56 7.47
N ASP A 48 2.01 10.21 6.37
CA ASP A 48 3.25 9.43 6.43
C ASP A 48 3.82 9.19 5.03
N SER A 49 5.08 9.54 4.85
CA SER A 49 5.73 9.38 3.55
C SER A 49 7.21 9.03 3.73
N SER A 50 7.70 8.11 2.91
CA SER A 50 9.10 7.69 2.97
C SER A 50 10.03 8.82 2.55
N LYS A 51 9.46 9.85 1.95
CA LYS A 51 10.23 11.01 1.49
C LYS A 51 11.01 11.62 2.65
N ASP A 52 10.52 11.44 3.87
CA ASP A 52 11.17 11.97 5.05
C ASP A 52 12.63 11.52 5.12
N ARG A 53 12.89 10.31 4.63
CA ARG A 53 14.24 9.77 4.63
C ARG A 53 14.84 9.81 3.23
N ASN A 54 13.99 9.82 2.22
CA ASN A 54 14.44 9.84 0.83
C ASN A 54 15.23 8.58 0.49
N ASP A 55 14.60 7.44 0.65
CA ASP A 55 15.24 6.16 0.34
C ASP A 55 14.21 5.05 0.20
N PRO A 56 14.48 4.10 -0.72
CA PRO A 56 13.59 2.97 -0.99
C PRO A 56 13.54 1.98 0.18
N PHE A 57 12.35 1.47 0.46
CA PHE A 57 12.18 0.51 1.55
C PHE A 57 12.48 -0.90 1.08
N ALA A 58 13.67 -1.40 1.41
CA ALA A 58 14.08 -2.75 1.01
C ALA A 58 13.84 -3.74 2.14
N PHE A 59 13.13 -4.82 1.82
CA PHE A 59 12.83 -5.86 2.81
C PHE A 59 12.40 -7.15 2.13
N VAL A 60 12.25 -8.20 2.91
CA VAL A 60 11.84 -9.51 2.39
C VAL A 60 10.32 -9.57 2.22
N LEU A 61 9.87 -9.83 1.01
CA LEU A 61 8.45 -9.92 0.72
C LEU A 61 7.82 -11.14 1.39
N GLY A 62 6.59 -10.98 1.87
CA GLY A 62 5.92 -12.08 2.54
C GLY A 62 6.76 -12.72 3.63
N GLY A 63 7.30 -11.89 4.51
CA GLY A 63 8.13 -12.40 5.59
C GLY A 63 8.90 -11.30 6.29
N GLY A 64 8.20 -10.48 7.07
CA GLY A 64 8.85 -9.39 7.78
C GLY A 64 7.98 -8.85 8.90
N MET A 65 7.58 -7.59 8.78
CA MET A 65 6.75 -6.94 9.79
C MET A 65 5.80 -5.94 9.15
N VAL A 66 4.83 -6.45 8.40
CA VAL A 66 3.86 -5.59 7.73
C VAL A 66 2.45 -6.19 7.82
N ILE A 67 1.44 -5.32 7.82
CA ILE A 67 0.06 -5.76 7.89
C ILE A 67 -0.33 -6.56 6.65
N LYS A 68 -1.38 -7.37 6.79
CA LYS A 68 -1.86 -8.19 5.67
C LYS A 68 -1.98 -7.36 4.40
N GLY A 69 -2.67 -6.22 4.50
CA GLY A 69 -2.84 -5.35 3.35
C GLY A 69 -1.53 -5.01 2.69
N TRP A 70 -0.50 -4.80 3.49
CA TRP A 70 0.82 -4.46 2.98
C TRP A 70 1.42 -5.62 2.19
N ASP A 71 1.44 -6.79 2.81
CA ASP A 71 1.98 -7.99 2.16
C ASP A 71 1.26 -8.28 0.86
N GLU A 72 -0.06 -8.13 0.88
CA GLU A 72 -0.88 -8.38 -0.30
C GLU A 72 -0.54 -7.39 -1.41
N GLY A 73 -0.29 -6.14 -1.02
CA GLY A 73 0.03 -5.11 -1.99
C GLY A 73 1.45 -5.25 -2.53
N VAL A 74 2.40 -5.47 -1.64
CA VAL A 74 3.80 -5.62 -2.02
C VAL A 74 4.02 -6.90 -2.82
N GLN A 75 3.16 -7.89 -2.58
CA GLN A 75 3.26 -9.17 -3.27
C GLN A 75 2.46 -9.14 -4.58
N GLY A 76 2.06 -7.95 -5.00
CA GLY A 76 1.29 -7.80 -6.22
C GLY A 76 1.88 -6.77 -7.15
N MET A 77 2.46 -5.72 -6.58
CA MET A 77 3.07 -4.66 -7.37
C MET A 77 4.21 -5.20 -8.23
N LYS A 78 4.54 -4.47 -9.29
CA LYS A 78 5.61 -4.88 -10.20
C LYS A 78 6.76 -3.88 -10.16
N VAL A 79 7.96 -4.35 -10.52
CA VAL A 79 9.13 -3.50 -10.52
C VAL A 79 8.91 -2.25 -11.37
N GLY A 80 9.06 -1.09 -10.75
CA GLY A 80 8.87 0.17 -11.46
C GLY A 80 7.41 0.58 -11.54
N GLY A 81 6.54 -0.24 -10.95
CA GLY A 81 5.12 0.06 -10.97
C GLY A 81 4.69 0.89 -9.78
N VAL A 82 3.84 1.88 -10.03
CA VAL A 82 3.35 2.75 -8.97
C VAL A 82 1.83 2.81 -8.96
N ARG A 83 1.23 2.35 -7.86
CA ARG A 83 -0.23 2.36 -7.74
C ARG A 83 -0.65 2.52 -6.28
N ARG A 84 -1.79 3.16 -6.08
CA ARG A 84 -2.30 3.39 -4.73
C ARG A 84 -3.39 2.37 -4.37
N LEU A 85 -3.19 1.66 -3.26
CA LEU A 85 -4.14 0.66 -2.82
C LEU A 85 -4.69 1.01 -1.44
N THR A 86 -6.01 0.85 -1.28
CA THR A 86 -6.67 1.15 -0.01
C THR A 86 -6.75 -0.09 0.88
N ILE A 87 -6.10 -0.05 2.02
CA ILE A 87 -6.11 -1.16 2.96
C ILE A 87 -7.09 -0.92 4.09
N PRO A 88 -8.11 -1.79 4.18
CA PRO A 88 -9.15 -1.70 5.22
C PRO A 88 -8.60 -2.04 6.61
N PRO A 89 -9.43 -1.81 7.64
CA PRO A 89 -9.05 -2.09 9.04
C PRO A 89 -8.95 -3.58 9.32
N GLN A 90 -9.81 -4.36 8.67
CA GLN A 90 -9.82 -5.80 8.85
C GLN A 90 -8.55 -6.43 8.30
N LEU A 91 -7.78 -5.65 7.56
CA LEU A 91 -6.53 -6.13 6.96
C LEU A 91 -5.34 -5.31 7.46
N GLY A 92 -5.61 -4.37 8.36
CA GLY A 92 -4.56 -3.54 8.89
C GLY A 92 -4.51 -3.56 10.41
N TYR A 93 -5.01 -2.49 11.03
CA TYR A 93 -5.03 -2.38 12.48
C TYR A 93 -6.14 -3.24 13.07
N GLY A 94 -7.35 -3.07 12.57
CA GLY A 94 -8.49 -3.83 13.05
C GLY A 94 -9.47 -2.98 13.84
N ALA A 95 -10.35 -3.64 14.59
CA ALA A 95 -11.34 -2.92 15.39
C ALA A 95 -10.76 -2.50 16.73
N ARG A 96 -9.46 -2.75 16.92
CA ARG A 96 -8.79 -2.40 18.16
C ARG A 96 -8.61 -0.89 18.27
N GLY A 97 -8.56 -0.21 17.12
CA GLY A 97 -8.40 1.23 17.11
C GLY A 97 -6.95 1.65 17.15
N ALA A 98 -6.71 2.96 17.21
CA ALA A 98 -5.36 3.48 17.26
C ALA A 98 -5.32 4.83 17.97
N GLY A 99 -5.87 5.86 17.34
CA GLY A 99 -5.88 7.18 17.93
C GLY A 99 -7.29 7.64 18.29
N GLY A 100 -7.52 8.94 18.23
CA GLY A 100 -8.82 9.48 18.56
C GLY A 100 -9.76 9.49 17.37
N VAL A 101 -9.27 9.97 16.24
CA VAL A 101 -10.07 10.03 15.02
C VAL A 101 -9.87 8.78 14.16
N ILE A 102 -9.80 7.63 14.82
CA ILE A 102 -9.61 6.37 14.11
C ILE A 102 -10.49 5.28 14.70
N PRO A 103 -11.71 5.15 14.16
CA PRO A 103 -12.68 4.14 14.60
C PRO A 103 -12.25 2.72 14.24
N PRO A 104 -12.94 1.72 14.82
CA PRO A 104 -12.65 0.31 14.57
C PRO A 104 -13.05 -0.12 13.16
N ASN A 105 -13.75 0.76 12.45
CA ASN A 105 -14.19 0.48 11.09
C ASN A 105 -13.58 1.46 10.10
N ALA A 106 -12.57 2.20 10.56
CA ALA A 106 -11.89 3.17 9.71
C ALA A 106 -10.99 2.48 8.69
N THR A 107 -10.79 3.15 7.55
CA THR A 107 -9.96 2.59 6.50
C THR A 107 -8.70 3.43 6.29
N LEU A 108 -7.62 2.78 5.88
CA LEU A 108 -6.35 3.48 5.64
C LEU A 108 -5.82 3.19 4.24
N VAL A 109 -5.40 4.24 3.55
CA VAL A 109 -4.88 4.11 2.19
C VAL A 109 -3.35 4.18 2.18
N PHE A 110 -2.75 3.43 1.27
CA PHE A 110 -1.29 3.41 1.16
C PHE A 110 -0.86 3.24 -0.29
N GLU A 111 0.10 4.06 -0.72
CA GLU A 111 0.59 4.00 -2.09
C GLU A 111 1.89 3.19 -2.16
N VAL A 112 1.90 2.20 -3.05
CA VAL A 112 3.08 1.34 -3.21
C VAL A 112 3.78 1.63 -4.54
N GLU A 113 5.09 1.84 -4.47
CA GLU A 113 5.88 2.13 -5.66
C GLU A 113 7.14 1.28 -5.69
N LEU A 114 7.13 0.23 -6.52
CA LEU A 114 8.28 -0.66 -6.64
C LEU A 114 9.40 0.01 -7.42
N LEU A 115 10.60 0.01 -6.85
CA LEU A 115 11.76 0.61 -7.49
C LEU A 115 12.63 -0.46 -8.15
N ASP A 116 12.81 -1.58 -7.46
CA ASP A 116 13.62 -2.68 -7.99
C ASP A 116 13.48 -3.91 -7.11
N VAL A 117 13.94 -5.05 -7.63
CA VAL A 117 13.88 -6.31 -6.89
C VAL A 117 15.26 -6.75 -6.44
N GLY A 1 -12.28 18.68 -0.53
CA GLY A 1 -13.60 18.40 -1.10
C GLY A 1 -13.50 17.61 -2.38
N PRO A 2 -13.11 18.28 -3.48
CA PRO A 2 -12.98 17.64 -4.79
C PRO A 2 -11.81 16.66 -4.85
N GLY A 3 -12.04 15.45 -4.34
CA GLY A 3 -10.99 14.45 -4.35
C GLY A 3 -11.52 13.05 -4.66
N SER A 4 -12.26 12.95 -5.76
CA SER A 4 -12.84 11.67 -6.17
C SER A 4 -11.83 10.85 -6.98
N MET A 5 -12.14 9.58 -7.17
CA MET A 5 -11.26 8.68 -7.93
C MET A 5 -11.91 7.31 -8.12
N THR A 6 -11.50 6.60 -9.16
CA THR A 6 -12.03 5.28 -9.45
C THR A 6 -11.19 4.20 -8.79
N VAL A 7 -11.52 3.86 -7.56
CA VAL A 7 -10.81 2.83 -6.82
C VAL A 7 -11.52 1.48 -6.92
N VAL A 8 -10.75 0.44 -7.20
CA VAL A 8 -11.31 -0.91 -7.32
C VAL A 8 -11.13 -1.69 -6.03
N THR A 9 -12.17 -2.38 -5.61
CA THR A 9 -12.14 -3.18 -4.38
C THR A 9 -12.07 -4.67 -4.70
N THR A 10 -11.49 -5.44 -3.78
CA THR A 10 -11.37 -6.88 -3.96
C THR A 10 -12.38 -7.63 -3.11
N GLU A 11 -12.38 -8.96 -3.22
CA GLU A 11 -13.30 -9.78 -2.46
C GLU A 11 -12.97 -9.74 -0.97
N SER A 12 -11.69 -9.54 -0.66
CA SER A 12 -11.25 -9.49 0.74
C SER A 12 -11.61 -8.15 1.36
N GLY A 13 -11.52 -7.08 0.57
CA GLY A 13 -11.83 -5.76 1.08
C GLY A 13 -10.83 -4.71 0.63
N LEU A 14 -9.57 -5.11 0.54
CA LEU A 14 -8.50 -4.19 0.13
C LEU A 14 -8.76 -3.66 -1.27
N LYS A 15 -8.43 -2.40 -1.49
CA LYS A 15 -8.62 -1.77 -2.79
C LYS A 15 -7.28 -1.42 -3.42
N TYR A 16 -7.28 -1.22 -4.74
CA TYR A 16 -6.06 -0.88 -5.47
C TYR A 16 -6.39 0.00 -6.68
N GLU A 17 -5.62 1.07 -6.83
CA GLU A 17 -5.82 1.99 -7.95
C GLU A 17 -4.49 2.34 -8.61
N ASP A 18 -4.36 2.00 -9.88
CA ASP A 18 -3.14 2.28 -10.63
C ASP A 18 -2.87 3.79 -10.69
N LEU A 19 -1.61 4.16 -10.48
CA LEU A 19 -1.21 5.56 -10.51
C LEU A 19 -0.16 5.81 -11.58
N THR A 20 0.68 4.81 -11.82
CA THR A 20 1.73 4.92 -12.83
C THR A 20 2.15 3.55 -13.34
N GLU A 21 1.85 3.27 -14.60
CA GLU A 21 2.20 1.99 -15.20
C GLU A 21 3.68 1.69 -15.00
N GLY A 22 4.05 0.42 -15.19
CA GLY A 22 5.44 0.02 -15.03
C GLY A 22 5.72 -1.35 -15.64
N SER A 23 6.34 -1.34 -16.82
CA SER A 23 6.66 -2.59 -17.51
C SER A 23 7.82 -3.30 -16.82
N GLY A 24 7.54 -3.96 -15.71
CA GLY A 24 8.57 -4.67 -14.98
C GLY A 24 8.18 -6.11 -14.68
N ALA A 25 8.28 -6.49 -13.41
CA ALA A 25 7.93 -7.84 -12.99
C ALA A 25 7.32 -7.85 -11.58
N GLU A 26 6.32 -8.69 -11.38
CA GLU A 26 5.65 -8.79 -10.09
C GLU A 26 6.58 -9.38 -9.04
N ALA A 27 6.51 -8.85 -7.83
CA ALA A 27 7.35 -9.33 -6.73
C ALA A 27 7.10 -10.81 -6.45
N ARG A 28 8.07 -11.46 -5.83
CA ARG A 28 7.95 -12.88 -5.51
C ARG A 28 8.19 -13.13 -4.03
N ALA A 29 7.39 -14.01 -3.43
CA ALA A 29 7.52 -14.32 -2.02
C ALA A 29 8.85 -15.02 -1.73
N GLY A 30 9.70 -14.36 -0.96
CA GLY A 30 11.00 -14.91 -0.62
C GLY A 30 12.14 -14.08 -1.14
N GLN A 31 11.86 -13.20 -2.10
CA GLN A 31 12.88 -12.34 -2.68
C GLN A 31 12.77 -10.92 -2.13
N THR A 32 13.91 -10.24 -2.02
CA THR A 32 13.94 -8.88 -1.50
C THR A 32 13.83 -7.87 -2.62
N VAL A 33 13.20 -6.73 -2.33
CA VAL A 33 13.03 -5.67 -3.32
C VAL A 33 12.96 -4.31 -2.66
N SER A 34 13.31 -3.27 -3.42
CA SER A 34 13.29 -1.90 -2.90
C SER A 34 12.10 -1.13 -3.45
N VAL A 35 11.24 -0.67 -2.56
CA VAL A 35 10.05 0.08 -2.95
C VAL A 35 9.76 1.20 -1.95
N HIS A 36 8.93 2.15 -2.37
CA HIS A 36 8.57 3.27 -1.51
C HIS A 36 7.12 3.16 -1.05
N TYR A 37 6.91 3.35 0.25
CA TYR A 37 5.57 3.27 0.83
C TYR A 37 5.13 4.61 1.39
N THR A 38 3.86 4.95 1.19
CA THR A 38 3.31 6.20 1.68
C THR A 38 2.03 5.98 2.46
N GLY A 39 1.74 6.88 3.40
CA GLY A 39 0.54 6.76 4.20
C GLY A 39 -0.45 7.86 3.93
N TRP A 40 -1.53 7.51 3.23
CA TRP A 40 -2.57 8.48 2.90
C TRP A 40 -3.91 8.08 3.50
N LEU A 41 -4.83 9.04 3.59
CA LEU A 41 -6.15 8.78 4.15
C LEU A 41 -7.16 8.51 3.05
N THR A 42 -8.30 7.93 3.42
CA THR A 42 -9.35 7.61 2.46
C THR A 42 -9.90 8.87 1.81
N ASP A 43 -9.64 10.02 2.43
CA ASP A 43 -10.10 11.30 1.92
C ASP A 43 -9.07 11.93 1.00
N GLY A 44 -7.82 11.48 1.14
CA GLY A 44 -6.75 12.01 0.31
C GLY A 44 -5.73 12.79 1.12
N GLN A 45 -5.88 12.78 2.44
CA GLN A 45 -4.97 13.49 3.32
C GLN A 45 -3.77 12.61 3.69
N LYS A 46 -2.57 13.08 3.33
CA LYS A 46 -1.36 12.34 3.63
C LYS A 46 -0.89 12.61 5.06
N PHE A 47 -0.66 11.54 5.81
CA PHE A 47 -0.20 11.65 7.20
C PHE A 47 1.17 11.01 7.37
N ASP A 48 1.44 9.98 6.57
CA ASP A 48 2.71 9.27 6.64
C ASP A 48 3.42 9.30 5.29
N SER A 49 4.75 9.34 5.33
CA SER A 49 5.55 9.37 4.11
C SER A 49 6.95 8.82 4.36
N SER A 50 7.40 7.94 3.47
CA SER A 50 8.72 7.34 3.60
C SER A 50 9.82 8.39 3.45
N LYS A 51 9.44 9.56 2.94
CA LYS A 51 10.39 10.65 2.75
C LYS A 51 11.03 11.06 4.07
N ASP A 52 10.37 10.70 5.17
CA ASP A 52 10.88 11.03 6.50
C ASP A 52 12.33 10.58 6.65
N ARG A 53 12.65 9.41 6.11
CA ARG A 53 14.00 8.86 6.19
C ARG A 53 14.81 9.27 4.97
N ASN A 54 14.11 9.69 3.91
CA ASN A 54 14.78 10.11 2.68
C ASN A 54 15.50 8.93 2.04
N ASP A 55 14.82 7.80 1.95
CA ASP A 55 15.40 6.60 1.36
C ASP A 55 14.32 5.56 1.04
N PRO A 56 14.61 4.70 0.06
CA PRO A 56 13.67 3.66 -0.36
C PRO A 56 13.51 2.56 0.69
N PHE A 57 12.30 2.03 0.80
CA PHE A 57 12.01 0.97 1.77
C PHE A 57 12.18 -0.40 1.14
N ALA A 58 13.30 -1.05 1.42
CA ALA A 58 13.58 -2.38 0.87
C ALA A 58 13.37 -3.45 1.93
N PHE A 59 12.82 -4.59 1.51
CA PHE A 59 12.57 -5.70 2.41
C PHE A 59 12.21 -6.97 1.64
N VAL A 60 12.03 -8.07 2.37
CA VAL A 60 11.69 -9.34 1.75
C VAL A 60 10.17 -9.51 1.64
N LEU A 61 9.72 -9.94 0.46
CA LEU A 61 8.29 -10.14 0.23
C LEU A 61 7.82 -11.45 0.84
N GLY A 62 6.75 -11.40 1.62
CA GLY A 62 6.21 -12.58 2.26
C GLY A 62 7.17 -13.18 3.27
N GLY A 63 7.85 -12.32 4.02
CA GLY A 63 8.80 -12.79 5.02
C GLY A 63 9.35 -11.67 5.87
N GLY A 64 8.54 -10.63 6.07
CA GLY A 64 8.98 -9.50 6.87
C GLY A 64 8.15 -9.33 8.13
N MET A 65 7.54 -8.16 8.28
CA MET A 65 6.72 -7.87 9.45
C MET A 65 5.71 -6.76 9.15
N VAL A 66 4.83 -7.00 8.19
CA VAL A 66 3.82 -6.01 7.81
C VAL A 66 2.42 -6.57 8.01
N ILE A 67 1.42 -5.73 7.76
CA ILE A 67 0.03 -6.15 7.89
C ILE A 67 -0.46 -6.89 6.66
N LYS A 68 -1.56 -7.63 6.80
CA LYS A 68 -2.11 -8.39 5.69
C LYS A 68 -2.20 -7.53 4.43
N GLY A 69 -2.80 -6.36 4.56
CA GLY A 69 -2.93 -5.47 3.42
C GLY A 69 -1.60 -5.22 2.72
N TRP A 70 -0.54 -5.07 3.52
CA TRP A 70 0.79 -4.82 2.98
C TRP A 70 1.28 -6.02 2.17
N ASP A 71 1.29 -7.18 2.81
CA ASP A 71 1.73 -8.41 2.14
C ASP A 71 0.98 -8.62 0.84
N GLU A 72 -0.33 -8.40 0.86
CA GLU A 72 -1.16 -8.57 -0.32
C GLU A 72 -0.77 -7.58 -1.42
N GLY A 73 -0.36 -6.38 -0.99
CA GLY A 73 0.03 -5.35 -1.94
C GLY A 73 1.41 -5.59 -2.51
N VAL A 74 2.38 -5.82 -1.63
CA VAL A 74 3.76 -6.06 -2.05
C VAL A 74 3.86 -7.34 -2.88
N GLN A 75 2.91 -8.25 -2.66
CA GLN A 75 2.90 -9.52 -3.37
C GLN A 75 2.10 -9.40 -4.67
N GLY A 76 1.87 -8.18 -5.12
CA GLY A 76 1.13 -7.95 -6.34
C GLY A 76 1.76 -6.91 -7.23
N MET A 77 2.34 -5.88 -6.62
CA MET A 77 2.99 -4.81 -7.37
C MET A 77 4.11 -5.35 -8.23
N LYS A 78 4.49 -4.60 -9.26
CA LYS A 78 5.56 -5.01 -10.16
C LYS A 78 6.66 -3.95 -10.21
N VAL A 79 7.84 -4.35 -10.70
CA VAL A 79 8.96 -3.44 -10.80
C VAL A 79 8.60 -2.22 -11.62
N GLY A 80 8.73 -1.04 -11.01
CA GLY A 80 8.41 0.20 -11.70
C GLY A 80 6.94 0.52 -11.65
N GLY A 81 6.16 -0.33 -11.00
CA GLY A 81 4.73 -0.12 -10.90
C GLY A 81 4.37 0.70 -9.68
N VAL A 82 3.57 1.75 -9.89
CA VAL A 82 3.13 2.61 -8.79
C VAL A 82 1.61 2.70 -8.73
N ARG A 83 1.05 2.32 -7.59
CA ARG A 83 -0.40 2.36 -7.41
C ARG A 83 -0.75 2.50 -5.93
N ARG A 84 -1.88 3.15 -5.65
CA ARG A 84 -2.33 3.36 -4.28
C ARG A 84 -3.26 2.23 -3.84
N LEU A 85 -2.84 1.49 -2.82
CA LEU A 85 -3.65 0.39 -2.31
C LEU A 85 -4.30 0.76 -0.98
N THR A 86 -5.63 0.62 -0.91
CA THR A 86 -6.37 0.94 0.29
C THR A 86 -6.42 -0.25 1.24
N ILE A 87 -5.73 -0.13 2.37
CA ILE A 87 -5.69 -1.21 3.36
C ILE A 87 -6.70 -0.95 4.48
N PRO A 88 -7.80 -1.72 4.47
CA PRO A 88 -8.86 -1.60 5.47
C PRO A 88 -8.41 -2.08 6.85
N PRO A 89 -9.25 -1.83 7.87
CA PRO A 89 -8.96 -2.23 9.24
C PRO A 89 -9.02 -3.75 9.43
N GLN A 90 -9.94 -4.39 8.71
CA GLN A 90 -10.10 -5.84 8.79
C GLN A 90 -8.87 -6.56 8.24
N LEU A 91 -8.01 -5.80 7.57
CA LEU A 91 -6.79 -6.37 6.99
C LEU A 91 -5.55 -5.65 7.51
N GLY A 92 -5.76 -4.75 8.47
CA GLY A 92 -4.64 -4.02 9.04
C GLY A 92 -4.88 -3.64 10.49
N TYR A 93 -5.12 -2.36 10.74
CA TYR A 93 -5.36 -1.87 12.08
C TYR A 93 -6.47 -2.65 12.76
N GLY A 94 -7.69 -2.50 12.27
CA GLY A 94 -8.82 -3.21 12.84
C GLY A 94 -9.71 -2.31 13.67
N ALA A 95 -10.52 -2.91 14.54
CA ALA A 95 -11.42 -2.15 15.40
C ALA A 95 -10.71 -1.66 16.66
N ARG A 96 -9.41 -1.93 16.73
CA ARG A 96 -8.62 -1.51 17.88
C ARG A 96 -8.45 0.00 17.92
N GLY A 97 -8.52 0.63 16.75
CA GLY A 97 -8.37 2.06 16.66
C GLY A 97 -6.92 2.50 16.77
N ALA A 98 -6.69 3.81 16.67
CA ALA A 98 -5.35 4.35 16.76
C ALA A 98 -5.34 5.70 17.49
N GLY A 99 -6.03 6.67 16.91
CA GLY A 99 -6.09 8.00 17.52
C GLY A 99 -7.50 8.48 17.71
N GLY A 100 -7.69 9.79 17.70
CA GLY A 100 -9.01 10.36 17.88
C GLY A 100 -9.82 10.37 16.59
N VAL A 101 -9.17 10.74 15.49
CA VAL A 101 -9.83 10.79 14.20
C VAL A 101 -9.64 9.48 13.44
N ILE A 102 -9.74 8.36 14.15
CA ILE A 102 -9.58 7.05 13.55
C ILE A 102 -10.45 6.01 14.24
N PRO A 103 -11.69 5.86 13.76
CA PRO A 103 -12.65 4.91 14.32
C PRO A 103 -12.26 3.46 14.03
N PRO A 104 -12.93 2.52 14.72
CA PRO A 104 -12.67 1.09 14.55
C PRO A 104 -13.13 0.56 13.19
N ASN A 105 -13.84 1.41 12.45
CA ASN A 105 -14.33 1.03 11.13
C ASN A 105 -13.71 1.90 10.05
N ALA A 106 -12.64 2.61 10.41
CA ALA A 106 -11.94 3.47 9.46
C ALA A 106 -10.95 2.69 8.62
N THR A 107 -10.69 3.16 7.41
CA THR A 107 -9.75 2.50 6.51
C THR A 107 -8.50 3.35 6.31
N LEU A 108 -7.36 2.69 6.14
CA LEU A 108 -6.09 3.37 5.94
C LEU A 108 -5.56 3.14 4.52
N VAL A 109 -5.22 4.22 3.83
CA VAL A 109 -4.71 4.14 2.48
C VAL A 109 -3.18 4.22 2.45
N PHE A 110 -2.56 3.44 1.58
CA PHE A 110 -1.11 3.42 1.46
C PHE A 110 -0.68 3.29 0.01
N GLU A 111 0.29 4.09 -0.40
CA GLU A 111 0.79 4.06 -1.76
C GLU A 111 2.03 3.18 -1.87
N VAL A 112 2.04 2.28 -2.85
CA VAL A 112 3.17 1.38 -3.06
C VAL A 112 3.76 1.56 -4.45
N GLU A 113 5.07 1.81 -4.50
CA GLU A 113 5.75 2.00 -5.78
C GLU A 113 7.06 1.21 -5.81
N LEU A 114 7.12 0.21 -6.68
CA LEU A 114 8.32 -0.62 -6.81
C LEU A 114 9.38 0.08 -7.66
N LEU A 115 10.59 0.15 -7.13
CA LEU A 115 11.70 0.80 -7.84
C LEU A 115 12.54 -0.24 -8.58
N ASP A 116 12.83 -1.35 -7.91
CA ASP A 116 13.62 -2.41 -8.52
C ASP A 116 13.73 -3.61 -7.58
N VAL A 117 13.71 -4.81 -8.15
CA VAL A 117 13.80 -6.03 -7.36
C VAL A 117 15.25 -6.35 -7.01
N GLY A 1 -6.24 12.51 -2.14
CA GLY A 1 -6.50 13.93 -2.34
C GLY A 1 -7.96 14.21 -2.68
N PRO A 2 -8.35 15.49 -2.62
CA PRO A 2 -9.72 15.91 -2.92
C PRO A 2 -10.06 15.78 -4.40
N GLY A 3 -11.34 15.65 -4.70
CA GLY A 3 -11.77 15.52 -6.08
C GLY A 3 -12.71 14.35 -6.29
N SER A 4 -12.84 13.91 -7.53
CA SER A 4 -13.72 12.79 -7.87
C SER A 4 -13.39 11.57 -7.01
N MET A 5 -14.22 10.55 -7.11
CA MET A 5 -14.02 9.32 -6.36
C MET A 5 -13.65 8.16 -7.28
N THR A 6 -12.68 8.39 -8.16
CA THR A 6 -12.24 7.37 -9.11
C THR A 6 -11.43 6.29 -8.41
N VAL A 7 -12.14 5.37 -7.73
CA VAL A 7 -11.48 4.29 -7.02
C VAL A 7 -12.17 2.96 -7.29
N VAL A 8 -11.40 1.88 -7.26
CA VAL A 8 -11.94 0.54 -7.50
C VAL A 8 -11.74 -0.36 -6.30
N THR A 9 -12.84 -0.94 -5.81
CA THR A 9 -12.79 -1.83 -4.65
C THR A 9 -12.81 -3.29 -5.08
N THR A 10 -12.40 -4.17 -4.18
CA THR A 10 -12.37 -5.60 -4.46
C THR A 10 -13.45 -6.34 -3.67
N GLU A 11 -13.43 -7.67 -3.77
CA GLU A 11 -14.41 -8.49 -3.06
C GLU A 11 -14.13 -8.51 -1.56
N SER A 12 -12.85 -8.36 -1.21
CA SER A 12 -12.44 -8.37 0.19
C SER A 12 -12.72 -7.02 0.84
N GLY A 13 -12.66 -5.96 0.05
CA GLY A 13 -12.91 -4.63 0.56
C GLY A 13 -11.81 -3.65 0.21
N LEU A 14 -10.61 -4.17 0.00
CA LEU A 14 -9.47 -3.33 -0.35
C LEU A 14 -9.66 -2.68 -1.72
N LYS A 15 -9.13 -1.47 -1.87
CA LYS A 15 -9.24 -0.75 -3.14
C LYS A 15 -7.87 -0.54 -3.76
N TYR A 16 -7.86 -0.15 -5.04
CA TYR A 16 -6.62 0.07 -5.76
C TYR A 16 -6.78 1.17 -6.81
N GLU A 17 -5.76 2.00 -6.95
CA GLU A 17 -5.79 3.10 -7.91
C GLU A 17 -4.49 3.18 -8.70
N ASP A 18 -4.60 3.13 -10.02
CA ASP A 18 -3.43 3.19 -10.88
C ASP A 18 -2.87 4.62 -10.95
N LEU A 19 -1.58 4.75 -10.66
CA LEU A 19 -0.92 6.04 -10.67
C LEU A 19 0.12 6.11 -11.79
N THR A 20 0.84 5.01 -11.99
CA THR A 20 1.87 4.95 -13.03
C THR A 20 2.20 3.51 -13.39
N GLU A 21 1.91 3.12 -14.62
CA GLU A 21 2.18 1.76 -15.08
C GLU A 21 3.68 1.48 -15.10
N GLY A 22 4.04 0.21 -15.05
CA GLY A 22 5.44 -0.17 -15.05
C GLY A 22 5.65 -1.64 -15.38
N SER A 23 6.01 -1.92 -16.62
CA SER A 23 6.24 -3.29 -17.06
C SER A 23 7.59 -3.80 -16.59
N GLY A 24 7.69 -4.14 -15.31
CA GLY A 24 8.94 -4.63 -14.77
C GLY A 24 8.82 -6.06 -14.26
N ALA A 25 9.57 -6.36 -13.20
CA ALA A 25 9.55 -7.70 -12.62
C ALA A 25 8.63 -7.75 -11.39
N GLU A 26 7.83 -8.81 -11.31
CA GLU A 26 6.90 -8.97 -10.20
C GLU A 26 7.61 -9.58 -8.98
N ALA A 27 7.33 -9.03 -7.81
CA ALA A 27 7.93 -9.51 -6.57
C ALA A 27 7.40 -10.90 -6.21
N ARG A 28 8.25 -11.70 -5.58
CA ARG A 28 7.88 -13.05 -5.18
C ARG A 28 8.33 -13.33 -3.75
N ALA A 29 7.47 -14.02 -2.99
CA ALA A 29 7.78 -14.35 -1.61
C ALA A 29 9.11 -15.08 -1.50
N GLY A 30 10.01 -14.53 -0.70
CA GLY A 30 11.33 -15.14 -0.53
C GLY A 30 12.45 -14.25 -1.02
N GLN A 31 12.12 -13.37 -1.96
CA GLN A 31 13.12 -12.45 -2.53
C GLN A 31 12.95 -11.05 -1.96
N THR A 32 14.06 -10.33 -1.85
CA THR A 32 14.03 -8.97 -1.32
C THR A 32 13.82 -7.95 -2.44
N VAL A 33 13.10 -6.88 -2.13
CA VAL A 33 12.83 -5.83 -3.11
C VAL A 33 12.72 -4.47 -2.43
N SER A 34 12.88 -3.41 -3.22
CA SER A 34 12.81 -2.05 -2.71
C SER A 34 11.60 -1.32 -3.27
N VAL A 35 10.77 -0.77 -2.38
CA VAL A 35 9.58 -0.04 -2.80
C VAL A 35 9.32 1.15 -1.88
N HIS A 36 8.45 2.05 -2.33
CA HIS A 36 8.10 3.23 -1.55
C HIS A 36 6.66 3.16 -1.05
N TYR A 37 6.46 3.43 0.23
CA TYR A 37 5.13 3.40 0.82
C TYR A 37 4.74 4.78 1.34
N THR A 38 3.50 5.18 1.06
CA THR A 38 2.99 6.47 1.49
C THR A 38 1.65 6.33 2.20
N GLY A 39 1.67 6.49 3.53
CA GLY A 39 0.45 6.37 4.30
C GLY A 39 -0.51 7.53 4.06
N TRP A 40 -1.61 7.26 3.37
CA TRP A 40 -2.60 8.29 3.09
C TRP A 40 -3.95 7.94 3.70
N LEU A 41 -4.75 8.96 3.98
CA LEU A 41 -6.07 8.76 4.58
C LEU A 41 -7.15 8.73 3.49
N THR A 42 -8.25 8.05 3.78
CA THR A 42 -9.36 7.94 2.84
C THR A 42 -9.91 9.31 2.48
N ASP A 43 -9.62 10.30 3.32
CA ASP A 43 -10.08 11.66 3.10
C ASP A 43 -9.24 12.35 2.02
N GLY A 44 -8.05 11.82 1.79
CA GLY A 44 -7.16 12.40 0.79
C GLY A 44 -5.98 13.12 1.41
N GLN A 45 -5.87 13.04 2.73
CA GLN A 45 -4.78 13.69 3.45
C GLN A 45 -3.68 12.69 3.82
N LYS A 46 -2.43 13.11 3.65
CA LYS A 46 -1.29 12.26 3.96
C LYS A 46 -0.96 12.31 5.44
N PHE A 47 -0.48 11.20 5.98
CA PHE A 47 -0.12 11.12 7.39
C PHE A 47 1.13 10.27 7.59
N ASP A 48 1.83 9.99 6.50
CA ASP A 48 3.04 9.18 6.55
C ASP A 48 3.69 9.08 5.18
N SER A 49 4.97 9.42 5.11
CA SER A 49 5.71 9.38 3.85
C SER A 49 7.15 8.91 4.08
N SER A 50 7.65 8.09 3.17
CA SER A 50 9.00 7.56 3.28
C SER A 50 10.03 8.68 3.10
N LYS A 51 9.60 9.77 2.48
CA LYS A 51 10.48 10.92 2.24
C LYS A 51 11.06 11.43 3.55
N ASP A 52 10.36 11.18 4.65
CA ASP A 52 10.79 11.61 5.97
C ASP A 52 12.24 11.17 6.23
N ARG A 53 12.58 9.98 5.76
CA ARG A 53 13.91 9.43 5.94
C ARG A 53 14.74 9.58 4.66
N ASN A 54 14.06 9.78 3.54
CA ASN A 54 14.73 9.94 2.26
C ASN A 54 15.48 8.66 1.89
N ASP A 55 14.74 7.58 1.69
CA ASP A 55 15.35 6.30 1.32
C ASP A 55 14.27 5.28 0.96
N PRO A 56 14.58 4.40 0.00
CA PRO A 56 13.66 3.37 -0.47
C PRO A 56 13.45 2.28 0.57
N PHE A 57 12.22 1.80 0.68
CA PHE A 57 11.88 0.75 1.65
C PHE A 57 12.22 -0.63 1.09
N ALA A 58 13.34 -1.18 1.52
CA ALA A 58 13.78 -2.50 1.07
C ALA A 58 13.56 -3.55 2.15
N PHE A 59 12.97 -4.68 1.75
CA PHE A 59 12.70 -5.76 2.68
C PHE A 59 12.39 -7.05 1.93
N VAL A 60 12.29 -8.15 2.67
CA VAL A 60 12.00 -9.45 2.08
C VAL A 60 10.50 -9.65 1.90
N LEU A 61 10.12 -10.23 0.76
CA LEU A 61 8.72 -10.47 0.45
C LEU A 61 8.24 -11.77 1.09
N GLY A 62 7.01 -11.76 1.60
CA GLY A 62 6.46 -12.94 2.23
C GLY A 62 6.75 -13.00 3.73
N GLY A 63 8.04 -13.02 4.07
CA GLY A 63 8.43 -13.08 5.46
C GLY A 63 9.12 -11.82 5.92
N GLY A 64 8.33 -10.81 6.29
CA GLY A 64 8.90 -9.55 6.74
C GLY A 64 8.22 -9.03 8.00
N MET A 65 7.67 -7.83 7.92
CA MET A 65 6.99 -7.22 9.05
C MET A 65 6.00 -6.15 8.60
N VAL A 66 4.91 -6.59 7.97
CA VAL A 66 3.89 -5.67 7.49
C VAL A 66 2.49 -6.21 7.76
N ILE A 67 1.48 -5.44 7.38
CA ILE A 67 0.09 -5.84 7.58
C ILE A 67 -0.40 -6.74 6.45
N LYS A 68 -1.48 -7.47 6.71
CA LYS A 68 -2.04 -8.37 5.72
C LYS A 68 -2.16 -7.68 4.36
N GLY A 69 -2.78 -6.51 4.34
CA GLY A 69 -2.95 -5.77 3.11
C GLY A 69 -1.64 -5.55 2.39
N TRP A 70 -0.58 -5.28 3.15
CA TRP A 70 0.74 -5.05 2.58
C TRP A 70 1.25 -6.29 1.87
N ASP A 71 1.30 -7.40 2.60
CA ASP A 71 1.78 -8.67 2.05
C ASP A 71 1.02 -9.01 0.76
N GLU A 72 -0.29 -8.85 0.79
CA GLU A 72 -1.13 -9.15 -0.37
C GLU A 72 -0.72 -8.29 -1.56
N GLY A 73 -0.44 -7.02 -1.30
CA GLY A 73 -0.03 -6.11 -2.36
C GLY A 73 1.36 -6.39 -2.86
N VAL A 74 2.34 -6.35 -1.95
CA VAL A 74 3.72 -6.59 -2.30
C VAL A 74 3.89 -7.94 -3.01
N GLN A 75 3.00 -8.88 -2.71
CA GLN A 75 3.04 -10.19 -3.32
C GLN A 75 2.36 -10.19 -4.68
N GLY A 76 2.76 -9.24 -5.53
CA GLY A 76 2.18 -9.15 -6.86
C GLY A 76 2.67 -7.93 -7.62
N MET A 77 2.93 -6.85 -6.90
CA MET A 77 3.40 -5.61 -7.52
C MET A 77 4.57 -5.89 -8.45
N LYS A 78 4.80 -4.99 -9.39
CA LYS A 78 5.89 -5.13 -10.35
C LYS A 78 6.79 -3.91 -10.34
N VAL A 79 8.07 -4.11 -10.64
CA VAL A 79 9.04 -3.02 -10.67
C VAL A 79 8.54 -1.86 -11.51
N GLY A 80 8.58 -0.66 -10.94
CA GLY A 80 8.12 0.52 -11.66
C GLY A 80 6.62 0.72 -11.56
N GLY A 81 5.95 -0.19 -10.84
CA GLY A 81 4.52 -0.10 -10.69
C GLY A 81 4.11 0.79 -9.52
N VAL A 82 3.39 1.87 -9.83
CA VAL A 82 2.94 2.80 -8.80
C VAL A 82 1.43 2.87 -8.75
N ARG A 83 0.86 2.47 -7.62
CA ARG A 83 -0.58 2.49 -7.44
C ARG A 83 -0.95 2.66 -5.96
N ARG A 84 -2.09 3.29 -5.71
CA ARG A 84 -2.55 3.53 -4.34
C ARG A 84 -3.57 2.47 -3.94
N LEU A 85 -3.19 1.61 -3.00
CA LEU A 85 -4.07 0.56 -2.52
C LEU A 85 -4.65 0.91 -1.15
N THR A 86 -5.96 0.76 -1.01
CA THR A 86 -6.63 1.07 0.25
C THR A 86 -6.86 -0.20 1.07
N ILE A 87 -6.13 -0.32 2.17
CA ILE A 87 -6.25 -1.49 3.04
C ILE A 87 -7.14 -1.18 4.24
N PRO A 88 -8.20 -1.98 4.42
CA PRO A 88 -9.14 -1.81 5.53
C PRO A 88 -8.52 -2.17 6.88
N PRO A 89 -9.25 -1.89 7.97
CA PRO A 89 -8.79 -2.17 9.32
C PRO A 89 -8.75 -3.66 9.62
N GLN A 90 -9.71 -4.40 9.06
CA GLN A 90 -9.78 -5.85 9.26
C GLN A 90 -8.58 -6.55 8.62
N LEU A 91 -7.84 -5.81 7.80
CA LEU A 91 -6.67 -6.36 7.12
C LEU A 91 -5.42 -5.55 7.45
N GLY A 92 -5.55 -4.61 8.37
CA GLY A 92 -4.42 -3.78 8.76
C GLY A 92 -4.44 -3.43 10.24
N TYR A 93 -4.90 -2.22 10.55
CA TYR A 93 -4.96 -1.76 11.93
C TYR A 93 -5.94 -2.61 12.74
N GLY A 94 -7.22 -2.49 12.43
CA GLY A 94 -8.23 -3.25 13.14
C GLY A 94 -9.19 -2.37 13.90
N ALA A 95 -10.01 -2.99 14.74
CA ALA A 95 -10.98 -2.25 15.54
C ALA A 95 -10.34 -1.70 16.82
N ARG A 96 -9.04 -1.91 16.96
CA ARG A 96 -8.31 -1.45 18.13
C ARG A 96 -8.20 0.08 18.12
N GLY A 97 -8.23 0.67 16.94
CA GLY A 97 -8.13 2.11 16.82
C GLY A 97 -6.70 2.61 16.88
N ALA A 98 -6.51 3.90 16.68
CA ALA A 98 -5.18 4.50 16.72
C ALA A 98 -5.21 5.89 17.34
N GLY A 99 -6.21 6.68 16.95
CA GLY A 99 -6.33 8.02 17.47
C GLY A 99 -7.78 8.45 17.63
N GLY A 100 -8.00 9.75 17.75
CA GLY A 100 -9.35 10.27 17.91
C GLY A 100 -10.14 10.26 16.61
N VAL A 101 -9.48 10.64 15.52
CA VAL A 101 -10.12 10.68 14.21
C VAL A 101 -9.87 9.38 13.45
N ILE A 102 -9.90 8.26 14.17
CA ILE A 102 -9.69 6.95 13.55
C ILE A 102 -10.50 5.88 14.25
N PRO A 103 -11.74 5.66 13.77
CA PRO A 103 -12.65 4.66 14.33
C PRO A 103 -12.19 3.23 14.04
N PRO A 104 -12.80 2.26 14.73
CA PRO A 104 -12.47 0.84 14.58
C PRO A 104 -12.90 0.30 13.22
N ASN A 105 -13.65 1.10 12.48
CA ASN A 105 -14.13 0.70 11.15
C ASN A 105 -13.58 1.62 10.07
N ALA A 106 -12.55 2.39 10.42
CA ALA A 106 -11.93 3.31 9.48
C ALA A 106 -10.95 2.58 8.57
N THR A 107 -10.87 3.01 7.31
CA THR A 107 -9.97 2.40 6.35
C THR A 107 -8.68 3.21 6.20
N LEU A 108 -7.59 2.52 5.92
CA LEU A 108 -6.29 3.17 5.76
C LEU A 108 -5.77 3.02 4.32
N VAL A 109 -5.37 4.13 3.72
CA VAL A 109 -4.85 4.11 2.36
C VAL A 109 -3.33 4.17 2.35
N PHE A 110 -2.72 3.49 1.38
CA PHE A 110 -1.27 3.47 1.26
C PHE A 110 -0.85 3.39 -0.21
N GLU A 111 0.10 4.24 -0.59
CA GLU A 111 0.59 4.27 -1.96
C GLU A 111 1.90 3.49 -2.09
N VAL A 112 1.88 2.45 -2.91
CA VAL A 112 3.06 1.62 -3.13
C VAL A 112 3.68 1.89 -4.50
N GLU A 113 5.00 2.06 -4.51
CA GLU A 113 5.71 2.33 -5.76
C GLU A 113 6.96 1.45 -5.87
N LEU A 114 6.88 0.41 -6.68
CA LEU A 114 8.00 -0.51 -6.87
C LEU A 114 9.16 0.21 -7.54
N LEU A 115 10.36 0.04 -6.97
CA LEU A 115 11.56 0.67 -7.52
C LEU A 115 12.46 -0.37 -8.18
N ASP A 116 12.61 -1.51 -7.52
CA ASP A 116 13.45 -2.59 -8.03
C ASP A 116 13.21 -3.88 -7.25
N VAL A 117 13.59 -5.01 -7.85
CA VAL A 117 13.42 -6.31 -7.22
C VAL A 117 14.76 -6.97 -6.95
N GLY A 1 -19.92 11.24 -16.72
CA GLY A 1 -18.97 11.76 -15.75
C GLY A 1 -17.58 11.20 -15.93
N PRO A 2 -16.65 11.58 -15.05
CA PRO A 2 -15.26 11.13 -15.10
C PRO A 2 -15.12 9.65 -14.75
N GLY A 3 -14.99 8.81 -15.77
CA GLY A 3 -14.85 7.38 -15.54
C GLY A 3 -13.47 6.87 -15.90
N SER A 4 -12.45 7.69 -15.64
CA SER A 4 -11.08 7.31 -15.94
C SER A 4 -10.37 6.81 -14.69
N MET A 5 -10.19 7.71 -13.72
CA MET A 5 -9.53 7.35 -12.48
C MET A 5 -10.54 7.06 -11.37
N THR A 6 -10.73 5.78 -11.06
CA THR A 6 -11.67 5.36 -10.04
C THR A 6 -11.05 4.32 -9.11
N VAL A 7 -11.55 4.26 -7.88
CA VAL A 7 -11.06 3.30 -6.90
C VAL A 7 -11.72 1.94 -7.07
N VAL A 8 -10.91 0.90 -7.23
CA VAL A 8 -11.42 -0.45 -7.39
C VAL A 8 -11.20 -1.29 -6.13
N THR A 9 -12.26 -1.92 -5.65
CA THR A 9 -12.19 -2.74 -4.45
C THR A 9 -12.19 -4.23 -4.81
N THR A 10 -11.63 -5.04 -3.92
CA THR A 10 -11.57 -6.48 -4.14
C THR A 10 -12.60 -7.21 -3.28
N GLU A 11 -12.55 -8.54 -3.32
CA GLU A 11 -13.47 -9.36 -2.55
C GLU A 11 -13.13 -9.32 -1.07
N SER A 12 -11.84 -9.19 -0.77
CA SER A 12 -11.37 -9.14 0.61
C SER A 12 -11.69 -7.80 1.25
N GLY A 13 -11.70 -6.75 0.43
CA GLY A 13 -11.98 -5.42 0.93
C GLY A 13 -10.94 -4.40 0.51
N LEU A 14 -9.71 -4.86 0.34
CA LEU A 14 -8.62 -3.98 -0.06
C LEU A 14 -8.85 -3.42 -1.46
N LYS A 15 -8.49 -2.16 -1.66
CA LYS A 15 -8.66 -1.50 -2.95
C LYS A 15 -7.31 -1.16 -3.58
N TYR A 16 -7.32 -0.86 -4.87
CA TYR A 16 -6.10 -0.51 -5.58
C TYR A 16 -6.39 0.48 -6.70
N GLU A 17 -5.54 1.51 -6.80
CA GLU A 17 -5.71 2.53 -7.84
C GLU A 17 -4.38 2.82 -8.52
N ASP A 18 -4.33 2.58 -9.83
CA ASP A 18 -3.11 2.82 -10.60
C ASP A 18 -2.72 4.30 -10.55
N LEU A 19 -1.45 4.56 -10.28
CA LEU A 19 -0.94 5.92 -10.20
C LEU A 19 0.17 6.15 -11.23
N THR A 20 0.94 5.10 -11.51
CA THR A 20 2.02 5.19 -12.47
C THR A 20 2.44 3.81 -12.97
N GLU A 21 2.21 3.56 -14.25
CA GLU A 21 2.57 2.27 -14.85
C GLU A 21 4.05 1.98 -14.67
N GLY A 22 4.43 0.71 -14.86
CA GLY A 22 5.82 0.32 -14.71
C GLY A 22 6.11 -1.02 -15.35
N SER A 23 6.78 -0.99 -16.51
CA SER A 23 7.12 -2.21 -17.23
C SER A 23 8.26 -2.94 -16.54
N GLY A 24 7.94 -3.61 -15.43
CA GLY A 24 8.95 -4.34 -14.69
C GLY A 24 8.55 -5.78 -14.43
N ALA A 25 8.86 -6.27 -13.24
CA ALA A 25 8.53 -7.65 -12.87
C ALA A 25 7.79 -7.69 -11.53
N GLU A 26 6.77 -8.53 -11.45
CA GLU A 26 5.98 -8.66 -10.23
C GLU A 26 6.81 -9.29 -9.12
N ALA A 27 6.75 -8.70 -7.93
CA ALA A 27 7.50 -9.20 -6.79
C ALA A 27 7.06 -10.63 -6.43
N ARG A 28 8.03 -11.47 -6.10
CA ARG A 28 7.75 -12.85 -5.74
C ARG A 28 8.10 -13.12 -4.29
N ALA A 29 7.24 -13.88 -3.61
CA ALA A 29 7.46 -14.20 -2.21
C ALA A 29 8.76 -14.97 -2.01
N GLY A 30 9.67 -14.39 -1.22
CA GLY A 30 10.94 -15.03 -0.97
C GLY A 30 12.11 -14.22 -1.51
N GLN A 31 11.83 -13.29 -2.41
CA GLN A 31 12.85 -12.44 -2.99
C GLN A 31 12.88 -11.06 -2.33
N THR A 32 14.07 -10.50 -2.17
CA THR A 32 14.22 -9.19 -1.56
C THR A 32 14.00 -8.07 -2.56
N VAL A 33 13.25 -7.06 -2.16
CA VAL A 33 12.96 -5.93 -3.04
C VAL A 33 12.82 -4.63 -2.23
N SER A 34 12.95 -3.50 -2.93
CA SER A 34 12.84 -2.20 -2.28
C SER A 34 11.64 -1.42 -2.80
N VAL A 35 10.70 -1.13 -1.91
CA VAL A 35 9.49 -0.39 -2.28
C VAL A 35 9.22 0.75 -1.31
N HIS A 36 8.49 1.76 -1.78
CA HIS A 36 8.16 2.91 -0.95
C HIS A 36 6.68 2.92 -0.59
N TYR A 37 6.40 3.17 0.68
CA TYR A 37 5.02 3.20 1.16
C TYR A 37 4.65 4.59 1.69
N THR A 38 3.52 5.11 1.23
CA THR A 38 3.06 6.42 1.65
C THR A 38 1.71 6.33 2.36
N GLY A 39 1.71 6.57 3.66
CA GLY A 39 0.48 6.50 4.43
C GLY A 39 -0.47 7.64 4.09
N TRP A 40 -1.53 7.33 3.36
CA TRP A 40 -2.51 8.32 2.97
C TRP A 40 -3.88 8.01 3.58
N LEU A 41 -4.68 9.05 3.76
CA LEU A 41 -6.03 8.88 4.32
C LEU A 41 -7.05 8.62 3.23
N THR A 42 -8.18 8.02 3.61
CA THR A 42 -9.24 7.71 2.66
C THR A 42 -9.76 8.98 2.00
N ASP A 43 -9.50 10.12 2.61
CA ASP A 43 -9.94 11.40 2.08
C ASP A 43 -8.91 11.97 1.11
N GLY A 44 -7.67 11.47 1.21
CA GLY A 44 -6.62 11.95 0.34
C GLY A 44 -5.57 12.75 1.09
N GLN A 45 -5.68 12.80 2.41
CA GLN A 45 -4.74 13.53 3.23
C GLN A 45 -3.57 12.63 3.66
N LYS A 46 -2.36 13.06 3.32
CA LYS A 46 -1.16 12.29 3.65
C LYS A 46 -0.80 12.48 5.12
N PHE A 47 -0.31 11.41 5.75
CA PHE A 47 0.09 11.45 7.15
C PHE A 47 1.36 10.65 7.39
N ASP A 48 2.05 10.30 6.31
CA ASP A 48 3.28 9.54 6.40
C ASP A 48 3.87 9.29 5.02
N SER A 49 5.14 9.65 4.85
CA SER A 49 5.82 9.48 3.58
C SER A 49 7.33 9.39 3.78
N SER A 50 7.86 8.17 3.68
CA SER A 50 9.29 7.95 3.86
C SER A 50 10.08 8.54 2.70
N LYS A 51 9.41 8.71 1.56
CA LYS A 51 10.05 9.27 0.37
C LYS A 51 10.63 10.65 0.66
N ASP A 52 10.07 11.32 1.66
CA ASP A 52 10.54 12.65 2.04
C ASP A 52 12.01 12.60 2.45
N ARG A 53 12.42 11.49 3.03
CA ARG A 53 13.80 11.33 3.47
C ARG A 53 14.54 10.33 2.59
N ASN A 54 13.97 10.03 1.42
CA ASN A 54 14.56 9.09 0.49
C ASN A 54 14.92 7.79 1.19
N ASP A 55 14.06 7.35 2.10
CA ASP A 55 14.28 6.12 2.84
C ASP A 55 13.30 5.05 2.41
N PRO A 56 13.60 4.36 1.30
CA PRO A 56 12.75 3.29 0.76
C PRO A 56 12.73 2.05 1.65
N PHE A 57 11.59 1.38 1.70
CA PHE A 57 11.44 0.17 2.51
C PHE A 57 11.92 -1.06 1.75
N ALA A 58 13.00 -1.66 2.23
CA ALA A 58 13.56 -2.85 1.60
C ALA A 58 13.42 -4.07 2.50
N PHE A 59 12.93 -5.17 1.93
CA PHE A 59 12.74 -6.40 2.69
C PHE A 59 12.40 -7.56 1.75
N VAL A 60 12.14 -8.73 2.34
CA VAL A 60 11.80 -9.91 1.57
C VAL A 60 10.28 -10.09 1.46
N LEU A 61 9.80 -10.29 0.25
CA LEU A 61 8.37 -10.47 0.02
C LEU A 61 7.85 -11.68 0.78
N GLY A 62 6.93 -11.45 1.71
CA GLY A 62 6.36 -12.52 2.49
C GLY A 62 7.14 -12.79 3.77
N GLY A 63 7.99 -11.83 4.15
CA GLY A 63 8.78 -11.99 5.36
C GLY A 63 9.28 -10.66 5.89
N GLY A 64 8.34 -9.76 6.20
CA GLY A 64 8.71 -8.46 6.72
C GLY A 64 7.82 -8.01 7.87
N MET A 65 7.04 -8.95 8.40
CA MET A 65 6.14 -8.66 9.51
C MET A 65 5.26 -7.46 9.18
N VAL A 66 4.61 -7.50 8.02
CA VAL A 66 3.73 -6.43 7.59
C VAL A 66 2.27 -6.87 7.59
N ILE A 67 1.37 -5.91 7.83
CA ILE A 67 -0.05 -6.21 7.86
C ILE A 67 -0.48 -6.95 6.59
N LYS A 68 -1.58 -7.71 6.70
CA LYS A 68 -2.09 -8.47 5.57
C LYS A 68 -2.15 -7.62 4.31
N GLY A 69 -2.77 -6.44 4.43
CA GLY A 69 -2.89 -5.55 3.29
C GLY A 69 -1.55 -5.26 2.65
N TRP A 70 -0.52 -5.11 3.47
CA TRP A 70 0.83 -4.83 2.98
C TRP A 70 1.36 -6.00 2.16
N ASP A 71 1.35 -7.19 2.76
CA ASP A 71 1.83 -8.38 2.09
C ASP A 71 1.08 -8.62 0.78
N GLU A 72 -0.24 -8.46 0.84
CA GLU A 72 -1.07 -8.66 -0.34
C GLU A 72 -0.73 -7.65 -1.43
N GLY A 73 -0.32 -6.45 -1.01
CA GLY A 73 0.03 -5.41 -1.96
C GLY A 73 1.42 -5.61 -2.55
N VAL A 74 2.39 -5.84 -1.69
CA VAL A 74 3.77 -6.04 -2.13
C VAL A 74 3.90 -7.34 -2.92
N GLN A 75 2.97 -8.26 -2.69
CA GLN A 75 2.99 -9.55 -3.38
C GLN A 75 2.20 -9.47 -4.68
N GLY A 76 1.96 -8.26 -5.15
CA GLY A 76 1.21 -8.07 -6.39
C GLY A 76 1.83 -7.01 -7.28
N MET A 77 2.35 -5.96 -6.67
CA MET A 77 2.98 -4.87 -7.42
C MET A 77 4.17 -5.38 -8.22
N LYS A 78 4.65 -4.55 -9.15
CA LYS A 78 5.79 -4.91 -9.98
C LYS A 78 6.83 -3.80 -10.00
N VAL A 79 8.05 -4.14 -10.38
CA VAL A 79 9.14 -3.17 -10.45
C VAL A 79 8.73 -1.96 -11.27
N GLY A 80 8.84 -0.78 -10.67
CA GLY A 80 8.48 0.45 -11.37
C GLY A 80 6.99 0.73 -11.32
N GLY A 81 6.25 -0.14 -10.66
CA GLY A 81 4.81 0.03 -10.55
C GLY A 81 4.41 0.82 -9.32
N VAL A 82 3.62 1.88 -9.53
CA VAL A 82 3.16 2.72 -8.44
C VAL A 82 1.65 2.85 -8.44
N ARG A 83 1.02 2.39 -7.36
CA ARG A 83 -0.44 2.45 -7.24
C ARG A 83 -0.86 2.63 -5.78
N ARG A 84 -1.98 3.30 -5.57
CA ARG A 84 -2.49 3.53 -4.22
C ARG A 84 -3.42 2.41 -3.79
N LEU A 85 -2.96 1.59 -2.85
CA LEU A 85 -3.75 0.47 -2.36
C LEU A 85 -4.40 0.82 -1.01
N THR A 86 -5.72 0.70 -0.96
CA THR A 86 -6.46 1.00 0.26
C THR A 86 -6.53 -0.22 1.18
N ILE A 87 -5.83 -0.14 2.31
CA ILE A 87 -5.81 -1.22 3.28
C ILE A 87 -6.81 -0.98 4.41
N PRO A 88 -7.90 -1.74 4.40
CA PRO A 88 -8.95 -1.64 5.42
C PRO A 88 -8.49 -2.13 6.79
N PRO A 89 -9.32 -1.88 7.82
CA PRO A 89 -9.02 -2.30 9.19
C PRO A 89 -9.08 -3.82 9.36
N GLN A 90 -10.01 -4.45 8.66
CA GLN A 90 -10.18 -5.90 8.73
C GLN A 90 -8.96 -6.61 8.17
N LEU A 91 -8.10 -5.86 7.48
CA LEU A 91 -6.90 -6.44 6.88
C LEU A 91 -5.66 -5.66 7.33
N GLY A 92 -5.83 -4.78 8.31
CA GLY A 92 -4.72 -4.00 8.81
C GLY A 92 -4.84 -3.68 10.28
N TYR A 93 -5.23 -2.44 10.59
CA TYR A 93 -5.39 -2.01 11.97
C TYR A 93 -6.48 -2.81 12.67
N GLY A 94 -7.71 -2.66 12.21
CA GLY A 94 -8.82 -3.38 12.80
C GLY A 94 -9.70 -2.49 13.65
N ALA A 95 -10.51 -3.09 14.51
CA ALA A 95 -11.41 -2.35 15.38
C ALA A 95 -10.69 -1.89 16.65
N ARG A 96 -9.39 -2.17 16.72
CA ARG A 96 -8.59 -1.78 17.87
C ARG A 96 -8.45 -0.26 17.96
N GLY A 97 -8.48 0.39 16.80
CA GLY A 97 -8.35 1.83 16.78
C GLY A 97 -6.93 2.30 17.02
N ALA A 98 -6.66 3.56 16.73
CA ALA A 98 -5.33 4.14 16.93
C ALA A 98 -5.35 5.64 16.79
N GLY A 99 -5.77 6.32 17.86
CA GLY A 99 -5.83 7.78 17.85
C GLY A 99 -7.22 8.30 18.16
N GLY A 100 -7.47 9.56 17.81
CA GLY A 100 -8.76 10.15 18.06
C GLY A 100 -9.66 10.14 16.85
N VAL A 101 -9.10 10.55 15.70
CA VAL A 101 -9.86 10.59 14.45
C VAL A 101 -9.68 9.29 13.67
N ILE A 102 -9.70 8.17 14.38
CA ILE A 102 -9.54 6.87 13.74
C ILE A 102 -10.42 5.82 14.41
N PRO A 103 -11.65 5.69 13.92
CA PRO A 103 -12.62 4.72 14.46
C PRO A 103 -12.24 3.28 14.14
N PRO A 104 -12.91 2.33 14.81
CA PRO A 104 -12.65 0.90 14.61
C PRO A 104 -13.12 0.41 13.24
N ASN A 105 -13.84 1.27 12.52
CA ASN A 105 -14.34 0.93 11.19
C ASN A 105 -13.71 1.82 10.12
N ALA A 106 -12.65 2.53 10.50
CA ALA A 106 -11.95 3.41 9.57
C ALA A 106 -10.99 2.64 8.69
N THR A 107 -10.73 3.16 7.49
CA THR A 107 -9.82 2.51 6.56
C THR A 107 -8.55 3.33 6.37
N LEU A 108 -7.43 2.63 6.14
CA LEU A 108 -6.15 3.29 5.96
C LEU A 108 -5.62 3.06 4.55
N VAL A 109 -5.29 4.15 3.86
CA VAL A 109 -4.77 4.05 2.49
C VAL A 109 -3.24 4.16 2.48
N PHE A 110 -2.62 3.43 1.56
CA PHE A 110 -1.16 3.45 1.44
C PHE A 110 -0.74 3.29 -0.02
N GLU A 111 0.19 4.13 -0.45
CA GLU A 111 0.68 4.09 -1.82
C GLU A 111 1.96 3.28 -1.91
N VAL A 112 1.94 2.20 -2.67
CA VAL A 112 3.10 1.34 -2.84
C VAL A 112 3.75 1.56 -4.21
N GLU A 113 5.06 1.76 -4.20
CA GLU A 113 5.80 1.98 -5.44
C GLU A 113 7.08 1.16 -5.46
N LEU A 114 7.13 0.18 -6.36
CA LEU A 114 8.29 -0.69 -6.49
C LEU A 114 9.46 0.06 -7.12
N LEU A 115 10.61 0.06 -6.43
CA LEU A 115 11.79 0.73 -6.92
C LEU A 115 12.68 -0.22 -7.72
N ASP A 116 12.99 -1.36 -7.12
CA ASP A 116 13.82 -2.37 -7.77
C ASP A 116 13.76 -3.70 -7.03
N VAL A 117 14.19 -4.76 -7.69
CA VAL A 117 14.18 -6.09 -7.09
C VAL A 117 15.60 -6.56 -6.79
N GLY A 1 -1.98 2.65 -23.56
CA GLY A 1 -3.28 2.02 -23.39
C GLY A 1 -3.81 2.16 -21.97
N PRO A 2 -4.16 3.39 -21.58
CA PRO A 2 -4.69 3.68 -20.24
C PRO A 2 -6.07 3.11 -20.03
N GLY A 3 -6.64 3.36 -18.85
CA GLY A 3 -7.97 2.86 -18.54
C GLY A 3 -8.79 3.85 -17.73
N SER A 4 -9.82 3.36 -17.07
CA SER A 4 -10.69 4.20 -16.26
C SER A 4 -9.96 4.67 -15.00
N MET A 5 -10.07 5.97 -14.70
CA MET A 5 -9.43 6.53 -13.52
C MET A 5 -10.39 6.57 -12.34
N THR A 6 -10.65 5.40 -11.75
CA THR A 6 -11.56 5.30 -10.61
C THR A 6 -11.08 4.25 -9.62
N VAL A 7 -11.60 4.32 -8.40
CA VAL A 7 -11.22 3.38 -7.35
C VAL A 7 -11.89 2.03 -7.56
N VAL A 8 -11.14 0.95 -7.33
CA VAL A 8 -11.65 -0.40 -7.49
C VAL A 8 -11.43 -1.22 -6.23
N THR A 9 -12.50 -1.82 -5.72
CA THR A 9 -12.41 -2.65 -4.52
C THR A 9 -12.40 -4.13 -4.87
N THR A 10 -11.77 -4.93 -4.03
CA THR A 10 -11.68 -6.37 -4.25
C THR A 10 -12.69 -7.12 -3.40
N GLU A 11 -12.80 -8.43 -3.61
CA GLU A 11 -13.73 -9.25 -2.86
C GLU A 11 -13.34 -9.30 -1.39
N SER A 12 -12.08 -9.04 -1.10
CA SER A 12 -11.57 -9.05 0.27
C SER A 12 -11.90 -7.74 0.98
N GLY A 13 -11.93 -6.65 0.21
CA GLY A 13 -12.22 -5.35 0.78
C GLY A 13 -11.23 -4.29 0.36
N LEU A 14 -9.96 -4.69 0.25
CA LEU A 14 -8.90 -3.76 -0.14
C LEU A 14 -9.16 -3.21 -1.55
N LYS A 15 -8.73 -1.98 -1.78
CA LYS A 15 -8.91 -1.34 -3.08
C LYS A 15 -7.55 -1.02 -3.72
N TYR A 16 -7.57 -0.69 -5.00
CA TYR A 16 -6.35 -0.36 -5.72
C TYR A 16 -6.63 0.66 -6.82
N GLU A 17 -5.65 1.54 -7.07
CA GLU A 17 -5.79 2.56 -8.09
C GLU A 17 -4.43 2.89 -8.71
N ASP A 18 -4.33 2.67 -10.02
CA ASP A 18 -3.08 2.94 -10.74
C ASP A 18 -2.69 4.41 -10.61
N LEU A 19 -1.39 4.66 -10.45
CA LEU A 19 -0.88 6.02 -10.30
C LEU A 19 0.22 6.30 -11.32
N THR A 20 1.04 5.30 -11.59
CA THR A 20 2.13 5.44 -12.54
C THR A 20 2.49 4.09 -13.17
N GLU A 21 2.38 4.01 -14.49
CA GLU A 21 2.69 2.78 -15.21
C GLU A 21 4.08 2.26 -14.82
N GLY A 22 4.29 0.96 -15.00
CA GLY A 22 5.56 0.36 -14.66
C GLY A 22 5.85 -0.89 -15.46
N SER A 23 6.97 -0.91 -16.16
CA SER A 23 7.36 -2.06 -16.98
C SER A 23 8.51 -2.82 -16.34
N GLY A 24 8.21 -3.60 -15.30
CA GLY A 24 9.23 -4.36 -14.61
C GLY A 24 8.83 -5.81 -14.41
N ALA A 25 8.66 -6.20 -13.15
CA ALA A 25 8.27 -7.57 -12.82
C ALA A 25 7.64 -7.65 -11.44
N GLU A 26 6.62 -8.49 -11.31
CA GLU A 26 5.93 -8.66 -10.03
C GLU A 26 6.83 -9.33 -9.00
N ALA A 27 6.80 -8.81 -7.77
CA ALA A 27 7.61 -9.36 -6.70
C ALA A 27 7.27 -10.83 -6.45
N ARG A 28 8.24 -11.57 -5.92
CA ARG A 28 8.04 -12.98 -5.62
C ARG A 28 8.26 -13.28 -4.14
N ALA A 29 7.41 -14.12 -3.57
CA ALA A 29 7.52 -14.48 -2.17
C ALA A 29 8.82 -15.23 -1.89
N GLY A 30 9.69 -14.62 -1.09
CA GLY A 30 10.96 -15.24 -0.76
C GLY A 30 12.15 -14.44 -1.25
N GLN A 31 11.90 -13.56 -2.22
CA GLN A 31 12.97 -12.73 -2.78
C GLN A 31 12.90 -11.31 -2.22
N THR A 32 14.05 -10.68 -2.06
CA THR A 32 14.13 -9.32 -1.54
C THR A 32 13.70 -8.29 -2.59
N VAL A 33 13.02 -7.25 -2.16
CA VAL A 33 12.56 -6.20 -3.06
C VAL A 33 12.48 -4.85 -2.34
N SER A 34 12.64 -3.78 -3.10
CA SER A 34 12.58 -2.43 -2.54
C SER A 34 11.34 -1.69 -3.03
N VAL A 35 10.48 -1.32 -2.09
CA VAL A 35 9.25 -0.61 -2.42
C VAL A 35 9.03 0.57 -1.48
N HIS A 36 8.31 1.58 -1.96
CA HIS A 36 8.02 2.76 -1.15
C HIS A 36 6.55 2.81 -0.74
N TYR A 37 6.31 3.06 0.53
CA TYR A 37 4.94 3.12 1.05
C TYR A 37 4.61 4.53 1.55
N THR A 38 3.49 5.06 1.11
CA THR A 38 3.06 6.40 1.52
C THR A 38 1.77 6.34 2.32
N GLY A 39 1.88 6.56 3.63
CA GLY A 39 0.71 6.52 4.49
C GLY A 39 -0.31 7.58 4.12
N TRP A 40 -1.41 7.15 3.52
CA TRP A 40 -2.47 8.08 3.12
C TRP A 40 -3.76 7.78 3.87
N LEU A 41 -4.58 8.81 4.04
CA LEU A 41 -5.85 8.67 4.75
C LEU A 41 -7.01 8.55 3.76
N THR A 42 -8.14 8.03 4.24
CA THR A 42 -9.32 7.87 3.40
C THR A 42 -9.75 9.20 2.81
N ASP A 43 -9.41 10.30 3.48
CA ASP A 43 -9.77 11.63 3.03
C ASP A 43 -8.86 12.08 1.89
N GLY A 44 -7.69 11.43 1.79
CA GLY A 44 -6.75 11.78 0.74
C GLY A 44 -5.49 12.44 1.29
N GLN A 45 -5.56 12.89 2.54
CA GLN A 45 -4.43 13.55 3.18
C GLN A 45 -3.41 12.53 3.67
N LYS A 46 -2.14 12.78 3.38
CA LYS A 46 -1.07 11.88 3.80
C LYS A 46 -0.68 12.13 5.26
N PHE A 47 -0.09 11.13 5.89
CA PHE A 47 0.33 11.24 7.28
C PHE A 47 1.65 10.52 7.51
N ASP A 48 2.33 10.18 6.41
CA ASP A 48 3.62 9.49 6.49
C ASP A 48 4.18 9.22 5.10
N SER A 49 5.42 9.66 4.88
CA SER A 49 6.06 9.48 3.58
C SER A 49 7.58 9.48 3.73
N SER A 50 8.18 8.29 3.73
CA SER A 50 9.63 8.17 3.88
C SER A 50 10.34 8.70 2.64
N LYS A 51 9.60 8.84 1.54
CA LYS A 51 10.16 9.34 0.29
C LYS A 51 10.79 10.72 0.50
N ASP A 52 10.25 11.48 1.44
CA ASP A 52 10.75 12.81 1.74
C ASP A 52 12.20 12.75 2.22
N ARG A 53 12.61 11.58 2.70
CA ARG A 53 13.97 11.39 3.19
C ARG A 53 14.68 10.29 2.40
N ASN A 54 14.15 9.97 1.23
CA ASN A 54 14.74 8.94 0.38
C ASN A 54 14.96 7.66 1.17
N ASP A 55 13.99 7.28 1.97
CA ASP A 55 14.08 6.07 2.78
C ASP A 55 13.11 5.00 2.28
N PRO A 56 13.51 4.28 1.22
CA PRO A 56 12.69 3.23 0.63
C PRO A 56 12.58 2.00 1.53
N PHE A 57 11.42 1.33 1.45
CA PHE A 57 11.19 0.14 2.26
C PHE A 57 11.59 -1.13 1.52
N ALA A 58 12.75 -1.68 1.88
CA ALA A 58 13.24 -2.89 1.24
C ALA A 58 13.30 -4.05 2.22
N PHE A 59 12.80 -5.21 1.80
CA PHE A 59 12.79 -6.39 2.64
C PHE A 59 12.45 -7.64 1.83
N VAL A 60 12.40 -8.79 2.50
CA VAL A 60 12.09 -10.05 1.84
C VAL A 60 10.59 -10.25 1.73
N LEU A 61 10.10 -10.37 0.50
CA LEU A 61 8.68 -10.57 0.25
C LEU A 61 8.18 -11.84 0.94
N GLY A 62 7.03 -11.75 1.62
CA GLY A 62 6.48 -12.89 2.30
C GLY A 62 7.05 -13.08 3.68
N GLY A 63 7.66 -12.03 4.22
CA GLY A 63 8.25 -12.11 5.54
C GLY A 63 8.97 -10.82 5.93
N GLY A 64 8.24 -9.90 6.54
CA GLY A 64 8.83 -8.64 6.94
C GLY A 64 8.03 -7.95 8.03
N MET A 65 7.23 -8.71 8.76
CA MET A 65 6.40 -8.17 9.82
C MET A 65 5.57 -6.99 9.31
N VAL A 66 4.75 -7.24 8.30
CA VAL A 66 3.91 -6.21 7.72
C VAL A 66 2.44 -6.64 7.71
N ILE A 67 1.54 -5.67 7.87
CA ILE A 67 0.11 -5.95 7.87
C ILE A 67 -0.30 -6.73 6.62
N LYS A 68 -1.40 -7.47 6.73
CA LYS A 68 -1.90 -8.26 5.62
C LYS A 68 -1.92 -7.44 4.33
N GLY A 69 -2.55 -6.26 4.40
CA GLY A 69 -2.62 -5.39 3.24
C GLY A 69 -1.26 -5.14 2.62
N TRP A 70 -0.25 -4.96 3.46
CA TRP A 70 1.11 -4.71 2.99
C TRP A 70 1.65 -5.91 2.22
N ASP A 71 1.60 -7.07 2.86
CA ASP A 71 2.10 -8.30 2.25
C ASP A 71 1.34 -8.60 0.96
N GLU A 72 0.02 -8.49 1.01
CA GLU A 72 -0.81 -8.76 -0.16
C GLU A 72 -0.50 -7.78 -1.29
N GLY A 73 -0.08 -6.57 -0.92
CA GLY A 73 0.25 -5.57 -1.91
C GLY A 73 1.65 -5.76 -2.49
N VAL A 74 2.63 -5.85 -1.60
CA VAL A 74 4.02 -6.03 -2.03
C VAL A 74 4.20 -7.35 -2.78
N GLN A 75 3.28 -8.28 -2.54
CA GLN A 75 3.34 -9.59 -3.20
C GLN A 75 2.58 -9.56 -4.52
N GLY A 76 2.35 -8.36 -5.04
CA GLY A 76 1.63 -8.23 -6.30
C GLY A 76 2.20 -7.12 -7.18
N MET A 77 2.62 -6.03 -6.55
CA MET A 77 3.19 -4.90 -7.29
C MET A 77 4.35 -5.35 -8.16
N LYS A 78 4.65 -4.56 -9.18
CA LYS A 78 5.75 -4.88 -10.09
C LYS A 78 6.77 -3.74 -10.13
N VAL A 79 8.03 -4.09 -10.36
CA VAL A 79 9.10 -3.10 -10.41
C VAL A 79 8.73 -1.96 -11.36
N GLY A 80 8.84 -0.73 -10.87
CA GLY A 80 8.53 0.43 -11.68
C GLY A 80 7.04 0.75 -11.67
N GLY A 81 6.27 -0.05 -10.94
CA GLY A 81 4.84 0.18 -10.87
C GLY A 81 4.44 0.96 -9.63
N VAL A 82 3.65 2.02 -9.84
CA VAL A 82 3.20 2.86 -8.73
C VAL A 82 1.68 2.97 -8.71
N ARG A 83 1.09 2.67 -7.57
CA ARG A 83 -0.37 2.73 -7.42
C ARG A 83 -0.76 2.72 -5.94
N ARG A 84 -1.87 3.37 -5.63
CA ARG A 84 -2.37 3.44 -4.26
C ARG A 84 -3.36 2.33 -3.98
N LEU A 85 -3.20 1.66 -2.84
CA LEU A 85 -4.08 0.57 -2.45
C LEU A 85 -4.74 0.86 -1.11
N THR A 86 -6.07 0.77 -1.08
CA THR A 86 -6.82 1.02 0.15
C THR A 86 -6.79 -0.20 1.07
N ILE A 87 -6.09 -0.06 2.19
CA ILE A 87 -5.98 -1.14 3.15
C ILE A 87 -6.95 -0.94 4.32
N PRO A 88 -7.99 -1.79 4.36
CA PRO A 88 -9.01 -1.72 5.42
C PRO A 88 -8.47 -2.16 6.77
N PRO A 89 -9.27 -1.95 7.83
CA PRO A 89 -8.89 -2.32 9.19
C PRO A 89 -8.86 -3.83 9.40
N GLN A 90 -9.78 -4.53 8.73
CA GLN A 90 -9.85 -5.99 8.85
C GLN A 90 -8.60 -6.64 8.26
N LEU A 91 -7.81 -5.85 7.54
CA LEU A 91 -6.59 -6.36 6.92
C LEU A 91 -5.39 -5.50 7.31
N GLY A 92 -5.60 -4.59 8.26
CA GLY A 92 -4.52 -3.73 8.71
C GLY A 92 -4.61 -3.43 10.19
N TYR A 93 -5.08 -2.24 10.53
CA TYR A 93 -5.20 -1.83 11.92
C TYR A 93 -6.25 -2.66 12.65
N GLY A 94 -7.49 -2.57 12.17
CA GLY A 94 -8.58 -3.32 12.78
C GLY A 94 -9.48 -2.44 13.63
N ALA A 95 -10.21 -3.06 14.55
CA ALA A 95 -11.12 -2.34 15.43
C ALA A 95 -10.38 -1.80 16.64
N ARG A 96 -9.07 -1.98 16.67
CA ARG A 96 -8.25 -1.52 17.78
C ARG A 96 -8.31 0.00 17.89
N GLY A 97 -8.49 0.67 16.75
CA GLY A 97 -8.56 2.11 16.75
C GLY A 97 -7.24 2.76 17.12
N ALA A 98 -6.94 3.90 16.49
CA ALA A 98 -5.70 4.60 16.75
C ALA A 98 -5.97 6.03 17.23
N GLY A 99 -7.16 6.24 17.80
CA GLY A 99 -7.53 7.56 18.28
C GLY A 99 -8.94 7.94 17.89
N GLY A 100 -9.48 8.97 18.56
CA GLY A 100 -10.83 9.41 18.27
C GLY A 100 -11.04 9.71 16.80
N VAL A 101 -9.99 10.16 16.13
CA VAL A 101 -10.05 10.48 14.71
C VAL A 101 -10.06 9.22 13.86
N ILE A 102 -9.51 8.14 14.39
CA ILE A 102 -9.45 6.86 13.69
C ILE A 102 -10.30 5.80 14.39
N PRO A 103 -11.55 5.66 13.93
CA PRO A 103 -12.48 4.68 14.49
C PRO A 103 -12.09 3.24 14.18
N PRO A 104 -12.75 2.29 14.84
CA PRO A 104 -12.48 0.86 14.64
C PRO A 104 -12.94 0.36 13.28
N ASN A 105 -13.72 1.19 12.58
CA ASN A 105 -14.23 0.84 11.27
C ASN A 105 -13.64 1.75 10.19
N ALA A 106 -12.57 2.46 10.54
CA ALA A 106 -11.91 3.35 9.61
C ALA A 106 -10.96 2.59 8.69
N THR A 107 -10.70 3.16 7.52
CA THR A 107 -9.81 2.53 6.54
C THR A 107 -8.62 3.42 6.24
N LEU A 108 -7.48 2.80 5.94
CA LEU A 108 -6.27 3.55 5.62
C LEU A 108 -5.70 3.11 4.28
N VAL A 109 -5.31 4.08 3.45
CA VAL A 109 -4.75 3.79 2.14
C VAL A 109 -3.26 4.11 2.10
N PHE A 110 -2.50 3.25 1.42
CA PHE A 110 -1.06 3.43 1.31
C PHE A 110 -0.62 3.37 -0.15
N GLU A 111 0.25 4.30 -0.55
CA GLU A 111 0.74 4.35 -1.91
C GLU A 111 1.99 3.49 -2.06
N VAL A 112 1.89 2.44 -2.87
CA VAL A 112 3.01 1.53 -3.11
C VAL A 112 3.73 1.88 -4.40
N GLU A 113 5.05 1.99 -4.32
CA GLU A 113 5.85 2.32 -5.49
C GLU A 113 7.07 1.39 -5.59
N LEU A 114 6.98 0.41 -6.48
CA LEU A 114 8.08 -0.54 -6.68
C LEU A 114 9.27 0.13 -7.35
N LEU A 115 10.45 -0.04 -6.77
CA LEU A 115 11.67 0.54 -7.32
C LEU A 115 12.53 -0.52 -7.97
N ASP A 116 12.68 -1.66 -7.30
CA ASP A 116 13.48 -2.77 -7.82
C ASP A 116 13.26 -4.03 -7.00
N VAL A 117 13.68 -5.16 -7.55
CA VAL A 117 13.53 -6.44 -6.87
C VAL A 117 14.89 -7.04 -6.52
N GLY A 1 -17.60 0.72 -23.10
CA GLY A 1 -16.32 1.20 -22.62
C GLY A 1 -16.41 1.87 -21.26
N PRO A 2 -15.32 2.51 -20.83
CA PRO A 2 -15.27 3.20 -19.54
C PRO A 2 -16.12 4.45 -19.51
N GLY A 3 -16.15 5.12 -18.36
CA GLY A 3 -16.95 6.33 -18.22
C GLY A 3 -16.61 7.10 -16.97
N SER A 4 -16.85 6.48 -15.81
CA SER A 4 -16.57 7.12 -14.53
C SER A 4 -15.42 6.42 -13.81
N MET A 5 -14.20 6.89 -14.06
CA MET A 5 -13.01 6.32 -13.45
C MET A 5 -13.06 6.49 -11.93
N THR A 6 -12.85 5.39 -11.21
CA THR A 6 -12.87 5.42 -9.75
C THR A 6 -11.96 4.33 -9.18
N VAL A 7 -11.95 4.23 -7.85
CA VAL A 7 -11.12 3.25 -7.17
C VAL A 7 -11.73 1.85 -7.28
N VAL A 8 -10.99 0.94 -7.93
CA VAL A 8 -11.47 -0.43 -8.11
C VAL A 8 -11.27 -1.25 -6.84
N THR A 9 -12.35 -1.85 -6.35
CA THR A 9 -12.30 -2.66 -5.15
C THR A 9 -12.37 -4.14 -5.47
N THR A 10 -11.69 -4.96 -4.68
CA THR A 10 -11.67 -6.40 -4.90
C THR A 10 -12.67 -7.10 -3.97
N GLU A 11 -12.75 -8.42 -4.09
CA GLU A 11 -13.66 -9.20 -3.27
C GLU A 11 -13.17 -9.28 -1.83
N SER A 12 -11.85 -9.19 -1.66
CA SER A 12 -11.24 -9.26 -0.33
C SER A 12 -11.57 -8.00 0.47
N GLY A 13 -11.63 -6.86 -0.22
CA GLY A 13 -11.93 -5.61 0.44
C GLY A 13 -10.95 -4.51 0.07
N LEU A 14 -9.69 -4.89 -0.15
CA LEU A 14 -8.66 -3.93 -0.51
C LEU A 14 -8.89 -3.38 -1.92
N LYS A 15 -8.61 -2.10 -2.11
CA LYS A 15 -8.78 -1.45 -3.41
C LYS A 15 -7.43 -1.11 -4.03
N TYR A 16 -7.42 -0.89 -5.33
CA TYR A 16 -6.19 -0.56 -6.05
C TYR A 16 -6.49 0.36 -7.23
N GLU A 17 -5.65 1.38 -7.39
CA GLU A 17 -5.82 2.33 -8.49
C GLU A 17 -4.48 2.65 -9.14
N ASP A 18 -4.36 2.32 -10.43
CA ASP A 18 -3.13 2.58 -11.17
C ASP A 18 -2.73 4.05 -11.09
N LEU A 19 -1.44 4.29 -10.91
CA LEU A 19 -0.93 5.65 -10.81
C LEU A 19 0.18 5.90 -11.84
N THR A 20 1.00 4.88 -12.08
CA THR A 20 2.09 4.99 -13.03
C THR A 20 2.49 3.62 -13.56
N GLU A 21 2.42 3.45 -14.88
CA GLU A 21 2.77 2.18 -15.52
C GLU A 21 4.15 1.71 -15.05
N GLY A 22 4.41 0.43 -15.25
CA GLY A 22 5.70 -0.13 -14.85
C GLY A 22 6.00 -1.44 -15.55
N SER A 23 7.20 -1.54 -16.12
CA SER A 23 7.61 -2.74 -16.83
C SER A 23 8.77 -3.44 -16.10
N GLY A 24 8.43 -4.35 -15.20
CA GLY A 24 9.45 -5.06 -14.44
C GLY A 24 9.02 -6.46 -14.06
N ALA A 25 9.08 -6.77 -12.77
CA ALA A 25 8.69 -8.08 -12.28
C ALA A 25 7.90 -7.97 -10.98
N GLU A 26 6.93 -8.85 -10.81
CA GLU A 26 6.09 -8.85 -9.61
C GLU A 26 6.85 -9.45 -8.42
N ALA A 27 6.77 -8.77 -7.28
CA ALA A 27 7.45 -9.23 -6.07
C ALA A 27 6.94 -10.62 -5.66
N ARG A 28 7.78 -11.36 -4.95
CA ARG A 28 7.42 -12.69 -4.49
C ARG A 28 7.82 -12.89 -3.03
N ALA A 29 6.95 -13.56 -2.27
CA ALA A 29 7.21 -13.82 -0.86
C ALA A 29 8.51 -14.59 -0.68
N GLY A 30 9.44 -14.00 0.07
CA GLY A 30 10.72 -14.65 0.30
C GLY A 30 11.88 -13.87 -0.28
N GLN A 31 11.59 -13.03 -1.27
CA GLN A 31 12.62 -12.24 -1.93
C GLN A 31 12.62 -10.80 -1.41
N THR A 32 13.79 -10.20 -1.33
CA THR A 32 13.91 -8.83 -0.85
C THR A 32 13.84 -7.83 -2.00
N VAL A 33 13.09 -6.76 -1.79
CA VAL A 33 12.93 -5.73 -2.81
C VAL A 33 12.73 -4.35 -2.19
N SER A 34 12.91 -3.31 -2.99
CA SER A 34 12.76 -1.94 -2.51
C SER A 34 11.50 -1.30 -3.08
N VAL A 35 10.65 -0.80 -2.19
CA VAL A 35 9.40 -0.15 -2.60
C VAL A 35 9.13 1.10 -1.78
N HIS A 36 8.27 1.97 -2.29
CA HIS A 36 7.93 3.20 -1.60
C HIS A 36 6.49 3.16 -1.09
N TYR A 37 6.29 3.53 0.16
CA TYR A 37 4.97 3.53 0.77
C TYR A 37 4.56 4.95 1.18
N THR A 38 3.34 5.33 0.77
CA THR A 38 2.83 6.66 1.09
C THR A 38 1.45 6.57 1.76
N GLY A 39 1.41 6.86 3.05
CA GLY A 39 0.17 6.82 3.78
C GLY A 39 -0.79 7.93 3.39
N TRP A 40 -1.86 7.56 2.67
CA TRP A 40 -2.84 8.54 2.23
C TRP A 40 -4.20 8.27 2.88
N LEU A 41 -4.95 9.34 3.12
CA LEU A 41 -6.28 9.22 3.73
C LEU A 41 -7.34 8.90 2.68
N THR A 42 -8.48 8.42 3.14
CA THR A 42 -9.58 8.07 2.24
C THR A 42 -10.13 9.31 1.56
N ASP A 43 -9.76 10.48 2.06
CA ASP A 43 -10.22 11.74 1.50
C ASP A 43 -9.29 12.21 0.38
N GLY A 44 -8.06 11.68 0.39
CA GLY A 44 -7.10 12.05 -0.63
C GLY A 44 -5.96 12.89 -0.08
N GLN A 45 -5.95 13.07 1.24
CA GLN A 45 -4.92 13.86 1.91
C GLN A 45 -3.81 12.97 2.44
N LYS A 46 -2.57 13.37 2.21
CA LYS A 46 -1.42 12.61 2.67
C LYS A 46 -1.18 12.82 4.16
N PHE A 47 -0.70 11.78 4.83
CA PHE A 47 -0.43 11.86 6.26
C PHE A 47 0.78 11.00 6.63
N ASP A 48 1.57 10.64 5.63
CA ASP A 48 2.76 9.81 5.85
C ASP A 48 3.49 9.56 4.53
N SER A 49 4.78 9.86 4.51
CA SER A 49 5.59 9.67 3.32
C SER A 49 7.00 9.19 3.69
N SER A 50 7.45 8.13 3.03
CA SER A 50 8.76 7.56 3.30
C SER A 50 9.86 8.50 2.80
N LYS A 51 9.47 9.48 1.97
CA LYS A 51 10.42 10.45 1.43
C LYS A 51 11.13 11.20 2.55
N ASP A 52 10.51 11.22 3.73
CA ASP A 52 11.08 11.90 4.88
C ASP A 52 12.53 11.45 5.11
N ARG A 53 12.82 10.21 4.75
CA ARG A 53 14.16 9.65 4.92
C ARG A 53 14.96 9.73 3.62
N ASN A 54 14.24 9.90 2.51
CA ASN A 54 14.88 9.99 1.20
C ASN A 54 15.57 8.68 0.85
N ASP A 55 14.79 7.61 0.71
CA ASP A 55 15.34 6.31 0.37
C ASP A 55 14.22 5.27 0.23
N PRO A 56 14.39 4.33 -0.70
CA PRO A 56 13.41 3.27 -0.95
C PRO A 56 13.34 2.27 0.18
N PHE A 57 12.12 1.85 0.53
CA PHE A 57 11.93 0.89 1.60
C PHE A 57 12.29 -0.52 1.15
N ALA A 58 13.47 -0.98 1.56
CA ALA A 58 13.93 -2.31 1.19
C ALA A 58 13.67 -3.31 2.31
N PHE A 59 12.95 -4.39 1.97
CA PHE A 59 12.62 -5.42 2.95
C PHE A 59 12.30 -6.74 2.26
N VAL A 60 12.13 -7.79 3.06
CA VAL A 60 11.82 -9.11 2.52
C VAL A 60 10.31 -9.35 2.47
N LEU A 61 9.82 -9.75 1.31
CA LEU A 61 8.40 -10.03 1.13
C LEU A 61 7.98 -11.28 1.87
N GLY A 62 6.73 -11.32 2.31
CA GLY A 62 6.22 -12.48 3.04
C GLY A 62 6.92 -12.68 4.37
N GLY A 63 7.34 -11.58 4.99
CA GLY A 63 8.02 -11.66 6.27
C GLY A 63 7.06 -11.80 7.43
N GLY A 64 6.10 -10.88 7.51
CA GLY A 64 5.13 -10.91 8.59
C GLY A 64 5.26 -9.73 9.53
N MET A 65 5.89 -8.67 9.05
CA MET A 65 6.09 -7.47 9.87
C MET A 65 5.05 -6.41 9.52
N VAL A 66 4.61 -6.40 8.27
CA VAL A 66 3.62 -5.44 7.81
C VAL A 66 2.20 -6.00 7.93
N ILE A 67 1.21 -5.17 7.62
CA ILE A 67 -0.18 -5.58 7.69
C ILE A 67 -0.61 -6.32 6.43
N LYS A 68 -1.72 -7.04 6.52
CA LYS A 68 -2.22 -7.80 5.39
C LYS A 68 -2.24 -6.96 4.12
N GLY A 69 -2.80 -5.76 4.22
CA GLY A 69 -2.86 -4.87 3.08
C GLY A 69 -1.51 -4.65 2.43
N TRP A 70 -0.47 -4.54 3.26
CA TRP A 70 0.89 -4.34 2.76
C TRP A 70 1.39 -5.58 2.03
N ASP A 71 1.37 -6.72 2.73
CA ASP A 71 1.83 -7.97 2.15
C ASP A 71 1.10 -8.27 0.84
N GLU A 72 -0.22 -8.07 0.85
CA GLU A 72 -1.04 -8.33 -0.32
C GLU A 72 -0.62 -7.42 -1.47
N GLY A 73 -0.37 -6.15 -1.16
CA GLY A 73 0.04 -5.20 -2.18
C GLY A 73 1.43 -5.48 -2.71
N VAL A 74 2.39 -5.62 -1.81
CA VAL A 74 3.78 -5.88 -2.19
C VAL A 74 3.88 -7.17 -3.01
N GLN A 75 3.03 -8.14 -2.68
CA GLN A 75 3.02 -9.42 -3.38
C GLN A 75 2.28 -9.30 -4.71
N GLY A 76 1.77 -8.11 -5.00
CA GLY A 76 1.04 -7.89 -6.24
C GLY A 76 1.64 -6.78 -7.08
N MET A 77 2.54 -6.01 -6.47
CA MET A 77 3.19 -4.91 -7.18
C MET A 77 4.35 -5.41 -8.02
N LYS A 78 4.71 -4.64 -9.05
CA LYS A 78 5.81 -5.02 -9.94
C LYS A 78 6.83 -3.89 -10.04
N VAL A 79 8.10 -4.25 -10.22
CA VAL A 79 9.17 -3.27 -10.33
C VAL A 79 8.83 -2.21 -11.36
N GLY A 80 8.93 -0.94 -10.96
CA GLY A 80 8.63 0.16 -11.85
C GLY A 80 7.15 0.49 -11.88
N GLY A 81 6.37 -0.25 -11.11
CA GLY A 81 4.94 -0.02 -11.08
C GLY A 81 4.51 0.81 -9.88
N VAL A 82 3.60 1.75 -10.10
CA VAL A 82 3.12 2.62 -9.02
C VAL A 82 1.60 2.73 -9.05
N ARG A 83 0.97 2.54 -7.90
CA ARG A 83 -0.48 2.61 -7.79
C ARG A 83 -0.91 2.76 -6.33
N ARG A 84 -2.03 3.44 -6.12
CA ARG A 84 -2.55 3.65 -4.77
C ARG A 84 -3.54 2.55 -4.40
N LEU A 85 -3.23 1.83 -3.32
CA LEU A 85 -4.09 0.75 -2.86
C LEU A 85 -4.74 1.11 -1.53
N THR A 86 -6.06 0.92 -1.45
CA THR A 86 -6.81 1.23 -0.23
C THR A 86 -6.79 0.05 0.72
N ILE A 87 -6.12 0.22 1.87
CA ILE A 87 -6.04 -0.84 2.87
C ILE A 87 -7.11 -0.65 3.95
N PRO A 88 -8.13 -1.52 3.93
CA PRO A 88 -9.22 -1.47 4.90
C PRO A 88 -8.78 -1.90 6.29
N PRO A 89 -9.66 -1.70 7.28
CA PRO A 89 -9.39 -2.05 8.68
C PRO A 89 -9.32 -3.56 8.89
N GLN A 90 -10.15 -4.29 8.16
CA GLN A 90 -10.19 -5.74 8.27
C GLN A 90 -8.89 -6.37 7.78
N LEU A 91 -8.06 -5.56 7.12
CA LEU A 91 -6.78 -6.03 6.60
C LEU A 91 -5.64 -5.16 7.11
N GLY A 92 -5.95 -4.26 8.04
CA GLY A 92 -4.93 -3.38 8.59
C GLY A 92 -4.96 -3.34 10.10
N TYR A 93 -5.66 -2.35 10.65
CA TYR A 93 -5.76 -2.19 12.10
C TYR A 93 -6.95 -2.99 12.65
N GLY A 94 -8.15 -2.55 12.30
CA GLY A 94 -9.35 -3.22 12.76
C GLY A 94 -10.12 -2.40 13.78
N ALA A 95 -11.16 -3.01 14.35
CA ALA A 95 -11.99 -2.32 15.35
C ALA A 95 -11.16 -1.94 16.58
N ARG A 96 -10.00 -2.57 16.72
CA ARG A 96 -9.12 -2.31 17.86
C ARG A 96 -8.55 -0.89 17.78
N GLY A 97 -8.65 -0.28 16.60
CA GLY A 97 -8.14 1.06 16.42
C GLY A 97 -6.71 1.21 16.90
N ALA A 98 -6.23 2.44 16.96
CA ALA A 98 -4.86 2.72 17.41
C ALA A 98 -4.87 3.68 18.59
N GLY A 99 -5.64 3.35 19.62
CA GLY A 99 -5.71 4.20 20.79
C GLY A 99 -6.49 5.48 20.54
N GLY A 100 -5.95 6.61 21.01
CA GLY A 100 -6.61 7.88 20.82
C GLY A 100 -6.81 8.23 19.35
N VAL A 101 -6.06 7.55 18.48
CA VAL A 101 -6.15 7.78 17.05
C VAL A 101 -6.52 6.51 16.31
N ILE A 102 -7.10 6.67 15.12
CA ILE A 102 -7.50 5.53 14.31
C ILE A 102 -8.68 4.79 14.94
N PRO A 103 -9.90 5.22 14.60
CA PRO A 103 -11.13 4.62 15.13
C PRO A 103 -11.37 3.22 14.56
N PRO A 104 -12.38 2.53 15.10
CA PRO A 104 -12.74 1.17 14.67
C PRO A 104 -13.34 1.15 13.28
N ASN A 105 -12.78 0.31 12.40
CA ASN A 105 -13.27 0.20 11.03
C ASN A 105 -12.77 1.35 10.18
N ALA A 106 -11.82 2.12 10.72
CA ALA A 106 -11.25 3.26 10.01
C ALA A 106 -10.36 2.79 8.87
N THR A 107 -10.83 2.99 7.63
CA THR A 107 -10.07 2.59 6.46
C THR A 107 -8.90 3.55 6.20
N LEU A 108 -7.81 3.01 5.69
CA LEU A 108 -6.63 3.82 5.39
C LEU A 108 -6.07 3.48 4.01
N VAL A 109 -5.62 4.51 3.30
CA VAL A 109 -5.07 4.33 1.96
C VAL A 109 -3.54 4.41 1.99
N PHE A 110 -2.91 3.68 1.08
CA PHE A 110 -1.45 3.67 0.99
C PHE A 110 -0.99 3.52 -0.45
N GLU A 111 -0.03 4.35 -0.86
CA GLU A 111 0.49 4.31 -2.21
C GLU A 111 1.76 3.47 -2.28
N VAL A 112 1.76 2.49 -3.18
CA VAL A 112 2.91 1.61 -3.34
C VAL A 112 3.63 1.89 -4.66
N GLU A 113 4.95 2.05 -4.59
CA GLU A 113 5.76 2.31 -5.77
C GLU A 113 7.00 1.43 -5.80
N LEU A 114 6.96 0.38 -6.63
CA LEU A 114 8.08 -0.54 -6.75
C LEU A 114 9.25 0.12 -7.47
N LEU A 115 10.43 0.04 -6.85
CA LEU A 115 11.63 0.64 -7.44
C LEU A 115 12.51 -0.44 -8.08
N ASP A 116 12.71 -1.53 -7.37
CA ASP A 116 13.52 -2.64 -7.86
C ASP A 116 13.52 -3.80 -6.89
N VAL A 117 14.06 -4.95 -7.32
CA VAL A 117 14.12 -6.13 -6.48
C VAL A 117 15.56 -6.45 -6.09
#